data_2CT4
#
_entry.id   2CT4
#
_cell.length_a   1.000
_cell.length_b   1.000
_cell.length_c   1.000
_cell.angle_alpha   90.00
_cell.angle_beta   90.00
_cell.angle_gamma   90.00
#
_symmetry.space_group_name_H-M   'P 1'
#
_entity_poly.entity_id   1
_entity_poly.type   'polypeptide(L)'
_entity_poly.pdbx_seq_one_letter_code
;GSSGSSGGHCVAIYHFEGSSEGTISMAEGEDLSLMEEDKGDGWTRVRRKEGGEGYVPTSYLRVTSGPSSG
;
_entity_poly.pdbx_strand_id   A
#
# COMPACT_ATOMS: atom_id res chain seq x y z
N GLY A 1 -3.77 -1.45 24.13
CA GLY A 1 -2.47 -1.10 23.59
C GLY A 1 -2.57 -0.27 22.33
N SER A 2 -1.42 0.05 21.74
CA SER A 2 -1.39 0.85 20.52
C SER A 2 -2.06 0.11 19.37
N SER A 3 -2.34 0.84 18.29
CA SER A 3 -2.98 0.26 17.12
C SER A 3 -2.07 0.34 15.89
N GLY A 4 -1.33 -0.73 15.65
CA GLY A 4 -0.42 -0.77 14.52
C GLY A 4 0.19 -2.13 14.30
N SER A 5 1.15 -2.22 13.38
CA SER A 5 1.81 -3.48 13.09
C SER A 5 3.16 -3.23 12.42
N SER A 6 4.23 -3.64 13.10
CA SER A 6 5.58 -3.45 12.58
C SER A 6 5.84 -4.38 11.39
N GLY A 7 6.12 -3.78 10.24
CA GLY A 7 6.37 -4.56 9.04
C GLY A 7 6.53 -3.70 7.80
N GLY A 8 5.43 -3.11 7.36
CA GLY A 8 5.47 -2.26 6.18
C GLY A 8 4.39 -1.18 6.20
N HIS A 9 4.80 0.07 6.08
CA HIS A 9 3.86 1.18 6.09
C HIS A 9 3.97 1.99 4.80
N CYS A 10 2.85 2.17 4.12
CA CYS A 10 2.82 2.93 2.88
C CYS A 10 1.49 3.66 2.71
N VAL A 11 1.54 4.81 2.03
CA VAL A 11 0.34 5.61 1.81
C VAL A 11 0.22 6.03 0.35
N ALA A 12 -0.99 5.98 -0.17
CA ALA A 12 -1.25 6.35 -1.56
C ALA A 12 -0.77 7.76 -1.85
N ILE A 13 0.03 7.91 -2.91
CA ILE A 13 0.56 9.22 -3.28
C ILE A 13 -0.43 9.98 -4.17
N TYR A 14 -1.03 9.27 -5.13
CA TYR A 14 -1.98 9.88 -6.03
C TYR A 14 -3.23 9.01 -6.19
N HIS A 15 -4.36 9.64 -6.48
CA HIS A 15 -5.61 8.92 -6.65
C HIS A 15 -5.47 7.78 -7.66
N PHE A 16 -5.65 6.55 -7.20
CA PHE A 16 -5.53 5.38 -8.06
C PHE A 16 -6.78 4.49 -7.95
N GLU A 17 -7.60 4.50 -8.99
CA GLU A 17 -8.82 3.69 -9.00
C GLU A 17 -8.56 2.32 -9.60
N GLY A 18 -8.98 1.28 -8.89
CA GLY A 18 -8.78 -0.08 -9.36
C GLY A 18 -9.87 -0.53 -10.32
N SER A 19 -9.69 -0.22 -11.60
CA SER A 19 -10.67 -0.60 -12.62
C SER A 19 -10.41 -2.02 -13.12
N SER A 20 -9.16 -2.29 -13.48
CA SER A 20 -8.78 -3.60 -13.99
C SER A 20 -9.40 -4.71 -13.14
N GLU A 21 -9.49 -5.91 -13.72
CA GLU A 21 -10.07 -7.05 -13.02
C GLU A 21 -9.05 -7.66 -12.05
N GLY A 22 -8.43 -6.81 -11.24
CA GLY A 22 -7.44 -7.28 -10.29
C GLY A 22 -6.62 -6.16 -9.69
N THR A 23 -7.30 -5.13 -9.20
CA THR A 23 -6.64 -3.98 -8.60
C THR A 23 -7.49 -3.36 -7.50
N ILE A 24 -6.85 -2.59 -6.62
CA ILE A 24 -7.55 -1.93 -5.53
C ILE A 24 -7.49 -0.42 -5.67
N SER A 25 -8.49 0.26 -5.12
CA SER A 25 -8.57 1.71 -5.19
C SER A 25 -8.11 2.34 -3.87
N MET A 26 -7.48 3.50 -3.97
CA MET A 26 -7.00 4.21 -2.78
C MET A 26 -7.18 5.71 -2.93
N ALA A 27 -7.14 6.42 -1.81
CA ALA A 27 -7.29 7.87 -1.81
C ALA A 27 -5.96 8.57 -1.62
N GLU A 28 -5.80 9.74 -2.24
CA GLU A 28 -4.57 10.50 -2.13
C GLU A 28 -4.22 10.77 -0.66
N GLY A 29 -3.20 10.08 -0.17
CA GLY A 29 -2.78 10.25 1.20
C GLY A 29 -3.52 9.32 2.15
N GLU A 30 -3.89 8.15 1.66
CA GLU A 30 -4.62 7.18 2.48
C GLU A 30 -3.67 6.14 3.05
N ASP A 31 -3.96 5.69 4.27
CA ASP A 31 -3.13 4.69 4.94
C ASP A 31 -3.44 3.29 4.42
N LEU A 32 -2.40 2.51 4.20
CA LEU A 32 -2.56 1.14 3.71
C LEU A 32 -1.63 0.18 4.45
N SER A 33 -1.93 -1.11 4.36
CA SER A 33 -1.13 -2.14 5.02
C SER A 33 -0.34 -2.95 4.00
N LEU A 34 0.98 -2.78 4.01
CA LEU A 34 1.86 -3.50 3.09
C LEU A 34 1.79 -5.00 3.33
N MET A 35 1.57 -5.76 2.26
CA MET A 35 1.49 -7.21 2.36
C MET A 35 2.51 -7.88 1.45
N GLU A 36 2.41 -7.60 0.16
CA GLU A 36 3.33 -8.18 -0.82
C GLU A 36 4.26 -7.11 -1.39
N GLU A 37 5.55 -7.25 -1.13
CA GLU A 37 6.53 -6.31 -1.62
C GLU A 37 6.70 -6.41 -3.13
N ASP A 38 7.30 -5.39 -3.73
CA ASP A 38 7.52 -5.37 -5.17
C ASP A 38 8.99 -5.54 -5.50
N LYS A 39 9.32 -6.57 -6.27
CA LYS A 39 10.70 -6.84 -6.65
C LYS A 39 10.92 -6.54 -8.13
N GLY A 40 11.43 -5.35 -8.41
CA GLY A 40 11.68 -4.95 -9.78
C GLY A 40 10.48 -5.18 -10.68
N ASP A 41 9.29 -5.12 -10.10
CA ASP A 41 8.06 -5.32 -10.85
C ASP A 41 7.20 -4.05 -10.85
N GLY A 42 7.27 -3.30 -9.75
CA GLY A 42 6.51 -2.08 -9.64
C GLY A 42 5.09 -2.32 -9.17
N TRP A 43 4.82 -3.54 -8.70
CA TRP A 43 3.49 -3.90 -8.22
C TRP A 43 3.55 -4.30 -6.75
N THR A 44 2.76 -3.61 -5.92
CA THR A 44 2.71 -3.89 -4.49
C THR A 44 1.27 -4.15 -4.04
N ARG A 45 1.12 -5.15 -3.18
CA ARG A 45 -0.20 -5.50 -2.65
C ARG A 45 -0.38 -4.99 -1.23
N VAL A 46 -1.38 -4.13 -1.05
CA VAL A 46 -1.68 -3.56 0.27
C VAL A 46 -3.10 -3.85 0.69
N ARG A 47 -3.34 -3.85 2.00
CA ARG A 47 -4.67 -4.10 2.54
C ARG A 47 -5.30 -2.83 3.09
N ARG A 48 -6.62 -2.78 3.10
CA ARG A 48 -7.35 -1.62 3.60
C ARG A 48 -8.02 -1.92 4.93
N LYS A 49 -8.19 -0.90 5.75
CA LYS A 49 -8.83 -1.06 7.06
C LYS A 49 -10.15 -1.80 6.93
N GLU A 50 -10.90 -1.48 5.88
CA GLU A 50 -12.19 -2.12 5.65
C GLU A 50 -12.02 -3.62 5.43
N GLY A 51 -11.30 -3.98 4.37
CA GLY A 51 -11.07 -5.38 4.07
C GLY A 51 -10.86 -5.63 2.58
N GLY A 52 -10.19 -4.69 1.92
CA GLY A 52 -9.94 -4.83 0.50
C GLY A 52 -8.47 -4.68 0.15
N GLU A 53 -7.93 -5.65 -0.56
CA GLU A 53 -6.52 -5.63 -0.95
C GLU A 53 -6.36 -5.88 -2.44
N GLY A 54 -5.42 -5.19 -3.07
CA GLY A 54 -5.18 -5.36 -4.49
C GLY A 54 -3.78 -4.99 -4.89
N TYR A 55 -3.47 -5.12 -6.18
CA TYR A 55 -2.14 -4.81 -6.70
C TYR A 55 -2.08 -3.37 -7.20
N VAL A 56 -1.33 -2.54 -6.50
CA VAL A 56 -1.17 -1.14 -6.88
C VAL A 56 0.25 -0.83 -7.31
N PRO A 57 0.40 0.16 -8.19
CA PRO A 57 1.72 0.58 -8.71
C PRO A 57 2.55 1.27 -7.64
N THR A 58 3.74 0.72 -7.37
CA THR A 58 4.63 1.29 -6.38
C THR A 58 4.76 2.80 -6.55
N SER A 59 4.82 3.24 -7.80
CA SER A 59 4.95 4.67 -8.10
C SER A 59 3.95 5.48 -7.29
N TYR A 60 2.78 4.91 -7.05
CA TYR A 60 1.74 5.58 -6.29
C TYR A 60 1.76 5.16 -4.82
N LEU A 61 2.96 4.83 -4.34
CA LEU A 61 3.14 4.41 -2.95
C LEU A 61 4.34 5.09 -2.32
N ARG A 62 4.11 5.85 -1.26
CA ARG A 62 5.18 6.55 -0.56
C ARG A 62 5.37 5.99 0.85
N VAL A 63 6.48 5.30 1.06
CA VAL A 63 6.78 4.73 2.37
C VAL A 63 6.73 5.78 3.46
N THR A 64 5.77 5.61 4.38
CA THR A 64 5.60 6.56 5.48
C THR A 64 6.95 7.03 6.01
N SER A 65 7.87 6.09 6.22
CA SER A 65 9.20 6.42 6.72
C SER A 65 9.13 7.49 7.81
N GLY A 66 8.14 7.36 8.69
CA GLY A 66 7.97 8.32 9.76
C GLY A 66 7.92 7.66 11.13
N PRO A 67 9.10 7.39 11.70
CA PRO A 67 9.22 6.75 13.01
C PRO A 67 8.78 7.68 14.14
N SER A 68 8.62 7.11 15.34
CA SER A 68 8.20 7.88 16.49
C SER A 68 6.83 8.53 16.26
N SER A 69 5.94 7.78 15.64
CA SER A 69 4.60 8.28 15.34
C SER A 69 3.80 8.46 16.63
N GLY A 70 3.64 9.71 17.04
CA GLY A 70 2.90 9.99 18.26
C GLY A 70 1.42 9.74 18.10
N GLY A 1 -8.02 7.10 17.08
CA GLY A 1 -8.53 5.78 16.78
C GLY A 1 -7.45 4.71 16.80
N SER A 2 -6.75 4.54 15.69
CA SER A 2 -5.70 3.55 15.59
C SER A 2 -4.39 4.09 16.15
N SER A 3 -3.48 3.19 16.49
CA SER A 3 -2.19 3.58 17.03
C SER A 3 -1.11 3.60 15.95
N GLY A 4 -0.99 2.49 15.22
CA GLY A 4 -0.01 2.39 14.17
C GLY A 4 -0.10 1.08 13.41
N SER A 5 1.07 0.54 13.04
CA SER A 5 1.12 -0.73 12.31
C SER A 5 2.55 -1.26 12.27
N SER A 6 2.70 -2.56 12.51
CA SER A 6 4.01 -3.19 12.49
C SER A 6 4.27 -3.89 11.15
N GLY A 7 5.46 -3.67 10.61
CA GLY A 7 5.81 -4.27 9.34
C GLY A 7 5.97 -3.26 8.23
N GLY A 8 5.18 -3.40 7.17
CA GLY A 8 5.25 -2.48 6.05
C GLY A 8 4.13 -1.46 6.07
N HIS A 9 4.49 -0.18 6.16
CA HIS A 9 3.49 0.89 6.18
C HIS A 9 3.69 1.84 5.00
N CYS A 10 2.64 2.04 4.23
CA CYS A 10 2.69 2.92 3.07
C CYS A 10 1.38 3.69 2.90
N VAL A 11 1.46 4.87 2.30
CA VAL A 11 0.28 5.69 2.08
C VAL A 11 0.18 6.14 0.63
N ALA A 12 -0.99 5.99 0.04
CA ALA A 12 -1.22 6.39 -1.34
C ALA A 12 -0.80 7.83 -1.58
N ILE A 13 -0.02 8.06 -2.63
CA ILE A 13 0.46 9.39 -2.97
C ILE A 13 -0.57 10.13 -3.82
N TYR A 14 -1.08 9.47 -4.85
CA TYR A 14 -2.07 10.07 -5.73
C TYR A 14 -3.28 9.16 -5.88
N HIS A 15 -4.43 9.77 -6.18
CA HIS A 15 -5.67 9.02 -6.35
C HIS A 15 -5.54 7.99 -7.46
N PHE A 16 -5.47 6.72 -7.09
CA PHE A 16 -5.35 5.65 -8.06
C PHE A 16 -6.54 4.69 -7.97
N GLU A 17 -7.33 4.64 -9.04
CA GLU A 17 -8.50 3.77 -9.09
C GLU A 17 -8.19 2.47 -9.83
N GLY A 18 -8.47 1.36 -9.17
CA GLY A 18 -8.21 0.06 -9.78
C GLY A 18 -9.31 -0.36 -10.74
N SER A 19 -8.99 -0.34 -12.03
CA SER A 19 -9.95 -0.72 -13.06
C SER A 19 -9.60 -2.07 -13.67
N SER A 20 -9.23 -3.01 -12.82
CA SER A 20 -8.86 -4.35 -13.28
C SER A 20 -9.31 -5.42 -12.29
N GLU A 21 -9.50 -6.63 -12.78
CA GLU A 21 -9.94 -7.74 -11.94
C GLU A 21 -8.87 -8.09 -10.90
N GLY A 22 -8.89 -7.37 -9.78
CA GLY A 22 -7.92 -7.62 -8.72
C GLY A 22 -7.37 -6.34 -8.14
N THR A 23 -7.05 -5.38 -9.00
CA THR A 23 -6.50 -4.10 -8.57
C THR A 23 -7.40 -3.44 -7.54
N ILE A 24 -6.86 -2.50 -6.79
CA ILE A 24 -7.61 -1.79 -5.76
C ILE A 24 -7.50 -0.28 -5.94
N SER A 25 -8.49 0.45 -5.45
CA SER A 25 -8.50 1.90 -5.56
C SER A 25 -8.15 2.55 -4.23
N MET A 26 -7.25 3.53 -4.27
CA MET A 26 -6.83 4.23 -3.06
C MET A 26 -7.01 5.74 -3.23
N ALA A 27 -7.11 6.45 -2.10
CA ALA A 27 -7.29 7.89 -2.11
C ALA A 27 -5.96 8.61 -1.88
N GLU A 28 -5.89 9.87 -2.28
CA GLU A 28 -4.68 10.65 -2.12
C GLU A 28 -4.34 10.83 -0.64
N GLY A 29 -3.28 10.16 -0.20
CA GLY A 29 -2.87 10.25 1.19
C GLY A 29 -3.66 9.32 2.09
N GLU A 30 -3.98 8.14 1.59
CA GLU A 30 -4.74 7.16 2.36
C GLU A 30 -3.82 6.09 2.93
N ASP A 31 -4.12 5.66 4.16
CA ASP A 31 -3.32 4.63 4.83
C ASP A 31 -3.61 3.26 4.24
N LEU A 32 -2.55 2.46 4.07
CA LEU A 32 -2.69 1.12 3.53
C LEU A 32 -1.77 0.14 4.26
N SER A 33 -2.13 -1.14 4.20
CA SER A 33 -1.35 -2.18 4.86
C SER A 33 -0.53 -2.98 3.84
N LEU A 34 0.77 -2.78 3.85
CA LEU A 34 1.66 -3.48 2.92
C LEU A 34 1.61 -4.99 3.16
N MET A 35 1.29 -5.74 2.11
CA MET A 35 1.20 -7.20 2.21
C MET A 35 2.16 -7.86 1.22
N GLU A 36 2.05 -7.47 -0.05
CA GLU A 36 2.91 -8.04 -1.09
C GLU A 36 3.92 -7.00 -1.57
N GLU A 37 5.20 -7.28 -1.35
CA GLU A 37 6.26 -6.37 -1.77
C GLU A 37 6.47 -6.43 -3.28
N ASP A 38 7.14 -5.42 -3.81
CA ASP A 38 7.40 -5.35 -5.25
C ASP A 38 8.88 -5.60 -5.54
N LYS A 39 9.15 -6.64 -6.33
CA LYS A 39 10.53 -6.98 -6.69
C LYS A 39 10.79 -6.67 -8.16
N GLY A 40 11.37 -5.50 -8.42
CA GLY A 40 11.68 -5.11 -9.78
C GLY A 40 10.49 -5.29 -10.72
N ASP A 41 9.29 -5.10 -10.18
CA ASP A 41 8.08 -5.24 -10.97
C ASP A 41 7.25 -3.95 -10.94
N GLY A 42 7.34 -3.24 -9.82
CA GLY A 42 6.59 -2.00 -9.68
C GLY A 42 5.17 -2.24 -9.21
N TRP A 43 4.84 -3.48 -8.88
CA TRP A 43 3.51 -3.83 -8.42
C TRP A 43 3.54 -4.23 -6.95
N THR A 44 2.80 -3.49 -6.13
CA THR A 44 2.75 -3.75 -4.69
C THR A 44 1.30 -3.93 -4.23
N ARG A 45 1.03 -5.02 -3.52
CA ARG A 45 -0.30 -5.29 -3.02
C ARG A 45 -0.46 -4.80 -1.58
N VAL A 46 -1.52 -4.04 -1.33
CA VAL A 46 -1.79 -3.51 -0.01
C VAL A 46 -3.18 -3.89 0.48
N ARG A 47 -3.44 -3.64 1.76
CA ARG A 47 -4.74 -3.97 2.34
C ARG A 47 -5.37 -2.73 2.96
N ARG A 48 -6.66 -2.53 2.66
CA ARG A 48 -7.39 -1.37 3.19
C ARG A 48 -7.87 -1.63 4.62
N LYS A 49 -7.92 -0.58 5.42
CA LYS A 49 -8.34 -0.69 6.81
C LYS A 49 -9.43 -1.75 6.96
N GLU A 50 -10.39 -1.75 6.03
CA GLU A 50 -11.48 -2.72 6.06
C GLU A 50 -10.99 -4.10 5.63
N GLY A 51 -10.32 -4.15 4.49
CA GLY A 51 -9.81 -5.41 3.97
C GLY A 51 -9.46 -5.34 2.50
N GLY A 52 -10.29 -4.65 1.73
CA GLY A 52 -10.05 -4.53 0.30
C GLY A 52 -8.57 -4.46 -0.03
N GLU A 53 -8.09 -5.41 -0.82
CA GLU A 53 -6.70 -5.45 -1.21
C GLU A 53 -6.55 -5.66 -2.71
N GLY A 54 -5.46 -5.15 -3.28
CA GLY A 54 -5.23 -5.28 -4.70
C GLY A 54 -3.82 -4.86 -5.10
N TYR A 55 -3.42 -5.21 -6.31
CA TYR A 55 -2.10 -4.87 -6.82
C TYR A 55 -2.06 -3.41 -7.30
N VAL A 56 -1.41 -2.56 -6.53
CA VAL A 56 -1.29 -1.15 -6.87
C VAL A 56 0.14 -0.80 -7.29
N PRO A 57 0.27 0.23 -8.13
CA PRO A 57 1.57 0.70 -8.62
C PRO A 57 2.40 1.36 -7.53
N THR A 58 3.56 0.78 -7.25
CA THR A 58 4.45 1.31 -6.22
C THR A 58 4.64 2.82 -6.38
N SER A 59 4.73 3.26 -7.64
CA SER A 59 4.92 4.68 -7.93
C SER A 59 3.93 5.54 -7.15
N TYR A 60 2.74 4.98 -6.91
CA TYR A 60 1.70 5.69 -6.17
C TYR A 60 1.70 5.28 -4.70
N LEU A 61 2.86 4.90 -4.19
CA LEU A 61 3.00 4.49 -2.80
C LEU A 61 4.23 5.12 -2.16
N ARG A 62 4.01 5.85 -1.07
CA ARG A 62 5.10 6.52 -0.36
C ARG A 62 5.31 5.88 1.01
N VAL A 63 6.47 5.25 1.18
CA VAL A 63 6.81 4.60 2.45
C VAL A 63 6.87 5.61 3.59
N THR A 64 5.90 5.53 4.49
CA THR A 64 5.83 6.44 5.64
C THR A 64 7.22 6.66 6.23
N SER A 65 7.49 7.90 6.62
CA SER A 65 8.78 8.26 7.22
C SER A 65 8.70 8.24 8.74
N GLY A 66 9.85 8.01 9.38
CA GLY A 66 9.89 7.98 10.82
C GLY A 66 11.25 7.58 11.35
N PRO A 67 11.59 8.04 12.57
CA PRO A 67 12.87 7.74 13.21
C PRO A 67 12.97 6.28 13.64
N SER A 68 11.93 5.79 14.31
CA SER A 68 11.90 4.41 14.78
C SER A 68 12.93 4.19 15.88
N SER A 69 13.01 5.14 16.80
CA SER A 69 13.97 5.05 17.91
C SER A 69 13.25 5.10 19.25
N GLY A 70 12.74 3.95 19.68
CA GLY A 70 12.03 3.88 20.94
C GLY A 70 12.91 3.37 22.07
N GLY A 1 -6.22 -5.98 23.26
CA GLY A 1 -5.86 -6.60 22.00
C GLY A 1 -4.40 -6.98 21.93
N SER A 2 -3.72 -6.58 20.87
CA SER A 2 -2.31 -6.89 20.68
C SER A 2 -1.53 -5.64 20.25
N SER A 3 -0.22 -5.77 20.18
CA SER A 3 0.64 -4.66 19.78
C SER A 3 0.32 -4.20 18.37
N GLY A 4 0.13 -5.16 17.47
CA GLY A 4 -0.18 -4.82 16.08
C GLY A 4 0.68 -5.59 15.10
N SER A 5 0.05 -6.13 14.06
CA SER A 5 0.77 -6.88 13.04
C SER A 5 0.95 -6.05 11.77
N SER A 6 1.23 -4.76 11.94
CA SER A 6 1.42 -3.86 10.81
C SER A 6 2.89 -3.77 10.43
N GLY A 7 3.28 -4.53 9.40
CA GLY A 7 4.66 -4.52 8.96
C GLY A 7 5.01 -3.26 8.20
N GLY A 8 4.87 -3.29 6.88
CA GLY A 8 5.18 -2.14 6.06
C GLY A 8 4.11 -1.07 6.13
N HIS A 9 4.53 0.19 6.16
CA HIS A 9 3.59 1.31 6.22
C HIS A 9 3.74 2.22 5.01
N CYS A 10 2.81 2.11 4.07
CA CYS A 10 2.84 2.91 2.86
C CYS A 10 1.49 3.60 2.63
N VAL A 11 1.54 4.82 2.09
CA VAL A 11 0.33 5.58 1.82
C VAL A 11 0.26 5.99 0.35
N ALA A 12 -0.96 6.13 -0.15
CA ALA A 12 -1.17 6.52 -1.55
C ALA A 12 -0.71 7.95 -1.78
N ILE A 13 -0.11 8.20 -2.93
CA ILE A 13 0.37 9.53 -3.28
C ILE A 13 -0.55 10.20 -4.28
N TYR A 14 -1.06 9.43 -5.24
CA TYR A 14 -1.94 9.95 -6.26
C TYR A 14 -3.19 9.07 -6.40
N HIS A 15 -4.32 9.70 -6.70
CA HIS A 15 -5.58 8.98 -6.86
C HIS A 15 -5.43 7.83 -7.85
N PHE A 16 -5.49 6.60 -7.34
CA PHE A 16 -5.36 5.42 -8.17
C PHE A 16 -6.68 4.68 -8.29
N GLU A 17 -7.28 4.72 -9.48
CA GLU A 17 -8.55 4.05 -9.73
C GLU A 17 -8.34 2.59 -10.09
N GLY A 18 -8.94 1.70 -9.30
CA GLY A 18 -8.80 0.28 -9.56
C GLY A 18 -9.96 -0.28 -10.37
N SER A 19 -10.11 0.21 -11.60
CA SER A 19 -11.20 -0.24 -12.46
C SER A 19 -11.01 -1.71 -12.84
N SER A 20 -9.85 -2.04 -13.39
CA SER A 20 -9.55 -3.40 -13.81
C SER A 20 -9.71 -4.36 -12.63
N GLU A 21 -9.77 -5.65 -12.93
CA GLU A 21 -9.92 -6.68 -11.91
C GLU A 21 -8.61 -6.91 -11.17
N GLY A 22 -8.69 -7.54 -10.01
CA GLY A 22 -7.49 -7.82 -9.22
C GLY A 22 -6.96 -6.58 -8.53
N THR A 23 -6.66 -5.55 -9.31
CA THR A 23 -6.14 -4.29 -8.77
C THR A 23 -7.04 -3.77 -7.65
N ILE A 24 -6.64 -2.63 -7.08
CA ILE A 24 -7.41 -2.03 -5.99
C ILE A 24 -7.31 -0.51 -6.04
N SER A 25 -8.34 0.15 -5.52
CA SER A 25 -8.37 1.62 -5.50
C SER A 25 -7.89 2.16 -4.16
N MET A 26 -7.50 3.43 -4.15
CA MET A 26 -7.01 4.07 -2.95
C MET A 26 -7.22 5.58 -2.99
N ALA A 27 -7.20 6.22 -1.83
CA ALA A 27 -7.39 7.67 -1.75
C ALA A 27 -6.07 8.37 -1.48
N GLU A 28 -5.86 9.51 -2.15
CA GLU A 28 -4.64 10.28 -1.98
C GLU A 28 -4.36 10.54 -0.51
N GLY A 29 -3.20 10.08 -0.04
CA GLY A 29 -2.83 10.28 1.35
C GLY A 29 -3.53 9.30 2.27
N GLU A 30 -3.90 8.14 1.74
CA GLU A 30 -4.57 7.11 2.52
C GLU A 30 -3.59 6.07 3.02
N ASP A 31 -3.74 5.69 4.29
CA ASP A 31 -2.86 4.70 4.89
C ASP A 31 -3.22 3.29 4.42
N LEU A 32 -2.19 2.49 4.11
CA LEU A 32 -2.40 1.12 3.65
C LEU A 32 -1.53 0.15 4.43
N SER A 33 -1.80 -1.14 4.26
CA SER A 33 -1.05 -2.18 4.96
C SER A 33 -0.26 -3.03 3.97
N LEU A 34 1.03 -2.74 3.83
CA LEU A 34 1.90 -3.48 2.92
C LEU A 34 1.77 -4.98 3.15
N MET A 35 1.42 -5.72 2.11
CA MET A 35 1.27 -7.17 2.20
C MET A 35 2.42 -7.88 1.48
N GLU A 36 2.54 -7.62 0.18
CA GLU A 36 3.60 -8.23 -0.62
C GLU A 36 4.52 -7.17 -1.21
N GLU A 37 5.82 -7.36 -1.02
CA GLU A 37 6.81 -6.42 -1.53
C GLU A 37 6.92 -6.51 -3.05
N ASP A 38 7.47 -5.47 -3.67
CA ASP A 38 7.63 -5.44 -5.12
C ASP A 38 9.11 -5.54 -5.51
N LYS A 39 9.45 -6.61 -6.20
CA LYS A 39 10.83 -6.83 -6.63
C LYS A 39 10.97 -6.62 -8.14
N GLY A 40 11.47 -5.45 -8.53
CA GLY A 40 11.64 -5.15 -9.93
C GLY A 40 10.38 -5.42 -10.75
N ASP A 41 9.23 -5.35 -10.09
CA ASP A 41 7.97 -5.59 -10.76
C ASP A 41 7.15 -4.30 -10.85
N GLY A 42 7.25 -3.47 -9.82
CA GLY A 42 6.51 -2.21 -9.80
C GLY A 42 5.11 -2.39 -9.27
N TRP A 43 4.79 -3.59 -8.80
CA TRP A 43 3.46 -3.86 -8.26
C TRP A 43 3.55 -4.30 -6.81
N THR A 44 2.92 -3.52 -5.92
CA THR A 44 2.93 -3.81 -4.50
C THR A 44 1.52 -4.10 -3.99
N ARG A 45 1.36 -5.23 -3.29
CA ARG A 45 0.07 -5.61 -2.75
C ARG A 45 -0.14 -5.02 -1.37
N VAL A 46 -1.20 -4.21 -1.23
CA VAL A 46 -1.51 -3.58 0.05
C VAL A 46 -2.89 -3.99 0.54
N ARG A 47 -3.13 -3.81 1.83
CA ARG A 47 -4.42 -4.16 2.43
C ARG A 47 -5.09 -2.93 3.02
N ARG A 48 -6.42 -2.89 2.93
CA ARG A 48 -7.19 -1.77 3.46
C ARG A 48 -7.93 -2.16 4.73
N LYS A 49 -7.73 -1.39 5.79
CA LYS A 49 -8.37 -1.66 7.08
C LYS A 49 -9.85 -1.99 6.88
N GLU A 50 -10.43 -1.48 5.80
CA GLU A 50 -11.83 -1.72 5.49
C GLU A 50 -12.08 -3.20 5.20
N GLY A 51 -11.32 -3.74 4.25
CA GLY A 51 -11.48 -5.13 3.88
C GLY A 51 -11.27 -5.37 2.40
N GLY A 52 -10.34 -4.64 1.81
CA GLY A 52 -10.07 -4.79 0.39
C GLY A 52 -8.58 -4.79 0.08
N GLU A 53 -8.16 -5.69 -0.80
CA GLU A 53 -6.75 -5.79 -1.17
C GLU A 53 -6.61 -5.92 -2.69
N GLY A 54 -5.45 -5.52 -3.21
CA GLY A 54 -5.20 -5.60 -4.63
C GLY A 54 -3.79 -5.20 -5.00
N TYR A 55 -3.49 -5.21 -6.29
CA TYR A 55 -2.16 -4.85 -6.77
C TYR A 55 -2.12 -3.40 -7.21
N VAL A 56 -1.40 -2.57 -6.46
CA VAL A 56 -1.27 -1.15 -6.77
C VAL A 56 0.15 -0.81 -7.20
N PRO A 57 0.28 0.23 -8.04
CA PRO A 57 1.58 0.68 -8.54
C PRO A 57 2.42 1.34 -7.45
N THR A 58 3.57 0.75 -7.16
CA THR A 58 4.47 1.28 -6.14
C THR A 58 4.68 2.78 -6.31
N SER A 59 4.74 3.23 -7.56
CA SER A 59 4.93 4.64 -7.87
C SER A 59 3.92 5.50 -7.11
N TYR A 60 2.73 4.96 -6.90
CA TYR A 60 1.68 5.68 -6.19
C TYR A 60 1.71 5.35 -4.70
N LEU A 61 2.86 4.92 -4.21
CA LEU A 61 3.02 4.57 -2.81
C LEU A 61 4.20 5.30 -2.19
N ARG A 62 3.96 5.99 -1.08
CA ARG A 62 4.99 6.74 -0.40
C ARG A 62 5.22 6.20 1.01
N VAL A 63 6.30 5.45 1.19
CA VAL A 63 6.63 4.87 2.49
C VAL A 63 6.48 5.90 3.60
N THR A 64 5.61 5.62 4.55
CA THR A 64 5.38 6.52 5.68
C THR A 64 6.69 6.98 6.29
N SER A 65 6.74 8.25 6.69
CA SER A 65 7.94 8.82 7.30
C SER A 65 7.60 9.58 8.57
N GLY A 66 8.59 9.73 9.45
CA GLY A 66 8.38 10.44 10.69
C GLY A 66 9.66 10.61 11.49
N PRO A 67 10.24 9.47 11.92
CA PRO A 67 11.48 9.47 12.70
C PRO A 67 12.69 9.91 11.88
N SER A 68 13.77 10.28 12.56
CA SER A 68 14.99 10.72 11.89
C SER A 68 14.72 11.92 10.99
N SER A 69 13.88 12.83 11.48
CA SER A 69 13.53 14.03 10.73
C SER A 69 14.43 15.20 11.11
N GLY A 70 14.38 16.26 10.32
CA GLY A 70 15.20 17.43 10.58
C GLY A 70 16.04 17.85 9.39
N GLY A 1 -12.45 -6.09 11.08
CA GLY A 1 -11.29 -6.90 10.77
C GLY A 1 -10.32 -7.01 11.93
N SER A 2 -9.57 -8.11 11.98
CA SER A 2 -8.61 -8.33 13.04
C SER A 2 -7.35 -9.01 12.51
N SER A 3 -6.25 -8.26 12.44
CA SER A 3 -5.00 -8.78 11.94
C SER A 3 -3.82 -8.09 12.60
N GLY A 4 -2.61 -8.54 12.27
CA GLY A 4 -1.41 -7.94 12.85
C GLY A 4 -0.14 -8.47 12.21
N SER A 5 0.14 -8.03 10.99
CA SER A 5 1.33 -8.46 10.27
C SER A 5 2.33 -7.32 10.14
N SER A 6 3.61 -7.63 10.36
CA SER A 6 4.66 -6.63 10.28
C SER A 6 5.02 -6.35 8.82
N GLY A 7 4.69 -5.14 8.37
CA GLY A 7 4.99 -4.76 7.01
C GLY A 7 5.49 -3.33 6.89
N GLY A 8 5.75 -2.89 5.66
CA GLY A 8 6.23 -1.53 5.45
C GLY A 8 5.11 -0.54 5.24
N HIS A 9 4.71 0.13 6.33
CA HIS A 9 3.64 1.11 6.26
C HIS A 9 3.78 1.99 5.02
N CYS A 10 2.72 2.05 4.22
CA CYS A 10 2.73 2.85 3.00
C CYS A 10 1.40 3.58 2.81
N VAL A 11 1.46 4.78 2.27
CA VAL A 11 0.26 5.58 2.04
C VAL A 11 0.17 6.02 0.59
N ALA A 12 -1.05 6.05 0.06
CA ALA A 12 -1.27 6.46 -1.33
C ALA A 12 -0.75 7.87 -1.57
N ILE A 13 -0.05 8.05 -2.69
CA ILE A 13 0.51 9.35 -3.04
C ILE A 13 -0.46 10.14 -3.91
N TYR A 14 -0.98 9.48 -4.95
CA TYR A 14 -1.92 10.12 -5.86
C TYR A 14 -3.17 9.27 -6.06
N HIS A 15 -4.31 9.92 -6.19
CA HIS A 15 -5.58 9.21 -6.39
C HIS A 15 -5.45 8.16 -7.49
N PHE A 16 -5.56 6.89 -7.10
CA PHE A 16 -5.45 5.79 -8.05
C PHE A 16 -6.74 4.99 -8.09
N GLU A 17 -7.25 4.77 -9.30
CA GLU A 17 -8.49 4.02 -9.49
C GLU A 17 -8.21 2.67 -10.17
N GLY A 18 -8.31 1.60 -9.40
CA GLY A 18 -8.07 0.27 -9.94
C GLY A 18 -8.81 0.04 -11.24
N SER A 19 -10.04 -0.45 -11.14
CA SER A 19 -10.86 -0.73 -12.31
C SER A 19 -10.37 -1.98 -13.02
N SER A 20 -10.07 -3.02 -12.25
CA SER A 20 -9.59 -4.28 -12.80
C SER A 20 -10.02 -5.46 -11.93
N GLU A 21 -10.10 -6.63 -12.53
CA GLU A 21 -10.50 -7.83 -11.82
C GLU A 21 -9.38 -8.34 -10.92
N GLY A 22 -8.93 -7.49 -10.00
CA GLY A 22 -7.86 -7.86 -9.09
C GLY A 22 -7.21 -6.67 -8.44
N THR A 23 -7.12 -5.57 -9.18
CA THR A 23 -6.51 -4.34 -8.68
C THR A 23 -7.39 -3.69 -7.62
N ILE A 24 -6.86 -2.65 -6.97
CA ILE A 24 -7.61 -1.93 -5.94
C ILE A 24 -7.41 -0.42 -6.07
N SER A 25 -8.40 0.33 -5.61
CA SER A 25 -8.33 1.79 -5.68
C SER A 25 -8.08 2.39 -4.30
N MET A 26 -7.28 3.45 -4.26
CA MET A 26 -6.96 4.11 -2.99
C MET A 26 -7.20 5.61 -3.09
N ALA A 27 -7.11 6.30 -1.96
CA ALA A 27 -7.33 7.74 -1.92
C ALA A 27 -6.03 8.48 -1.60
N GLU A 28 -5.82 9.62 -2.25
CA GLU A 28 -4.62 10.41 -2.03
C GLU A 28 -4.36 10.60 -0.54
N GLY A 29 -3.23 10.07 -0.07
CA GLY A 29 -2.89 10.18 1.33
C GLY A 29 -3.66 9.21 2.20
N GLU A 30 -4.03 8.08 1.63
CA GLU A 30 -4.78 7.06 2.36
C GLU A 30 -3.84 6.00 2.94
N ASP A 31 -4.10 5.60 4.18
CA ASP A 31 -3.28 4.59 4.84
C ASP A 31 -3.55 3.20 4.27
N LEU A 32 -2.50 2.42 4.11
CA LEU A 32 -2.63 1.07 3.57
C LEU A 32 -1.67 0.11 4.28
N SER A 33 -2.02 -1.18 4.26
CA SER A 33 -1.19 -2.19 4.91
C SER A 33 -0.38 -2.98 3.86
N LEU A 34 0.94 -2.82 3.92
CA LEU A 34 1.83 -3.51 2.99
C LEU A 34 1.73 -5.03 3.16
N MET A 35 1.43 -5.72 2.07
CA MET A 35 1.31 -7.18 2.09
C MET A 35 2.33 -7.82 1.16
N GLU A 36 2.15 -7.62 -0.14
CA GLU A 36 3.06 -8.19 -1.14
C GLU A 36 4.06 -7.15 -1.61
N GLU A 37 5.33 -7.39 -1.32
CA GLU A 37 6.39 -6.47 -1.73
C GLU A 37 6.61 -6.51 -3.23
N ASP A 38 7.26 -5.48 -3.76
CA ASP A 38 7.54 -5.40 -5.19
C ASP A 38 9.02 -5.66 -5.47
N LYS A 39 9.30 -6.69 -6.26
CA LYS A 39 10.67 -7.05 -6.62
C LYS A 39 10.96 -6.71 -8.07
N GLY A 40 11.51 -5.52 -8.31
CA GLY A 40 11.84 -5.10 -9.66
C GLY A 40 10.66 -5.26 -10.61
N ASP A 41 9.45 -4.99 -10.11
CA ASP A 41 8.25 -5.10 -10.91
C ASP A 41 7.43 -3.81 -10.85
N GLY A 42 7.45 -3.17 -9.69
CA GLY A 42 6.71 -1.94 -9.51
C GLY A 42 5.28 -2.17 -9.06
N TRP A 43 4.98 -3.41 -8.69
CA TRP A 43 3.64 -3.78 -8.22
C TRP A 43 3.67 -4.22 -6.77
N THR A 44 2.84 -3.57 -5.95
CA THR A 44 2.77 -3.91 -4.53
C THR A 44 1.31 -4.06 -4.08
N ARG A 45 1.05 -5.11 -3.31
CA ARG A 45 -0.29 -5.38 -2.81
C ARG A 45 -0.47 -4.82 -1.40
N VAL A 46 -1.52 -4.02 -1.22
CA VAL A 46 -1.80 -3.42 0.08
C VAL A 46 -3.26 -3.62 0.47
N ARG A 47 -3.50 -3.80 1.76
CA ARG A 47 -4.85 -4.00 2.26
C ARG A 47 -5.45 -2.69 2.76
N ARG A 48 -6.78 -2.62 2.81
CA ARG A 48 -7.47 -1.42 3.25
C ARG A 48 -7.81 -1.51 4.73
N LYS A 49 -8.53 -0.51 5.24
CA LYS A 49 -8.93 -0.48 6.64
C LYS A 49 -10.02 -1.50 6.92
N GLU A 50 -10.94 -1.64 5.98
CA GLU A 50 -12.04 -2.58 6.13
C GLU A 50 -11.67 -3.95 5.56
N GLY A 51 -11.22 -3.96 4.31
CA GLY A 51 -10.84 -5.20 3.66
C GLY A 51 -10.74 -5.07 2.16
N GLY A 52 -9.68 -4.42 1.69
CA GLY A 52 -9.49 -4.24 0.26
C GLY A 52 -8.04 -4.40 -0.16
N GLU A 53 -7.75 -5.52 -0.84
CA GLU A 53 -6.39 -5.79 -1.29
C GLU A 53 -6.33 -5.79 -2.82
N GLY A 54 -5.20 -5.32 -3.35
CA GLY A 54 -5.03 -5.27 -4.79
C GLY A 54 -3.63 -4.85 -5.19
N TYR A 55 -3.26 -5.16 -6.43
CA TYR A 55 -1.93 -4.82 -6.94
C TYR A 55 -1.88 -3.37 -7.38
N VAL A 56 -1.24 -2.53 -6.57
CA VAL A 56 -1.11 -1.11 -6.88
C VAL A 56 0.30 -0.76 -7.31
N PRO A 57 0.43 0.28 -8.15
CA PRO A 57 1.73 0.73 -8.65
C PRO A 57 2.59 1.37 -7.56
N THR A 58 3.80 0.85 -7.38
CA THR A 58 4.71 1.37 -6.37
C THR A 58 4.83 2.89 -6.46
N SER A 59 4.85 3.40 -7.69
CA SER A 59 4.96 4.83 -7.92
C SER A 59 3.92 5.60 -7.11
N TYR A 60 2.81 4.95 -6.82
CA TYR A 60 1.74 5.56 -6.05
C TYR A 60 1.79 5.12 -4.59
N LEU A 61 2.98 4.78 -4.13
CA LEU A 61 3.17 4.33 -2.75
C LEU A 61 4.37 5.02 -2.12
N ARG A 62 4.11 5.83 -1.09
CA ARG A 62 5.17 6.55 -0.40
C ARG A 62 5.37 5.99 1.02
N VAL A 63 6.40 5.16 1.18
CA VAL A 63 6.70 4.57 2.48
C VAL A 63 6.60 5.60 3.59
N THR A 64 5.76 5.32 4.58
CA THR A 64 5.56 6.22 5.71
C THR A 64 6.15 5.63 6.98
N SER A 65 7.10 6.35 7.58
CA SER A 65 7.74 5.89 8.80
C SER A 65 8.54 7.03 9.46
N GLY A 66 8.10 7.46 10.64
CA GLY A 66 8.78 8.53 11.33
C GLY A 66 10.21 8.18 11.68
N PRO A 67 10.92 9.12 12.31
CA PRO A 67 12.32 8.93 12.70
C PRO A 67 12.47 7.92 13.84
N SER A 68 13.25 6.87 13.58
CA SER A 68 13.48 5.83 14.58
C SER A 68 14.88 5.25 14.45
N SER A 69 15.35 4.61 15.52
CA SER A 69 16.69 4.01 15.53
C SER A 69 16.59 2.50 15.78
N GLY A 70 17.72 1.82 15.60
CA GLY A 70 17.75 0.39 15.81
C GLY A 70 18.95 -0.27 15.13
N GLY A 1 2.71 -17.90 11.43
CA GLY A 1 3.98 -18.56 11.16
C GLY A 1 4.28 -18.64 9.68
N SER A 2 4.63 -17.51 9.07
CA SER A 2 4.94 -17.47 7.66
C SER A 2 6.41 -17.14 7.43
N SER A 3 6.96 -17.68 6.35
CA SER A 3 8.37 -17.47 6.03
C SER A 3 8.61 -16.01 5.62
N GLY A 4 9.29 -15.27 6.48
CA GLY A 4 9.57 -13.87 6.20
C GLY A 4 8.77 -12.93 7.07
N SER A 5 9.24 -11.69 7.19
CA SER A 5 8.56 -10.69 8.01
C SER A 5 7.53 -9.92 7.18
N SER A 6 6.26 -10.02 7.57
CA SER A 6 5.19 -9.35 6.85
C SER A 6 4.85 -8.02 7.53
N GLY A 7 5.30 -6.92 6.94
CA GLY A 7 5.03 -5.61 7.51
C GLY A 7 5.46 -4.49 6.58
N GLY A 8 4.90 -3.30 6.80
CA GLY A 8 5.24 -2.16 5.97
C GLY A 8 4.14 -1.12 5.95
N HIS A 9 4.49 0.13 6.27
CA HIS A 9 3.53 1.22 6.29
C HIS A 9 3.71 2.12 5.06
N CYS A 10 2.70 2.14 4.20
CA CYS A 10 2.74 2.96 3.00
C CYS A 10 1.42 3.71 2.79
N VAL A 11 1.51 4.88 2.17
CA VAL A 11 0.32 5.69 1.92
C VAL A 11 0.26 6.13 0.46
N ALA A 12 -0.94 6.12 -0.11
CA ALA A 12 -1.14 6.52 -1.49
C ALA A 12 -0.63 7.93 -1.74
N ILE A 13 0.16 8.10 -2.79
CA ILE A 13 0.71 9.41 -3.13
C ILE A 13 -0.24 10.18 -4.04
N TYR A 14 -0.76 9.51 -5.06
CA TYR A 14 -1.67 10.14 -6.00
C TYR A 14 -2.91 9.28 -6.19
N HIS A 15 -4.05 9.95 -6.42
CA HIS A 15 -5.32 9.25 -6.62
C HIS A 15 -5.17 8.16 -7.68
N PHE A 16 -5.36 6.91 -7.26
CA PHE A 16 -5.25 5.77 -8.17
C PHE A 16 -6.53 4.93 -8.15
N GLU A 17 -6.99 4.55 -9.33
CA GLU A 17 -8.20 3.74 -9.45
C GLU A 17 -7.87 2.33 -9.90
N GLY A 18 -8.31 1.34 -9.12
CA GLY A 18 -8.04 -0.05 -9.45
C GLY A 18 -9.31 -0.81 -9.80
N SER A 19 -10.10 -0.26 -10.72
CA SER A 19 -11.34 -0.89 -11.14
C SER A 19 -11.16 -2.39 -11.30
N SER A 20 -10.05 -2.79 -11.92
CA SER A 20 -9.77 -4.20 -12.15
C SER A 20 -10.13 -5.02 -10.93
N GLU A 21 -10.93 -6.06 -11.14
CA GLU A 21 -11.36 -6.94 -10.05
C GLU A 21 -10.17 -7.39 -9.21
N GLY A 22 -9.02 -7.55 -9.88
CA GLY A 22 -7.82 -7.97 -9.18
C GLY A 22 -7.10 -6.82 -8.50
N THR A 23 -7.15 -5.66 -9.13
CA THR A 23 -6.50 -4.46 -8.59
C THR A 23 -7.36 -3.80 -7.52
N ILE A 24 -6.79 -2.81 -6.83
CA ILE A 24 -7.51 -2.10 -5.78
C ILE A 24 -7.40 -0.59 -5.98
N SER A 25 -8.34 0.14 -5.39
CA SER A 25 -8.36 1.60 -5.50
C SER A 25 -7.96 2.25 -4.17
N MET A 26 -7.28 3.38 -4.25
CA MET A 26 -6.86 4.10 -3.06
C MET A 26 -7.13 5.60 -3.20
N ALA A 27 -6.90 6.34 -2.12
CA ALA A 27 -7.12 7.78 -2.11
C ALA A 27 -5.83 8.53 -1.77
N GLU A 28 -5.66 9.70 -2.39
CA GLU A 28 -4.47 10.51 -2.16
C GLU A 28 -4.23 10.69 -0.67
N GLY A 29 -3.18 10.05 -0.16
CA GLY A 29 -2.85 10.15 1.25
C GLY A 29 -3.64 9.18 2.10
N GLU A 30 -3.97 8.02 1.53
CA GLU A 30 -4.72 7.01 2.25
C GLU A 30 -3.79 5.95 2.84
N ASP A 31 -4.11 5.50 4.04
CA ASP A 31 -3.31 4.49 4.72
C ASP A 31 -3.58 3.10 4.15
N LEU A 32 -2.52 2.33 3.95
CA LEU A 32 -2.65 0.98 3.40
C LEU A 32 -1.73 0.01 4.13
N SER A 33 -2.08 -1.27 4.11
CA SER A 33 -1.29 -2.30 4.77
C SER A 33 -0.43 -3.06 3.76
N LEU A 34 0.87 -2.83 3.81
CA LEU A 34 1.80 -3.48 2.90
C LEU A 34 1.77 -5.00 3.08
N MET A 35 1.50 -5.72 1.99
CA MET A 35 1.44 -7.17 2.04
C MET A 35 2.53 -7.79 1.17
N GLU A 36 2.41 -7.61 -0.15
CA GLU A 36 3.38 -8.14 -1.09
C GLU A 36 4.29 -7.05 -1.62
N GLU A 37 5.59 -7.18 -1.33
CA GLU A 37 6.57 -6.19 -1.77
C GLU A 37 6.82 -6.30 -3.28
N ASP A 38 7.39 -5.26 -3.86
CA ASP A 38 7.68 -5.24 -5.29
C ASP A 38 9.17 -5.37 -5.54
N LYS A 39 9.55 -6.38 -6.31
CA LYS A 39 10.95 -6.62 -6.64
C LYS A 39 11.26 -6.24 -8.08
N GLY A 40 11.77 -5.02 -8.26
CA GLY A 40 12.09 -4.55 -9.61
C GLY A 40 10.93 -4.68 -10.56
N ASP A 41 9.71 -4.73 -10.02
CA ASP A 41 8.52 -4.85 -10.84
C ASP A 41 7.67 -3.58 -10.76
N GLY A 42 7.61 -2.99 -9.57
CA GLY A 42 6.84 -1.77 -9.39
C GLY A 42 5.39 -2.05 -9.02
N TRP A 43 5.12 -3.29 -8.60
CA TRP A 43 3.77 -3.68 -8.21
C TRP A 43 3.73 -4.12 -6.76
N THR A 44 2.94 -3.42 -5.95
CA THR A 44 2.82 -3.75 -4.53
C THR A 44 1.36 -3.91 -4.14
N ARG A 45 1.06 -4.99 -3.43
CA ARG A 45 -0.31 -5.26 -2.99
C ARG A 45 -0.50 -4.84 -1.54
N VAL A 46 -1.55 -4.06 -1.29
CA VAL A 46 -1.85 -3.58 0.06
C VAL A 46 -3.30 -3.86 0.42
N ARG A 47 -3.57 -3.95 1.73
CA ARG A 47 -4.92 -4.21 2.20
C ARG A 47 -5.57 -2.93 2.72
N ARG A 48 -6.90 -2.87 2.63
CA ARG A 48 -7.65 -1.71 3.09
C ARG A 48 -8.42 -2.02 4.36
N LYS A 49 -8.41 -1.08 5.29
CA LYS A 49 -9.12 -1.25 6.56
C LYS A 49 -10.48 -1.91 6.34
N GLU A 50 -11.17 -1.50 5.28
CA GLU A 50 -12.47 -2.04 4.96
C GLU A 50 -12.39 -3.55 4.71
N GLY A 51 -11.62 -3.94 3.70
CA GLY A 51 -11.48 -5.34 3.38
C GLY A 51 -11.22 -5.58 1.90
N GLY A 52 -10.42 -4.70 1.29
CA GLY A 52 -10.11 -4.84 -0.12
C GLY A 52 -8.62 -4.78 -0.39
N GLU A 53 -8.16 -5.68 -1.26
CA GLU A 53 -6.74 -5.74 -1.61
C GLU A 53 -6.55 -5.76 -3.12
N GLY A 54 -5.38 -5.34 -3.58
CA GLY A 54 -5.09 -5.33 -5.00
C GLY A 54 -3.67 -4.90 -5.30
N TYR A 55 -3.21 -5.20 -6.51
CA TYR A 55 -1.86 -4.84 -6.93
C TYR A 55 -1.79 -3.39 -7.38
N VAL A 56 -1.24 -2.53 -6.53
CA VAL A 56 -1.11 -1.11 -6.85
C VAL A 56 0.31 -0.77 -7.28
N PRO A 57 0.44 0.28 -8.11
CA PRO A 57 1.74 0.74 -8.62
C PRO A 57 2.60 1.37 -7.53
N THR A 58 3.79 0.81 -7.33
CA THR A 58 4.71 1.32 -6.31
C THR A 58 4.85 2.83 -6.42
N SER A 59 4.90 3.34 -7.64
CA SER A 59 5.04 4.77 -7.87
C SER A 59 4.00 5.56 -7.09
N TYR A 60 2.84 4.95 -6.88
CA TYR A 60 1.76 5.59 -6.14
C TYR A 60 1.79 5.19 -4.67
N LEU A 61 2.96 4.77 -4.21
CA LEU A 61 3.13 4.36 -2.81
C LEU A 61 4.38 4.99 -2.21
N ARG A 62 4.19 5.78 -1.17
CA ARG A 62 5.30 6.44 -0.49
C ARG A 62 5.54 5.85 0.89
N VAL A 63 6.63 5.11 1.03
CA VAL A 63 6.97 4.48 2.31
C VAL A 63 7.10 5.53 3.41
N THR A 64 6.21 5.45 4.40
CA THR A 64 6.22 6.39 5.51
C THR A 64 7.61 6.48 6.14
N SER A 65 7.99 7.69 6.57
CA SER A 65 9.29 7.91 7.18
C SER A 65 9.17 7.99 8.69
N GLY A 66 10.17 7.47 9.39
CA GLY A 66 10.16 7.50 10.85
C GLY A 66 11.39 6.85 11.45
N PRO A 67 11.66 7.14 12.73
CA PRO A 67 12.81 6.60 13.45
C PRO A 67 12.66 5.10 13.73
N SER A 68 13.56 4.32 13.13
CA SER A 68 13.52 2.87 13.32
C SER A 68 13.77 2.50 14.78
N SER A 69 14.39 3.41 15.52
CA SER A 69 14.69 3.17 16.93
C SER A 69 13.41 3.20 17.76
N GLY A 70 13.36 2.35 18.78
CA GLY A 70 12.19 2.29 19.63
C GLY A 70 12.15 3.43 20.63
N GLY A 1 -2.58 2.15 19.68
CA GLY A 1 -3.33 0.91 19.76
C GLY A 1 -2.57 -0.26 19.17
N SER A 2 -3.28 -1.36 18.92
CA SER A 2 -2.67 -2.56 18.36
C SER A 2 -3.02 -2.70 16.89
N SER A 3 -2.14 -2.19 16.03
CA SER A 3 -2.35 -2.26 14.59
C SER A 3 -2.69 -3.69 14.15
N GLY A 4 -1.82 -4.63 14.52
CA GLY A 4 -2.04 -6.00 14.15
C GLY A 4 -0.78 -6.68 13.67
N SER A 5 -0.68 -6.89 12.35
CA SER A 5 0.48 -7.54 11.76
C SER A 5 1.55 -6.52 11.40
N SER A 6 2.78 -6.78 11.84
CA SER A 6 3.89 -5.87 11.58
C SER A 6 4.22 -5.83 10.08
N GLY A 7 3.69 -4.83 9.39
CA GLY A 7 3.93 -4.70 7.96
C GLY A 7 4.40 -3.31 7.58
N GLY A 8 5.07 -3.21 6.44
CA GLY A 8 5.56 -1.93 5.97
C GLY A 8 4.46 -0.88 5.89
N HIS A 9 4.76 0.33 6.36
CA HIS A 9 3.79 1.41 6.34
C HIS A 9 3.91 2.23 5.05
N CYS A 10 2.84 2.25 4.28
CA CYS A 10 2.82 2.99 3.01
C CYS A 10 1.49 3.72 2.84
N VAL A 11 1.55 4.91 2.26
CA VAL A 11 0.35 5.72 2.03
C VAL A 11 0.23 6.10 0.56
N ALA A 12 -1.00 6.09 0.05
CA ALA A 12 -1.26 6.44 -1.33
C ALA A 12 -0.74 7.83 -1.67
N ILE A 13 0.05 7.93 -2.74
CA ILE A 13 0.62 9.20 -3.15
C ILE A 13 -0.35 9.97 -4.04
N TYR A 14 -0.97 9.26 -4.98
CA TYR A 14 -1.93 9.88 -5.89
C TYR A 14 -3.18 9.02 -6.04
N HIS A 15 -4.29 9.66 -6.37
CA HIS A 15 -5.56 8.96 -6.56
C HIS A 15 -5.43 7.86 -7.60
N PHE A 16 -5.66 6.62 -7.19
CA PHE A 16 -5.57 5.47 -8.10
C PHE A 16 -6.85 4.66 -8.08
N GLU A 17 -7.30 4.24 -9.25
CA GLU A 17 -8.52 3.44 -9.38
C GLU A 17 -8.22 2.06 -9.94
N GLY A 18 -8.27 1.05 -9.07
CA GLY A 18 -8.00 -0.31 -9.51
C GLY A 18 -9.09 -0.85 -10.42
N SER A 19 -8.90 -0.69 -11.73
CA SER A 19 -9.88 -1.17 -12.70
C SER A 19 -9.48 -2.55 -13.24
N SER A 20 -8.26 -2.65 -13.74
CA SER A 20 -7.76 -3.91 -14.29
C SER A 20 -8.09 -5.07 -13.36
N GLU A 21 -8.89 -6.01 -13.87
CA GLU A 21 -9.29 -7.17 -13.08
C GLU A 21 -8.15 -7.62 -12.17
N GLY A 22 -8.20 -7.18 -10.91
CA GLY A 22 -7.18 -7.55 -9.95
C GLY A 22 -6.43 -6.34 -9.41
N THR A 23 -7.18 -5.28 -9.13
CA THR A 23 -6.58 -4.05 -8.60
C THR A 23 -7.50 -3.39 -7.57
N ILE A 24 -6.93 -2.53 -6.74
CA ILE A 24 -7.69 -1.84 -5.72
C ILE A 24 -7.49 -0.33 -5.81
N SER A 25 -8.55 0.42 -5.52
CA SER A 25 -8.50 1.87 -5.58
C SER A 25 -8.20 2.46 -4.21
N MET A 26 -7.36 3.50 -4.18
CA MET A 26 -6.99 4.15 -2.93
C MET A 26 -7.19 5.66 -3.03
N ALA A 27 -7.00 6.35 -1.91
CA ALA A 27 -7.16 7.80 -1.88
C ALA A 27 -5.83 8.49 -1.62
N GLU A 28 -5.71 9.73 -2.07
CA GLU A 28 -4.48 10.50 -1.89
C GLU A 28 -4.21 10.74 -0.41
N GLY A 29 -3.18 10.06 0.12
CA GLY A 29 -2.84 10.22 1.52
C GLY A 29 -3.61 9.27 2.41
N GLU A 30 -3.91 8.08 1.90
CA GLU A 30 -4.66 7.09 2.66
C GLU A 30 -3.71 6.02 3.23
N ASP A 31 -3.97 5.61 4.46
CA ASP A 31 -3.16 4.60 5.12
C ASP A 31 -3.45 3.21 4.55
N LEU A 32 -2.39 2.44 4.30
CA LEU A 32 -2.53 1.10 3.76
C LEU A 32 -1.59 0.13 4.45
N SER A 33 -1.87 -1.16 4.31
CA SER A 33 -1.04 -2.20 4.93
C SER A 33 -0.26 -2.97 3.88
N LEU A 34 1.06 -2.78 3.87
CA LEU A 34 1.93 -3.45 2.91
C LEU A 34 1.92 -4.95 3.14
N MET A 35 1.50 -5.69 2.11
CA MET A 35 1.44 -7.15 2.20
C MET A 35 2.44 -7.79 1.23
N GLU A 36 2.17 -7.67 -0.06
CA GLU A 36 3.04 -8.24 -1.09
C GLU A 36 3.99 -7.17 -1.64
N GLU A 37 5.28 -7.38 -1.45
CA GLU A 37 6.29 -6.44 -1.93
C GLU A 37 6.43 -6.54 -3.44
N ASP A 38 7.05 -5.53 -4.05
CA ASP A 38 7.26 -5.49 -5.48
C ASP A 38 8.74 -5.63 -5.82
N LYS A 39 9.07 -6.64 -6.61
CA LYS A 39 10.45 -6.89 -7.00
C LYS A 39 10.67 -6.56 -8.48
N GLY A 40 11.13 -5.34 -8.76
CA GLY A 40 11.36 -4.93 -10.13
C GLY A 40 10.12 -5.06 -10.99
N ASP A 41 8.95 -5.10 -10.35
CA ASP A 41 7.69 -5.22 -11.07
C ASP A 41 6.89 -3.92 -10.97
N GLY A 42 6.93 -3.29 -9.80
CA GLY A 42 6.19 -2.05 -9.60
C GLY A 42 4.78 -2.28 -9.10
N TRP A 43 4.50 -3.50 -8.67
CA TRP A 43 3.17 -3.84 -8.17
C TRP A 43 3.25 -4.30 -6.71
N THR A 44 2.45 -3.67 -5.85
CA THR A 44 2.44 -4.01 -4.43
C THR A 44 1.00 -4.16 -3.93
N ARG A 45 0.73 -5.25 -3.23
CA ARG A 45 -0.59 -5.51 -2.70
C ARG A 45 -0.73 -4.96 -1.28
N VAL A 46 -1.56 -3.93 -1.12
CA VAL A 46 -1.78 -3.31 0.18
C VAL A 46 -3.23 -3.50 0.64
N ARG A 47 -3.41 -3.71 1.94
CA ARG A 47 -4.73 -3.89 2.50
C ARG A 47 -5.27 -2.58 3.08
N ARG A 48 -6.59 -2.42 3.06
CA ARG A 48 -7.23 -1.22 3.57
C ARG A 48 -7.52 -1.35 5.06
N LYS A 49 -8.15 -0.33 5.64
CA LYS A 49 -8.48 -0.33 7.05
C LYS A 49 -9.65 -1.27 7.33
N GLU A 50 -10.54 -1.41 6.36
CA GLU A 50 -11.70 -2.29 6.51
C GLU A 50 -11.40 -3.69 5.99
N GLY A 51 -10.95 -3.76 4.74
CA GLY A 51 -10.63 -5.04 4.13
C GLY A 51 -10.60 -4.98 2.62
N GLY A 52 -9.63 -4.24 2.08
CA GLY A 52 -9.51 -4.12 0.64
C GLY A 52 -8.08 -4.28 0.15
N GLU A 53 -7.78 -5.44 -0.44
CA GLU A 53 -6.45 -5.72 -0.94
C GLU A 53 -6.45 -5.82 -2.46
N GLY A 54 -5.37 -5.35 -3.08
CA GLY A 54 -5.27 -5.39 -4.53
C GLY A 54 -3.91 -4.92 -5.03
N TYR A 55 -3.54 -5.39 -6.21
CA TYR A 55 -2.26 -5.01 -6.80
C TYR A 55 -2.27 -3.54 -7.24
N VAL A 56 -1.58 -2.70 -6.47
CA VAL A 56 -1.51 -1.27 -6.77
C VAL A 56 -0.12 -0.89 -7.27
N PRO A 57 -0.06 0.18 -8.07
CA PRO A 57 1.20 0.68 -8.63
C PRO A 57 2.10 1.29 -7.56
N THR A 58 3.29 0.72 -7.40
CA THR A 58 4.26 1.21 -6.42
C THR A 58 4.47 2.71 -6.57
N SER A 59 4.50 3.18 -7.82
CA SER A 59 4.71 4.60 -8.09
C SER A 59 3.74 5.46 -7.29
N TYR A 60 2.60 4.86 -6.92
CA TYR A 60 1.59 5.58 -6.15
C TYR A 60 1.62 5.16 -4.68
N LEU A 61 2.80 4.76 -4.21
CA LEU A 61 2.97 4.33 -2.83
C LEU A 61 4.20 4.97 -2.20
N ARG A 62 3.99 5.76 -1.15
CA ARG A 62 5.08 6.43 -0.46
C ARG A 62 5.20 5.94 0.98
N VAL A 63 6.22 5.11 1.23
CA VAL A 63 6.44 4.57 2.56
C VAL A 63 6.40 5.67 3.61
N THR A 64 5.45 5.57 4.54
CA THR A 64 5.31 6.56 5.60
C THR A 64 5.99 6.09 6.89
N SER A 65 6.83 6.95 7.44
CA SER A 65 7.54 6.62 8.68
C SER A 65 7.36 7.72 9.72
N GLY A 66 6.52 7.44 10.72
CA GLY A 66 6.27 8.41 11.76
C GLY A 66 4.80 8.76 11.90
N PRO A 67 4.48 9.62 12.88
CA PRO A 67 3.09 10.05 13.13
C PRO A 67 2.55 10.94 12.03
N SER A 68 3.46 11.62 11.33
CA SER A 68 3.07 12.52 10.24
C SER A 68 3.05 11.77 8.91
N SER A 69 2.13 12.17 8.03
CA SER A 69 2.01 11.54 6.72
C SER A 69 2.83 12.31 5.67
N GLY A 70 2.64 13.63 5.65
CA GLY A 70 3.37 14.44 4.70
C GLY A 70 3.94 15.70 5.33
N GLY A 1 -0.13 -8.12 19.52
CA GLY A 1 0.11 -8.11 18.10
C GLY A 1 1.02 -6.97 17.67
N SER A 2 2.14 -6.82 18.38
CA SER A 2 3.10 -5.78 18.08
C SER A 2 3.88 -6.10 16.80
N SER A 3 4.54 -5.08 16.25
CA SER A 3 5.32 -5.26 15.02
C SER A 3 6.79 -4.94 15.27
N GLY A 4 7.67 -5.77 14.73
CA GLY A 4 9.09 -5.56 14.90
C GLY A 4 9.82 -5.42 13.59
N SER A 5 10.13 -6.56 12.96
CA SER A 5 10.85 -6.56 11.69
C SER A 5 9.86 -6.55 10.52
N SER A 6 9.01 -7.57 10.47
CA SER A 6 8.02 -7.69 9.40
C SER A 6 6.96 -6.60 9.53
N GLY A 7 6.97 -5.65 8.60
CA GLY A 7 6.01 -4.56 8.63
C GLY A 7 6.34 -3.48 7.63
N GLY A 8 5.35 -3.08 6.83
CA GLY A 8 5.56 -2.05 5.83
C GLY A 8 4.43 -1.04 5.80
N HIS A 9 4.74 0.20 6.15
CA HIS A 9 3.74 1.27 6.16
C HIS A 9 3.89 2.16 4.92
N CYS A 10 2.79 2.30 4.19
CA CYS A 10 2.79 3.13 2.98
C CYS A 10 1.49 3.92 2.86
N VAL A 11 1.57 5.06 2.19
CA VAL A 11 0.40 5.91 2.00
C VAL A 11 0.25 6.34 0.54
N ALA A 12 -0.94 6.12 -0.01
CA ALA A 12 -1.20 6.49 -1.39
C ALA A 12 -0.71 7.91 -1.70
N ILE A 13 -0.06 8.06 -2.85
CA ILE A 13 0.45 9.37 -3.25
C ILE A 13 -0.54 10.10 -4.14
N TYR A 14 -1.20 9.36 -5.02
CA TYR A 14 -2.18 9.95 -5.93
C TYR A 14 -3.40 9.05 -6.05
N HIS A 15 -4.55 9.66 -6.34
CA HIS A 15 -5.80 8.92 -6.48
C HIS A 15 -5.65 7.79 -7.49
N PHE A 16 -5.67 6.56 -7.01
CA PHE A 16 -5.53 5.38 -7.87
C PHE A 16 -6.80 4.54 -7.86
N GLU A 17 -7.39 4.33 -9.03
CA GLU A 17 -8.61 3.54 -9.15
C GLU A 17 -8.29 2.13 -9.65
N GLY A 18 -8.64 1.14 -8.85
CA GLY A 18 -8.40 -0.24 -9.22
C GLY A 18 -9.59 -0.88 -9.92
N SER A 19 -9.83 -0.45 -11.16
CA SER A 19 -10.94 -0.97 -11.94
C SER A 19 -10.60 -2.36 -12.50
N SER A 20 -9.43 -2.48 -13.10
CA SER A 20 -8.98 -3.74 -13.68
C SER A 20 -9.03 -4.86 -12.65
N GLU A 21 -8.86 -6.10 -13.11
CA GLU A 21 -8.90 -7.26 -12.23
C GLU A 21 -7.59 -7.39 -11.45
N GLY A 22 -7.72 -7.63 -10.14
CA GLY A 22 -6.54 -7.78 -9.31
C GLY A 22 -5.95 -6.44 -8.91
N THR A 23 -6.81 -5.48 -8.57
CA THR A 23 -6.37 -4.16 -8.16
C THR A 23 -7.23 -3.61 -7.04
N ILE A 24 -6.80 -2.49 -6.46
CA ILE A 24 -7.53 -1.86 -5.37
C ILE A 24 -7.43 -0.34 -5.44
N SER A 25 -8.51 0.34 -5.06
CA SER A 25 -8.54 1.79 -5.08
C SER A 25 -8.05 2.37 -3.75
N MET A 26 -7.26 3.43 -3.82
CA MET A 26 -6.73 4.07 -2.63
C MET A 26 -6.93 5.59 -2.69
N ALA A 27 -7.15 6.21 -1.54
CA ALA A 27 -7.35 7.65 -1.46
C ALA A 27 -6.03 8.37 -1.22
N GLU A 28 -5.83 9.47 -1.93
CA GLU A 28 -4.60 10.26 -1.79
C GLU A 28 -4.27 10.50 -0.32
N GLY A 29 -3.16 9.92 0.13
CA GLY A 29 -2.76 10.08 1.52
C GLY A 29 -3.46 9.11 2.44
N GLU A 30 -3.89 7.98 1.90
CA GLU A 30 -4.60 6.97 2.69
C GLU A 30 -3.62 5.91 3.20
N ASP A 31 -3.84 5.49 4.45
CA ASP A 31 -2.98 4.49 5.07
C ASP A 31 -3.29 3.10 4.53
N LEU A 32 -2.25 2.36 4.16
CA LEU A 32 -2.41 1.02 3.62
C LEU A 32 -1.45 0.04 4.30
N SER A 33 -1.81 -1.24 4.30
CA SER A 33 -1.00 -2.27 4.92
C SER A 33 -0.18 -3.01 3.87
N LEU A 34 1.12 -2.76 3.83
CA LEU A 34 2.01 -3.40 2.88
C LEU A 34 2.06 -4.91 3.11
N MET A 35 1.43 -5.66 2.22
CA MET A 35 1.40 -7.12 2.33
C MET A 35 2.42 -7.75 1.38
N GLU A 36 2.31 -7.41 0.10
CA GLU A 36 3.23 -7.95 -0.90
C GLU A 36 4.20 -6.87 -1.39
N GLU A 37 5.47 -7.24 -1.53
CA GLU A 37 6.49 -6.31 -1.98
C GLU A 37 6.73 -6.46 -3.48
N ASP A 38 7.19 -5.39 -4.10
CA ASP A 38 7.46 -5.39 -5.53
C ASP A 38 8.95 -5.60 -5.81
N LYS A 39 9.26 -6.60 -6.62
CA LYS A 39 10.65 -6.91 -6.96
C LYS A 39 10.95 -6.52 -8.40
N GLY A 40 11.51 -5.32 -8.58
CA GLY A 40 11.85 -4.85 -9.91
C GLY A 40 10.67 -4.91 -10.86
N ASP A 41 9.47 -5.02 -10.30
CA ASP A 41 8.26 -5.10 -11.11
C ASP A 41 7.45 -3.80 -10.99
N GLY A 42 7.33 -3.29 -9.77
CA GLY A 42 6.58 -2.07 -9.54
C GLY A 42 5.16 -2.34 -9.13
N TRP A 43 4.87 -3.57 -8.74
CA TRP A 43 3.53 -3.95 -8.32
C TRP A 43 3.51 -4.39 -6.86
N THR A 44 2.76 -3.67 -6.04
CA THR A 44 2.66 -3.98 -4.62
C THR A 44 1.21 -4.08 -4.18
N ARG A 45 0.90 -5.08 -3.37
CA ARG A 45 -0.46 -5.28 -2.87
C ARG A 45 -0.58 -4.85 -1.42
N VAL A 46 -1.59 -4.03 -1.13
CA VAL A 46 -1.82 -3.53 0.22
C VAL A 46 -3.25 -3.78 0.66
N ARG A 47 -3.51 -3.61 1.95
CA ARG A 47 -4.83 -3.81 2.51
C ARG A 47 -5.46 -2.49 2.94
N ARG A 48 -6.78 -2.41 2.90
CA ARG A 48 -7.50 -1.20 3.28
C ARG A 48 -8.35 -1.45 4.52
N LYS A 49 -8.37 -0.46 5.41
CA LYS A 49 -9.14 -0.57 6.65
C LYS A 49 -10.52 -1.15 6.38
N GLU A 50 -11.09 -0.80 5.24
CA GLU A 50 -12.42 -1.29 4.86
C GLU A 50 -12.43 -2.82 4.80
N GLY A 51 -11.68 -3.37 3.85
CA GLY A 51 -11.62 -4.81 3.70
C GLY A 51 -11.38 -5.23 2.27
N GLY A 52 -10.52 -4.49 1.57
CA GLY A 52 -10.22 -4.81 0.19
C GLY A 52 -8.72 -4.84 -0.08
N GLU A 53 -8.31 -5.68 -1.02
CA GLU A 53 -6.90 -5.80 -1.38
C GLU A 53 -6.72 -5.88 -2.89
N GLY A 54 -5.59 -5.38 -3.37
CA GLY A 54 -5.32 -5.40 -4.80
C GLY A 54 -3.89 -4.99 -5.12
N TYR A 55 -3.46 -5.27 -6.35
CA TYR A 55 -2.11 -4.93 -6.78
C TYR A 55 -2.05 -3.48 -7.28
N VAL A 56 -1.42 -2.62 -6.50
CA VAL A 56 -1.28 -1.22 -6.86
C VAL A 56 0.15 -0.90 -7.29
N PRO A 57 0.28 0.12 -8.18
CA PRO A 57 1.59 0.54 -8.69
C PRO A 57 2.44 1.23 -7.61
N THR A 58 3.61 0.68 -7.35
CA THR A 58 4.51 1.24 -6.34
C THR A 58 4.70 2.75 -6.56
N SER A 59 4.64 3.17 -7.82
CA SER A 59 4.81 4.57 -8.16
C SER A 59 3.83 5.45 -7.39
N TYR A 60 2.67 4.88 -7.08
CA TYR A 60 1.64 5.60 -6.34
C TYR A 60 1.68 5.25 -4.86
N LEU A 61 2.83 4.77 -4.41
CA LEU A 61 3.00 4.40 -3.00
C LEU A 61 4.28 5.03 -2.43
N ARG A 62 4.11 5.81 -1.36
CA ARG A 62 5.25 6.47 -0.72
C ARG A 62 5.46 5.91 0.69
N VAL A 63 6.51 5.11 0.86
CA VAL A 63 6.83 4.53 2.16
C VAL A 63 6.78 5.58 3.26
N THR A 64 6.12 5.26 4.36
CA THR A 64 6.01 6.17 5.48
C THR A 64 6.57 5.56 6.76
N SER A 65 7.25 6.37 7.57
CA SER A 65 7.83 5.89 8.81
C SER A 65 6.95 6.27 10.00
N GLY A 66 6.10 5.35 10.43
CA GLY A 66 5.23 5.61 11.55
C GLY A 66 5.94 5.53 12.88
N PRO A 67 5.18 5.30 13.96
CA PRO A 67 5.74 5.19 15.31
C PRO A 67 6.57 3.93 15.51
N SER A 68 6.68 3.13 14.45
CA SER A 68 7.44 1.89 14.51
C SER A 68 8.66 2.04 15.41
N SER A 69 8.54 1.57 16.65
CA SER A 69 9.63 1.66 17.61
C SER A 69 10.56 0.46 17.49
N GLY A 70 11.73 0.55 18.13
CA GLY A 70 12.69 -0.54 18.08
C GLY A 70 14.02 -0.11 17.48
N GLY A 1 15.78 -15.40 14.61
CA GLY A 1 14.48 -16.04 14.80
C GLY A 1 13.34 -15.04 14.80
N SER A 2 12.82 -14.74 13.61
CA SER A 2 11.73 -13.80 13.48
C SER A 2 10.56 -14.42 12.72
N SER A 3 9.43 -13.72 12.70
CA SER A 3 8.24 -14.21 12.02
C SER A 3 8.53 -14.50 10.55
N GLY A 4 8.91 -13.46 9.81
CA GLY A 4 9.22 -13.63 8.41
C GLY A 4 8.73 -12.47 7.57
N SER A 5 7.46 -12.11 7.72
CA SER A 5 6.87 -11.01 6.97
C SER A 5 7.10 -9.69 7.66
N SER A 6 7.73 -8.75 6.96
CA SER A 6 8.02 -7.44 7.52
C SER A 6 6.79 -6.52 7.44
N GLY A 7 6.58 -5.74 8.49
CA GLY A 7 5.44 -4.84 8.51
C GLY A 7 5.77 -3.47 7.94
N GLY A 8 5.50 -3.28 6.65
CA GLY A 8 5.79 -2.01 6.02
C GLY A 8 4.56 -1.14 5.90
N HIS A 9 4.69 0.14 6.26
CA HIS A 9 3.58 1.08 6.19
C HIS A 9 3.76 2.05 5.02
N CYS A 10 2.70 2.25 4.26
CA CYS A 10 2.73 3.15 3.11
C CYS A 10 1.40 3.87 2.94
N VAL A 11 1.43 5.00 2.26
CA VAL A 11 0.22 5.79 2.02
C VAL A 11 0.13 6.23 0.56
N ALA A 12 -1.04 6.05 -0.04
CA ALA A 12 -1.26 6.43 -1.43
C ALA A 12 -0.77 7.85 -1.68
N ILE A 13 -0.12 8.05 -2.83
CA ILE A 13 0.40 9.36 -3.19
C ILE A 13 -0.55 10.09 -4.14
N TYR A 14 -1.02 9.38 -5.17
CA TYR A 14 -1.93 9.95 -6.14
C TYR A 14 -3.16 9.06 -6.31
N HIS A 15 -4.31 9.69 -6.58
CA HIS A 15 -5.55 8.96 -6.77
C HIS A 15 -5.37 7.82 -7.77
N PHE A 16 -5.55 6.60 -7.30
CA PHE A 16 -5.40 5.42 -8.15
C PHE A 16 -6.69 4.60 -8.16
N GLU A 17 -7.17 4.27 -9.36
CA GLU A 17 -8.39 3.49 -9.51
C GLU A 17 -8.06 2.04 -9.84
N GLY A 18 -8.48 1.13 -8.96
CA GLY A 18 -8.23 -0.29 -9.18
C GLY A 18 -9.34 -0.96 -9.96
N SER A 19 -9.68 -0.40 -11.11
CA SER A 19 -10.73 -0.96 -11.95
C SER A 19 -10.40 -2.38 -12.38
N SER A 20 -9.31 -2.52 -13.13
CA SER A 20 -8.87 -3.83 -13.61
C SER A 20 -9.18 -4.91 -12.58
N GLU A 21 -10.03 -5.86 -12.97
CA GLU A 21 -10.41 -6.95 -12.08
C GLU A 21 -9.20 -7.45 -11.28
N GLY A 22 -9.15 -7.06 -10.01
CA GLY A 22 -8.04 -7.46 -9.16
C GLY A 22 -7.41 -6.30 -8.43
N THR A 23 -7.03 -5.27 -9.17
CA THR A 23 -6.41 -4.09 -8.59
C THR A 23 -7.33 -3.44 -7.55
N ILE A 24 -6.73 -2.68 -6.64
CA ILE A 24 -7.49 -2.00 -5.60
C ILE A 24 -7.39 -0.48 -5.72
N SER A 25 -8.44 0.21 -5.32
CA SER A 25 -8.46 1.67 -5.39
C SER A 25 -8.08 2.29 -4.05
N MET A 26 -7.28 3.34 -4.10
CA MET A 26 -6.85 4.04 -2.89
C MET A 26 -7.13 5.53 -2.98
N ALA A 27 -7.25 6.17 -1.82
CA ALA A 27 -7.52 7.60 -1.78
C ALA A 27 -6.25 8.39 -1.49
N GLU A 28 -6.02 9.46 -2.25
CA GLU A 28 -4.84 10.30 -2.07
C GLU A 28 -4.57 10.54 -0.58
N GLY A 29 -3.44 10.03 -0.11
CA GLY A 29 -3.08 10.21 1.28
C GLY A 29 -3.79 9.21 2.20
N GLU A 30 -4.12 8.05 1.66
CA GLU A 30 -4.81 7.02 2.42
C GLU A 30 -3.82 5.98 2.95
N ASP A 31 -4.03 5.55 4.19
CA ASP A 31 -3.16 4.56 4.82
C ASP A 31 -3.37 3.18 4.20
N LEU A 32 -2.30 2.42 4.06
CA LEU A 32 -2.37 1.09 3.49
C LEU A 32 -1.43 0.13 4.22
N SER A 33 -1.71 -1.16 4.11
CA SER A 33 -0.89 -2.18 4.76
C SER A 33 -0.08 -2.96 3.72
N LEU A 34 1.23 -2.70 3.70
CA LEU A 34 2.12 -3.37 2.76
C LEU A 34 2.07 -4.88 2.94
N MET A 35 1.52 -5.58 1.95
CA MET A 35 1.41 -7.03 2.01
C MET A 35 2.42 -7.68 1.06
N GLU A 36 2.23 -7.46 -0.23
CA GLU A 36 3.11 -8.04 -1.24
C GLU A 36 4.12 -7.01 -1.73
N GLU A 37 5.41 -7.28 -1.52
CA GLU A 37 6.46 -6.37 -1.94
C GLU A 37 6.68 -6.44 -3.45
N ASP A 38 7.19 -5.35 -4.02
CA ASP A 38 7.44 -5.31 -5.46
C ASP A 38 8.92 -5.51 -5.75
N LYS A 39 9.24 -6.59 -6.46
CA LYS A 39 10.62 -6.90 -6.81
C LYS A 39 10.92 -6.48 -8.25
N GLY A 40 11.44 -5.27 -8.42
CA GLY A 40 11.76 -4.78 -9.74
C GLY A 40 10.58 -4.86 -10.69
N ASP A 41 9.39 -5.03 -10.14
CA ASP A 41 8.18 -5.12 -10.96
C ASP A 41 7.38 -3.83 -10.88
N GLY A 42 7.37 -3.21 -9.70
CA GLY A 42 6.62 -1.98 -9.51
C GLY A 42 5.21 -2.21 -9.02
N TRP A 43 4.93 -3.46 -8.62
CA TRP A 43 3.60 -3.81 -8.12
C TRP A 43 3.66 -4.21 -6.66
N THR A 44 2.93 -3.48 -5.82
CA THR A 44 2.90 -3.75 -4.39
C THR A 44 1.47 -3.95 -3.90
N ARG A 45 1.18 -5.13 -3.37
CA ARG A 45 -0.15 -5.43 -2.86
C ARG A 45 -0.32 -4.91 -1.44
N VAL A 46 -1.37 -4.12 -1.23
CA VAL A 46 -1.64 -3.55 0.09
C VAL A 46 -3.07 -3.87 0.53
N ARG A 47 -3.36 -3.58 1.79
CA ARG A 47 -4.69 -3.84 2.35
C ARG A 47 -5.31 -2.55 2.88
N ARG A 48 -6.65 -2.49 2.85
CA ARG A 48 -7.37 -1.31 3.32
C ARG A 48 -8.15 -1.63 4.60
N LYS A 49 -8.00 -0.77 5.60
CA LYS A 49 -8.70 -0.96 6.87
C LYS A 49 -10.07 -1.59 6.65
N GLU A 50 -10.79 -1.08 5.67
CA GLU A 50 -12.13 -1.60 5.36
C GLU A 50 -12.09 -3.11 5.17
N GLY A 51 -11.42 -3.57 4.13
CA GLY A 51 -11.33 -4.99 3.86
C GLY A 51 -11.11 -5.29 2.39
N GLY A 52 -10.32 -4.45 1.73
CA GLY A 52 -10.04 -4.65 0.32
C GLY A 52 -8.56 -4.81 0.03
N GLU A 53 -8.24 -5.61 -0.98
CA GLU A 53 -6.84 -5.85 -1.34
C GLU A 53 -6.67 -5.86 -2.86
N GLY A 54 -5.49 -5.50 -3.32
CA GLY A 54 -5.23 -5.47 -4.74
C GLY A 54 -3.79 -5.10 -5.07
N TYR A 55 -3.42 -5.19 -6.33
CA TYR A 55 -2.07 -4.86 -6.76
C TYR A 55 -1.98 -3.41 -7.23
N VAL A 56 -1.33 -2.58 -6.42
CA VAL A 56 -1.17 -1.16 -6.74
C VAL A 56 0.26 -0.84 -7.15
N PRO A 57 0.42 0.18 -8.00
CA PRO A 57 1.73 0.60 -8.49
C PRO A 57 2.58 1.25 -7.39
N THR A 58 3.72 0.63 -7.08
CA THR A 58 4.61 1.16 -6.05
C THR A 58 4.83 2.65 -6.22
N SER A 59 4.93 3.09 -7.48
CA SER A 59 5.15 4.49 -7.77
C SER A 59 4.14 5.37 -7.05
N TYR A 60 2.92 4.87 -6.92
CA TYR A 60 1.86 5.61 -6.25
C TYR A 60 1.82 5.28 -4.76
N LEU A 61 2.95 4.83 -4.23
CA LEU A 61 3.05 4.48 -2.82
C LEU A 61 4.27 5.13 -2.17
N ARG A 62 4.04 5.89 -1.12
CA ARG A 62 5.12 6.56 -0.41
C ARG A 62 5.31 5.99 0.99
N VAL A 63 6.36 5.19 1.16
CA VAL A 63 6.65 4.57 2.45
C VAL A 63 6.58 5.59 3.57
N THR A 64 6.04 5.18 4.72
CA THR A 64 5.92 6.06 5.87
C THR A 64 7.15 5.96 6.77
N SER A 65 8.12 6.85 6.55
CA SER A 65 9.35 6.85 7.33
C SER A 65 9.97 8.24 7.35
N GLY A 66 10.87 8.47 8.31
CA GLY A 66 11.53 9.76 8.42
C GLY A 66 13.01 9.67 8.12
N PRO A 67 13.75 10.73 8.48
CA PRO A 67 15.20 10.80 8.25
C PRO A 67 15.96 9.84 9.14
N SER A 68 15.31 9.35 10.19
CA SER A 68 15.93 8.41 11.13
C SER A 68 15.89 6.99 10.58
N SER A 69 16.59 6.08 11.25
CA SER A 69 16.63 4.69 10.84
C SER A 69 16.67 4.58 9.32
N GLY A 70 17.48 5.43 8.70
CA GLY A 70 17.59 5.40 7.25
C GLY A 70 16.51 6.21 6.57
N GLY A 1 1.96 -16.82 14.64
CA GLY A 1 0.87 -16.08 15.27
C GLY A 1 0.84 -14.62 14.85
N SER A 2 1.92 -13.90 15.14
CA SER A 2 2.01 -12.49 14.79
C SER A 2 3.09 -12.26 13.73
N SER A 3 4.29 -12.79 13.99
CA SER A 3 5.40 -12.63 13.06
C SER A 3 5.24 -13.56 11.86
N GLY A 4 5.64 -13.08 10.69
CA GLY A 4 5.52 -13.87 9.48
C GLY A 4 5.90 -13.10 8.23
N SER A 5 4.91 -12.46 7.62
CA SER A 5 5.13 -11.68 6.41
C SER A 5 6.01 -10.47 6.70
N SER A 6 6.50 -9.84 5.64
CA SER A 6 7.36 -8.66 5.77
C SER A 6 6.52 -7.41 6.06
N GLY A 7 6.78 -6.78 7.21
CA GLY A 7 6.05 -5.59 7.57
C GLY A 7 6.44 -4.39 6.73
N GLY A 8 5.65 -3.33 6.80
CA GLY A 8 5.93 -2.13 6.04
C GLY A 8 4.73 -1.21 5.93
N HIS A 9 4.95 0.08 6.14
CA HIS A 9 3.89 1.07 6.07
C HIS A 9 4.01 1.91 4.80
N CYS A 10 2.86 2.22 4.19
CA CYS A 10 2.84 3.02 2.98
C CYS A 10 1.51 3.77 2.83
N VAL A 11 1.56 4.92 2.19
CA VAL A 11 0.36 5.73 1.99
C VAL A 11 0.23 6.16 0.54
N ALA A 12 -0.98 6.02 -0.02
CA ALA A 12 -1.23 6.41 -1.39
C ALA A 12 -0.76 7.83 -1.67
N ILE A 13 -0.10 8.02 -2.80
CA ILE A 13 0.39 9.34 -3.19
C ILE A 13 -0.63 10.09 -4.03
N TYR A 14 -1.24 9.39 -4.98
CA TYR A 14 -2.24 10.00 -5.85
C TYR A 14 -3.46 9.10 -5.98
N HIS A 15 -4.64 9.71 -6.14
CA HIS A 15 -5.88 8.97 -6.27
C HIS A 15 -5.76 7.92 -7.38
N PHE A 16 -5.61 6.66 -6.98
CA PHE A 16 -5.49 5.57 -7.93
C PHE A 16 -6.81 4.82 -8.07
N GLU A 17 -7.14 4.42 -9.30
CA GLU A 17 -8.37 3.69 -9.58
C GLU A 17 -8.08 2.30 -10.10
N GLY A 18 -8.26 1.30 -9.25
CA GLY A 18 -8.00 -0.07 -9.65
C GLY A 18 -9.23 -0.73 -10.25
N SER A 19 -9.26 -0.80 -11.58
CA SER A 19 -10.40 -1.41 -12.28
C SER A 19 -10.10 -2.87 -12.61
N SER A 20 -9.01 -3.11 -13.34
CA SER A 20 -8.62 -4.45 -13.72
C SER A 20 -8.96 -5.45 -12.61
N GLU A 21 -9.41 -6.63 -13.00
CA GLU A 21 -9.76 -7.68 -12.05
C GLU A 21 -8.61 -7.95 -11.08
N GLY A 22 -8.66 -7.31 -9.92
CA GLY A 22 -7.61 -7.50 -8.93
C GLY A 22 -7.13 -6.19 -8.35
N THR A 23 -6.85 -5.22 -9.22
CA THR A 23 -6.36 -3.92 -8.78
C THR A 23 -7.31 -3.29 -7.76
N ILE A 24 -6.79 -2.38 -6.95
CA ILE A 24 -7.59 -1.70 -5.94
C ILE A 24 -7.36 -0.20 -5.96
N SER A 25 -8.40 0.56 -5.63
CA SER A 25 -8.32 2.01 -5.61
C SER A 25 -8.03 2.52 -4.20
N MET A 26 -7.24 3.59 -4.12
CA MET A 26 -6.88 4.18 -2.83
C MET A 26 -7.12 5.68 -2.84
N ALA A 27 -7.22 6.27 -1.65
CA ALA A 27 -7.44 7.71 -1.52
C ALA A 27 -6.13 8.44 -1.26
N GLU A 28 -5.93 9.54 -1.96
CA GLU A 28 -4.72 10.34 -1.80
C GLU A 28 -4.36 10.51 -0.32
N GLY A 29 -3.22 9.95 0.08
CA GLY A 29 -2.80 10.04 1.46
C GLY A 29 -3.53 9.07 2.36
N GLU A 30 -3.92 7.93 1.81
CA GLU A 30 -4.63 6.91 2.58
C GLU A 30 -3.66 5.86 3.13
N ASP A 31 -3.90 5.45 4.37
CA ASP A 31 -3.05 4.46 5.01
C ASP A 31 -3.32 3.07 4.47
N LEU A 32 -2.26 2.31 4.23
CA LEU A 32 -2.39 0.94 3.71
C LEU A 32 -1.41 0.00 4.40
N SER A 33 -1.73 -1.29 4.34
CA SER A 33 -0.88 -2.31 4.97
C SER A 33 -0.07 -3.07 3.92
N LEU A 34 1.21 -2.80 3.86
CA LEU A 34 2.10 -3.45 2.90
C LEU A 34 2.04 -4.97 3.06
N MET A 35 1.68 -5.66 1.98
CA MET A 35 1.59 -7.11 2.00
C MET A 35 2.60 -7.74 1.04
N GLU A 36 2.44 -7.43 -0.25
CA GLU A 36 3.34 -7.97 -1.27
C GLU A 36 4.27 -6.88 -1.80
N GLU A 37 5.57 -7.06 -1.59
CA GLU A 37 6.56 -6.09 -2.04
C GLU A 37 6.76 -6.19 -3.55
N ASP A 38 7.25 -5.10 -4.14
CA ASP A 38 7.49 -5.06 -5.58
C ASP A 38 8.95 -5.37 -5.90
N LYS A 39 9.17 -6.46 -6.63
CA LYS A 39 10.52 -6.87 -7.00
C LYS A 39 10.76 -6.65 -8.50
N GLY A 40 11.32 -5.49 -8.83
CA GLY A 40 11.60 -5.19 -10.22
C GLY A 40 10.35 -5.25 -11.09
N ASP A 41 9.18 -5.17 -10.45
CA ASP A 41 7.92 -5.23 -11.18
C ASP A 41 7.14 -3.93 -11.01
N GLY A 42 7.23 -3.33 -9.82
CA GLY A 42 6.54 -2.10 -9.55
C GLY A 42 5.11 -2.32 -9.09
N TRP A 43 4.82 -3.53 -8.63
CA TRP A 43 3.49 -3.88 -8.16
C TRP A 43 3.53 -4.35 -6.70
N THR A 44 2.80 -3.64 -5.84
CA THR A 44 2.76 -3.99 -4.43
C THR A 44 1.32 -4.15 -3.94
N ARG A 45 1.07 -5.21 -3.19
CA ARG A 45 -0.26 -5.49 -2.67
C ARG A 45 -0.40 -4.97 -1.24
N VAL A 46 -1.45 -4.19 -1.00
CA VAL A 46 -1.70 -3.63 0.33
C VAL A 46 -3.14 -3.87 0.76
N ARG A 47 -3.40 -3.69 2.05
CA ARG A 47 -4.74 -3.89 2.60
C ARG A 47 -5.34 -2.57 3.04
N ARG A 48 -6.67 -2.46 2.95
CA ARG A 48 -7.36 -1.24 3.35
C ARG A 48 -8.24 -1.49 4.57
N LYS A 49 -8.66 -0.42 5.23
CA LYS A 49 -9.50 -0.51 6.41
C LYS A 49 -10.80 -1.24 6.09
N GLU A 50 -11.32 -1.01 4.89
CA GLU A 50 -12.56 -1.64 4.46
C GLU A 50 -12.30 -3.01 3.85
N GLY A 51 -11.35 -3.74 4.44
CA GLY A 51 -11.02 -5.06 3.94
C GLY A 51 -10.83 -5.08 2.44
N GLY A 52 -10.18 -4.04 1.92
CA GLY A 52 -9.95 -3.96 0.49
C GLY A 52 -8.48 -4.04 0.13
N GLU A 53 -8.08 -5.12 -0.52
CA GLU A 53 -6.69 -5.32 -0.90
C GLU A 53 -6.57 -5.52 -2.42
N GLY A 54 -5.40 -5.23 -2.95
CA GLY A 54 -5.17 -5.38 -4.38
C GLY A 54 -3.77 -4.98 -4.80
N TYR A 55 -3.42 -5.28 -6.05
CA TYR A 55 -2.10 -4.94 -6.57
C TYR A 55 -2.06 -3.50 -7.07
N VAL A 56 -1.43 -2.63 -6.29
CA VAL A 56 -1.32 -1.22 -6.65
C VAL A 56 0.10 -0.88 -7.08
N PRO A 57 0.23 0.15 -7.93
CA PRO A 57 1.53 0.60 -8.43
C PRO A 57 2.36 1.28 -7.36
N THR A 58 3.56 0.77 -7.13
CA THR A 58 4.46 1.33 -6.12
C THR A 58 4.67 2.83 -6.34
N SER A 59 4.62 3.24 -7.59
CA SER A 59 4.81 4.65 -7.94
C SER A 59 3.79 5.53 -7.22
N TYR A 60 2.65 4.94 -6.88
CA TYR A 60 1.60 5.66 -6.18
C TYR A 60 1.62 5.35 -4.68
N LEU A 61 2.76 4.87 -4.21
CA LEU A 61 2.91 4.53 -2.79
C LEU A 61 4.18 5.16 -2.23
N ARG A 62 4.02 5.94 -1.15
CA ARG A 62 5.15 6.59 -0.51
C ARG A 62 5.40 6.01 0.89
N VAL A 63 6.42 5.18 1.01
CA VAL A 63 6.76 4.57 2.30
C VAL A 63 6.63 5.57 3.43
N THR A 64 6.03 5.13 4.53
CA THR A 64 5.84 5.98 5.69
C THR A 64 6.38 5.33 6.96
N SER A 65 7.33 6.00 7.60
CA SER A 65 7.95 5.48 8.82
C SER A 65 7.35 6.15 10.06
N GLY A 66 7.08 5.35 11.08
CA GLY A 66 6.51 5.88 12.31
C GLY A 66 5.22 6.63 12.06
N PRO A 67 4.86 7.53 13.01
CA PRO A 67 3.64 8.33 12.91
C PRO A 67 3.71 9.38 11.81
N SER A 68 3.10 9.07 10.67
CA SER A 68 3.10 9.99 9.54
C SER A 68 2.96 11.43 10.00
N SER A 69 3.44 12.36 9.18
CA SER A 69 3.38 13.78 9.52
C SER A 69 2.09 14.40 8.99
N GLY A 70 1.85 15.67 9.34
CA GLY A 70 0.66 16.35 8.90
C GLY A 70 -0.52 16.11 9.81
N GLY A 1 -4.62 0.96 18.94
CA GLY A 1 -4.58 -0.02 17.87
C GLY A 1 -4.51 -1.44 18.38
N SER A 2 -5.67 -2.05 18.60
CA SER A 2 -5.74 -3.42 19.10
C SER A 2 -5.06 -4.37 18.14
N SER A 3 -5.50 -4.37 16.89
CA SER A 3 -4.92 -5.25 15.87
C SER A 3 -3.58 -4.72 15.40
N GLY A 4 -2.59 -5.61 15.31
CA GLY A 4 -1.27 -5.22 14.87
C GLY A 4 -0.73 -6.13 13.78
N SER A 5 -0.89 -5.71 12.53
CA SER A 5 -0.42 -6.49 11.40
C SER A 5 1.11 -6.48 11.31
N SER A 6 1.68 -7.51 10.72
CA SER A 6 3.13 -7.62 10.58
C SER A 6 3.54 -7.51 9.11
N GLY A 7 3.98 -6.31 8.71
CA GLY A 7 4.39 -6.11 7.34
C GLY A 7 5.17 -4.81 7.16
N GLY A 8 4.50 -3.80 6.60
CA GLY A 8 5.16 -2.52 6.39
C GLY A 8 4.20 -1.35 6.52
N HIS A 9 4.61 -0.20 6.02
CA HIS A 9 3.79 1.00 6.09
C HIS A 9 3.90 1.82 4.81
N CYS A 10 2.76 2.12 4.20
CA CYS A 10 2.74 2.89 2.96
C CYS A 10 1.42 3.64 2.80
N VAL A 11 1.48 4.82 2.20
CA VAL A 11 0.29 5.64 2.00
C VAL A 11 0.17 6.08 0.54
N ALA A 12 -1.04 5.96 -0.01
CA ALA A 12 -1.28 6.35 -1.39
C ALA A 12 -0.82 7.79 -1.65
N ILE A 13 -0.12 7.99 -2.76
CA ILE A 13 0.37 9.31 -3.12
C ILE A 13 -0.64 10.06 -3.97
N TYR A 14 -1.25 9.37 -4.92
CA TYR A 14 -2.24 9.96 -5.80
C TYR A 14 -3.47 9.08 -5.93
N HIS A 15 -4.63 9.70 -6.04
CA HIS A 15 -5.89 8.97 -6.17
C HIS A 15 -5.79 7.90 -7.25
N PHE A 16 -5.76 6.64 -6.83
CA PHE A 16 -5.66 5.52 -7.76
C PHE A 16 -6.95 4.71 -7.78
N GLU A 17 -7.47 4.46 -8.98
CA GLU A 17 -8.69 3.69 -9.13
C GLU A 17 -8.41 2.28 -9.66
N GLY A 18 -9.04 1.28 -9.05
CA GLY A 18 -8.84 -0.09 -9.47
C GLY A 18 -9.70 -0.46 -10.66
N SER A 19 -9.48 0.21 -11.78
CA SER A 19 -10.25 -0.06 -12.99
C SER A 19 -9.61 -1.19 -13.80
N SER A 20 -9.17 -2.23 -13.10
CA SER A 20 -8.53 -3.37 -13.76
C SER A 20 -8.70 -4.63 -12.92
N GLU A 21 -8.27 -5.76 -13.48
CA GLU A 21 -8.38 -7.04 -12.79
C GLU A 21 -7.25 -7.19 -11.75
N GLY A 22 -7.59 -7.80 -10.63
CA GLY A 22 -6.61 -8.00 -9.57
C GLY A 22 -5.99 -6.70 -9.10
N THR A 23 -6.83 -5.71 -8.85
CA THR A 23 -6.36 -4.40 -8.40
C THR A 23 -7.28 -3.83 -7.32
N ILE A 24 -6.78 -2.83 -6.59
CA ILE A 24 -7.56 -2.20 -5.54
C ILE A 24 -7.52 -0.68 -5.66
N SER A 25 -8.61 -0.03 -5.28
CA SER A 25 -8.71 1.42 -5.34
C SER A 25 -8.34 2.06 -4.00
N MET A 26 -7.57 3.13 -4.05
CA MET A 26 -7.15 3.84 -2.86
C MET A 26 -7.42 5.33 -2.97
N ALA A 27 -7.21 6.06 -1.88
CA ALA A 27 -7.43 7.50 -1.86
C ALA A 27 -6.12 8.25 -1.58
N GLU A 28 -5.98 9.41 -2.19
CA GLU A 28 -4.78 10.22 -2.01
C GLU A 28 -4.50 10.46 -0.53
N GLY A 29 -3.38 9.93 -0.05
CA GLY A 29 -3.01 10.08 1.34
C GLY A 29 -3.74 9.11 2.24
N GLU A 30 -4.13 7.96 1.69
CA GLU A 30 -4.84 6.95 2.46
C GLU A 30 -3.88 5.91 3.02
N ASP A 31 -4.13 5.48 4.24
CA ASP A 31 -3.28 4.48 4.90
C ASP A 31 -3.57 3.09 4.38
N LEU A 32 -2.52 2.30 4.18
CA LEU A 32 -2.67 0.94 3.68
C LEU A 32 -1.72 -0.01 4.40
N SER A 33 -2.05 -1.30 4.39
CA SER A 33 -1.22 -2.31 5.05
C SER A 33 -0.40 -3.08 4.03
N LEU A 34 0.90 -2.78 3.97
CA LEU A 34 1.79 -3.45 3.04
C LEU A 34 1.67 -4.96 3.15
N MET A 35 1.54 -5.63 2.00
CA MET A 35 1.42 -7.08 1.97
C MET A 35 2.62 -7.72 1.27
N GLU A 36 2.73 -7.48 -0.04
CA GLU A 36 3.82 -8.03 -0.83
C GLU A 36 4.61 -6.92 -1.50
N GLU A 37 5.93 -6.95 -1.34
CA GLU A 37 6.81 -5.95 -1.94
C GLU A 37 6.91 -6.13 -3.44
N ASP A 38 7.43 -5.12 -4.13
CA ASP A 38 7.58 -5.18 -5.58
C ASP A 38 9.04 -5.38 -5.97
N LYS A 39 9.33 -6.50 -6.61
CA LYS A 39 10.69 -6.81 -7.03
C LYS A 39 10.82 -6.72 -8.55
N GLY A 40 11.26 -5.56 -9.03
CA GLY A 40 11.42 -5.35 -10.46
C GLY A 40 10.14 -5.57 -11.23
N ASP A 41 9.01 -5.26 -10.58
CA ASP A 41 7.70 -5.42 -11.22
C ASP A 41 6.91 -4.13 -11.16
N GLY A 42 7.03 -3.42 -10.04
CA GLY A 42 6.31 -2.16 -9.88
C GLY A 42 4.93 -2.36 -9.27
N TRP A 43 4.71 -3.53 -8.68
CA TRP A 43 3.42 -3.84 -8.06
C TRP A 43 3.61 -4.23 -6.60
N THR A 44 2.86 -3.58 -5.72
CA THR A 44 2.94 -3.85 -4.29
C THR A 44 1.56 -4.07 -3.69
N ARG A 45 1.30 -5.28 -3.23
CA ARG A 45 0.01 -5.62 -2.63
C ARG A 45 -0.16 -4.93 -1.27
N VAL A 46 -1.33 -4.34 -1.06
CA VAL A 46 -1.62 -3.66 0.19
C VAL A 46 -3.06 -3.91 0.64
N ARG A 47 -3.39 -3.44 1.84
CA ARG A 47 -4.72 -3.62 2.38
C ARG A 47 -5.33 -2.28 2.80
N ARG A 48 -6.65 -2.26 2.96
CA ARG A 48 -7.34 -1.04 3.36
C ARG A 48 -8.06 -1.24 4.69
N LYS A 49 -8.05 -0.20 5.52
CA LYS A 49 -8.70 -0.25 6.82
C LYS A 49 -10.09 -0.87 6.71
N GLU A 50 -10.81 -0.53 5.64
CA GLU A 50 -12.15 -1.05 5.42
C GLU A 50 -12.13 -2.57 5.34
N GLY A 51 -11.36 -3.10 4.39
CA GLY A 51 -11.26 -4.54 4.23
C GLY A 51 -11.07 -4.95 2.79
N GLY A 52 -10.25 -4.20 2.06
CA GLY A 52 -10.01 -4.50 0.66
C GLY A 52 -8.53 -4.54 0.32
N GLU A 53 -8.12 -5.54 -0.44
CA GLU A 53 -6.72 -5.68 -0.82
C GLU A 53 -6.59 -5.90 -2.33
N GLY A 54 -5.46 -5.48 -2.89
CA GLY A 54 -5.24 -5.63 -4.32
C GLY A 54 -3.82 -5.27 -4.72
N TYR A 55 -3.58 -5.23 -6.02
CA TYR A 55 -2.26 -4.89 -6.54
C TYR A 55 -2.22 -3.46 -7.06
N VAL A 56 -1.48 -2.61 -6.36
CA VAL A 56 -1.35 -1.20 -6.75
C VAL A 56 0.07 -0.89 -7.20
N PRO A 57 0.20 0.11 -8.09
CA PRO A 57 1.49 0.54 -8.62
C PRO A 57 2.35 1.23 -7.56
N THR A 58 3.50 0.63 -7.26
CA THR A 58 4.40 1.19 -6.26
C THR A 58 4.58 2.69 -6.46
N SER A 59 4.62 3.12 -7.73
CA SER A 59 4.79 4.53 -8.05
C SER A 59 3.85 5.40 -7.21
N TYR A 60 2.64 4.88 -6.96
CA TYR A 60 1.65 5.61 -6.18
C TYR A 60 1.72 5.21 -4.70
N LEU A 61 2.92 4.86 -4.25
CA LEU A 61 3.13 4.45 -2.86
C LEU A 61 4.35 5.14 -2.27
N ARG A 62 4.14 5.89 -1.19
CA ARG A 62 5.22 6.61 -0.52
C ARG A 62 5.49 6.02 0.86
N VAL A 63 6.42 5.08 0.93
CA VAL A 63 6.76 4.44 2.20
C VAL A 63 6.92 5.48 3.31
N THR A 64 6.08 5.38 4.33
CA THR A 64 6.12 6.32 5.45
C THR A 64 7.53 6.42 6.02
N SER A 65 7.94 7.64 6.35
CA SER A 65 9.27 7.88 6.89
C SER A 65 9.20 8.81 8.10
N GLY A 66 9.75 8.34 9.23
CA GLY A 66 9.74 9.13 10.44
C GLY A 66 10.72 8.63 11.47
N PRO A 67 10.24 7.78 12.40
CA PRO A 67 11.07 7.22 13.46
C PRO A 67 12.08 6.21 12.92
N SER A 68 13.05 5.85 13.77
CA SER A 68 14.08 4.90 13.37
C SER A 68 14.69 4.21 14.60
N SER A 69 15.24 3.02 14.39
CA SER A 69 15.84 2.26 15.48
C SER A 69 17.34 2.07 15.24
N GLY A 70 18.13 2.96 15.82
CA GLY A 70 19.58 2.86 15.66
C GLY A 70 20.33 3.59 16.77
N GLY A 1 -3.34 -21.83 9.48
CA GLY A 1 -2.09 -21.15 9.20
C GLY A 1 -2.28 -19.84 8.48
N SER A 2 -2.67 -18.81 9.23
CA SER A 2 -2.90 -17.48 8.66
C SER A 2 -1.58 -16.76 8.42
N SER A 3 -1.49 -16.08 7.29
CA SER A 3 -0.28 -15.34 6.93
C SER A 3 -0.06 -14.16 7.88
N GLY A 4 1.20 -13.96 8.26
CA GLY A 4 1.52 -12.86 9.16
C GLY A 4 2.86 -12.23 8.85
N SER A 5 3.53 -11.71 9.87
CA SER A 5 4.82 -11.06 9.70
C SER A 5 4.67 -9.73 8.95
N SER A 6 3.65 -8.97 9.32
CA SER A 6 3.40 -7.68 8.69
C SER A 6 4.29 -6.60 9.28
N GLY A 7 5.16 -6.03 8.45
CA GLY A 7 6.06 -4.98 8.92
C GLY A 7 6.34 -3.94 7.86
N GLY A 8 5.28 -3.54 7.14
CA GLY A 8 5.44 -2.55 6.10
C GLY A 8 4.37 -1.49 6.14
N HIS A 9 4.77 -0.22 6.03
CA HIS A 9 3.83 0.89 6.06
C HIS A 9 3.93 1.73 4.79
N CYS A 10 2.79 2.02 4.18
CA CYS A 10 2.75 2.82 2.96
C CYS A 10 1.42 3.55 2.83
N VAL A 11 1.46 4.73 2.21
CA VAL A 11 0.26 5.53 2.03
C VAL A 11 0.12 5.98 0.57
N ALA A 12 -1.08 5.82 0.03
CA ALA A 12 -1.34 6.21 -1.35
C ALA A 12 -0.90 7.64 -1.62
N ILE A 13 -0.14 7.83 -2.69
CA ILE A 13 0.36 9.16 -3.05
C ILE A 13 -0.65 9.90 -3.91
N TYR A 14 -1.25 9.20 -4.87
CA TYR A 14 -2.23 9.81 -5.76
C TYR A 14 -3.47 8.91 -5.88
N HIS A 15 -4.61 9.53 -6.16
CA HIS A 15 -5.86 8.80 -6.31
C HIS A 15 -5.75 7.75 -7.41
N PHE A 16 -5.71 6.48 -7.01
CA PHE A 16 -5.60 5.38 -7.96
C PHE A 16 -6.94 4.66 -8.11
N GLU A 17 -7.30 4.35 -9.35
CA GLU A 17 -8.55 3.66 -9.64
C GLU A 17 -8.30 2.24 -10.12
N GLY A 18 -8.39 1.28 -9.21
CA GLY A 18 -8.16 -0.11 -9.57
C GLY A 18 -9.41 -0.78 -10.12
N SER A 19 -9.80 -0.38 -11.33
CA SER A 19 -10.98 -0.93 -11.96
C SER A 19 -10.61 -1.68 -13.24
N SER A 20 -9.51 -2.42 -13.19
CA SER A 20 -9.04 -3.18 -14.34
C SER A 20 -9.28 -4.68 -14.14
N GLU A 21 -8.57 -5.25 -13.17
CA GLU A 21 -8.71 -6.68 -12.87
C GLU A 21 -7.92 -7.05 -11.63
N GLY A 22 -8.63 -7.28 -10.53
CA GLY A 22 -7.98 -7.64 -9.28
C GLY A 22 -7.43 -6.44 -8.54
N THR A 23 -6.91 -5.47 -9.29
CA THR A 23 -6.34 -4.27 -8.70
C THR A 23 -7.30 -3.66 -7.68
N ILE A 24 -6.82 -2.66 -6.96
CA ILE A 24 -7.63 -1.99 -5.95
C ILE A 24 -7.47 -0.46 -6.04
N SER A 25 -8.51 0.25 -5.65
CA SER A 25 -8.49 1.70 -5.68
C SER A 25 -8.25 2.28 -4.28
N MET A 26 -7.48 3.36 -4.22
CA MET A 26 -7.17 4.01 -2.94
C MET A 26 -7.42 5.51 -3.02
N ALA A 27 -7.25 6.19 -1.89
CA ALA A 27 -7.47 7.63 -1.84
C ALA A 27 -6.16 8.36 -1.55
N GLU A 28 -6.00 9.54 -2.13
CA GLU A 28 -4.80 10.34 -1.93
C GLU A 28 -4.50 10.52 -0.45
N GLY A 29 -3.40 9.93 0.00
CA GLY A 29 -3.02 10.04 1.40
C GLY A 29 -3.76 9.05 2.27
N GLU A 30 -4.14 7.91 1.69
CA GLU A 30 -4.85 6.88 2.43
C GLU A 30 -3.89 5.85 3.02
N ASP A 31 -4.17 5.42 4.25
CA ASP A 31 -3.33 4.44 4.92
C ASP A 31 -3.58 3.04 4.37
N LEU A 32 -2.51 2.28 4.17
CA LEU A 32 -2.61 0.93 3.65
C LEU A 32 -1.70 -0.02 4.42
N SER A 33 -2.00 -1.32 4.34
CA SER A 33 -1.20 -2.32 5.04
C SER A 33 -0.37 -3.13 4.05
N LEU A 34 0.94 -2.86 4.01
CA LEU A 34 1.85 -3.56 3.11
C LEU A 34 1.66 -5.06 3.22
N MET A 35 1.56 -5.72 2.06
CA MET A 35 1.39 -7.16 2.03
C MET A 35 2.57 -7.84 1.32
N GLU A 36 2.73 -7.54 0.03
CA GLU A 36 3.82 -8.12 -0.75
C GLU A 36 4.67 -7.02 -1.39
N GLU A 37 5.98 -7.14 -1.22
CA GLU A 37 6.92 -6.16 -1.76
C GLU A 37 7.02 -6.30 -3.28
N ASP A 38 7.52 -5.25 -3.93
CA ASP A 38 7.67 -5.26 -5.38
C ASP A 38 9.14 -5.43 -5.78
N LYS A 39 9.43 -6.52 -6.47
CA LYS A 39 10.79 -6.81 -6.90
C LYS A 39 10.95 -6.59 -8.40
N GLY A 40 11.48 -5.43 -8.77
CA GLY A 40 11.67 -5.12 -10.18
C GLY A 40 10.39 -5.24 -10.97
N ASP A 41 9.25 -5.26 -10.28
CA ASP A 41 7.96 -5.37 -10.93
C ASP A 41 7.20 -4.04 -10.88
N GLY A 42 7.25 -3.39 -9.72
CA GLY A 42 6.57 -2.12 -9.56
C GLY A 42 5.17 -2.28 -9.01
N TRP A 43 4.88 -3.47 -8.48
CA TRP A 43 3.56 -3.75 -7.91
C TRP A 43 3.67 -4.17 -6.45
N THR A 44 2.96 -3.47 -5.58
CA THR A 44 2.99 -3.77 -4.16
C THR A 44 1.58 -3.99 -3.61
N ARG A 45 1.32 -5.20 -3.11
CA ARG A 45 0.02 -5.54 -2.56
C ARG A 45 -0.16 -4.93 -1.17
N VAL A 46 -1.33 -4.33 -0.94
CA VAL A 46 -1.63 -3.71 0.35
C VAL A 46 -3.08 -3.95 0.74
N ARG A 47 -3.42 -3.56 1.97
CA ARG A 47 -4.78 -3.73 2.47
C ARG A 47 -5.37 -2.39 2.91
N ARG A 48 -6.70 -2.30 2.87
CA ARG A 48 -7.38 -1.07 3.26
C ARG A 48 -7.67 -1.06 4.76
N LYS A 49 -8.38 -0.04 5.21
CA LYS A 49 -8.73 0.09 6.63
C LYS A 49 -9.94 -0.76 6.97
N GLU A 50 -10.82 -0.95 5.99
CA GLU A 50 -12.03 -1.74 6.19
C GLU A 50 -11.83 -3.17 5.71
N GLY A 51 -11.36 -3.31 4.47
CA GLY A 51 -11.12 -4.63 3.91
C GLY A 51 -11.04 -4.61 2.40
N GLY A 52 -9.92 -4.12 1.87
CA GLY A 52 -9.74 -4.05 0.44
C GLY A 52 -8.28 -4.20 0.03
N GLU A 53 -7.95 -5.33 -0.58
CA GLU A 53 -6.58 -5.59 -1.01
C GLU A 53 -6.51 -5.67 -2.53
N GLY A 54 -5.33 -5.34 -3.09
CA GLY A 54 -5.16 -5.38 -4.52
C GLY A 54 -3.76 -4.98 -4.94
N TYR A 55 -3.40 -5.28 -6.19
CA TYR A 55 -2.08 -4.94 -6.71
C TYR A 55 -2.04 -3.49 -7.19
N VAL A 56 -1.40 -2.63 -6.41
CA VAL A 56 -1.28 -1.22 -6.76
C VAL A 56 0.13 -0.88 -7.23
N PRO A 57 0.24 0.14 -8.08
CA PRO A 57 1.53 0.58 -8.62
C PRO A 57 2.40 1.25 -7.56
N THR A 58 3.64 0.78 -7.42
CA THR A 58 4.57 1.33 -6.44
C THR A 58 4.62 2.85 -6.54
N SER A 59 4.59 3.36 -7.77
CA SER A 59 4.64 4.80 -7.99
C SER A 59 3.58 5.52 -7.17
N TYR A 60 2.50 4.82 -6.88
CA TYR A 60 1.40 5.39 -6.10
C TYR A 60 1.52 5.02 -4.62
N LEU A 61 2.73 4.67 -4.21
CA LEU A 61 2.99 4.30 -2.82
C LEU A 61 4.23 5.00 -2.29
N ARG A 62 4.05 5.77 -1.22
CA ARG A 62 5.16 6.49 -0.61
C ARG A 62 5.48 5.93 0.78
N VAL A 63 6.47 5.06 0.85
CA VAL A 63 6.88 4.45 2.12
C VAL A 63 6.91 5.49 3.24
N THR A 64 5.98 5.36 4.18
CA THR A 64 5.90 6.28 5.30
C THR A 64 7.28 6.72 5.76
N SER A 65 7.37 7.93 6.30
CA SER A 65 8.64 8.46 6.78
C SER A 65 8.42 9.44 7.93
N GLY A 66 9.52 9.83 8.58
CA GLY A 66 9.42 10.76 9.69
C GLY A 66 8.66 10.18 10.86
N PRO A 67 9.35 9.39 11.70
CA PRO A 67 8.75 8.76 12.88
C PRO A 67 8.41 9.77 13.96
N SER A 68 7.28 9.56 14.63
CA SER A 68 6.83 10.46 15.69
C SER A 68 7.94 10.68 16.72
N SER A 69 8.30 11.93 16.92
CA SER A 69 9.35 12.29 17.87
C SER A 69 9.06 11.69 19.24
N GLY A 70 9.93 10.79 19.68
CA GLY A 70 9.76 10.14 20.97
C GLY A 70 8.31 9.81 21.26
N GLY A 1 -1.49 -6.31 22.73
CA GLY A 1 -0.63 -5.78 21.68
C GLY A 1 0.41 -6.78 21.22
N SER A 2 1.07 -7.42 22.17
CA SER A 2 2.10 -8.40 21.84
C SER A 2 2.94 -7.94 20.66
N SER A 3 3.31 -6.67 20.66
CA SER A 3 4.11 -6.10 19.58
C SER A 3 3.71 -6.69 18.23
N GLY A 4 2.40 -6.82 18.01
CA GLY A 4 1.90 -7.37 16.77
C GLY A 4 1.83 -6.34 15.67
N SER A 5 0.90 -6.54 14.73
CA SER A 5 0.73 -5.62 13.61
C SER A 5 2.08 -5.13 13.09
N SER A 6 3.03 -6.05 13.00
CA SER A 6 4.37 -5.73 12.53
C SER A 6 4.49 -5.98 11.02
N GLY A 7 4.66 -4.91 10.25
CA GLY A 7 4.77 -5.03 8.81
C GLY A 7 5.32 -3.77 8.17
N GLY A 8 4.72 -3.38 7.04
CA GLY A 8 5.16 -2.19 6.35
C GLY A 8 4.13 -1.07 6.38
N HIS A 9 4.61 0.16 6.35
CA HIS A 9 3.72 1.32 6.38
C HIS A 9 3.87 2.15 5.11
N CYS A 10 2.78 2.30 4.37
CA CYS A 10 2.80 3.06 3.13
C CYS A 10 1.47 3.79 2.91
N VAL A 11 1.54 4.99 2.35
CA VAL A 11 0.33 5.77 2.11
C VAL A 11 0.23 6.17 0.63
N ALA A 12 -0.99 6.15 0.11
CA ALA A 12 -1.22 6.49 -1.30
C ALA A 12 -0.71 7.90 -1.60
N ILE A 13 -0.06 8.06 -2.75
CA ILE A 13 0.47 9.35 -3.16
C ILE A 13 -0.51 10.09 -4.07
N TYR A 14 -1.14 9.35 -4.97
CA TYR A 14 -2.11 9.93 -5.89
C TYR A 14 -3.32 9.03 -6.06
N HIS A 15 -4.47 9.64 -6.36
CA HIS A 15 -5.71 8.88 -6.54
C HIS A 15 -5.52 7.75 -7.54
N PHE A 16 -5.74 6.52 -7.08
CA PHE A 16 -5.59 5.36 -7.94
C PHE A 16 -6.78 4.42 -7.80
N GLU A 17 -7.59 4.34 -8.85
CA GLU A 17 -8.78 3.50 -8.84
C GLU A 17 -8.53 2.21 -9.62
N GLY A 18 -8.47 1.09 -8.91
CA GLY A 18 -8.23 -0.19 -9.56
C GLY A 18 -9.34 -0.57 -10.53
N SER A 19 -9.19 -0.17 -11.77
CA SER A 19 -10.19 -0.45 -12.80
C SER A 19 -10.12 -1.92 -13.23
N SER A 20 -8.91 -2.38 -13.52
CA SER A 20 -8.70 -3.76 -13.95
C SER A 20 -9.40 -4.73 -13.00
N GLU A 21 -9.31 -6.02 -13.31
CA GLU A 21 -9.93 -7.05 -12.48
C GLU A 21 -9.14 -7.27 -11.20
N GLY A 22 -7.83 -7.46 -11.33
CA GLY A 22 -6.99 -7.68 -10.17
C GLY A 22 -6.29 -6.40 -9.71
N THR A 23 -7.06 -5.50 -9.12
CA THR A 23 -6.52 -4.24 -8.64
C THR A 23 -7.41 -3.64 -7.55
N ILE A 24 -6.84 -2.72 -6.76
CA ILE A 24 -7.58 -2.07 -5.68
C ILE A 24 -7.53 -0.56 -5.82
N SER A 25 -8.53 0.12 -5.26
CA SER A 25 -8.60 1.57 -5.31
C SER A 25 -8.18 2.20 -3.99
N MET A 26 -7.46 3.30 -4.05
CA MET A 26 -7.00 4.00 -2.86
C MET A 26 -7.21 5.51 -2.99
N ALA A 27 -7.15 6.20 -1.86
CA ALA A 27 -7.33 7.65 -1.85
C ALA A 27 -6.02 8.36 -1.55
N GLU A 28 -5.82 9.52 -2.17
CA GLU A 28 -4.61 10.31 -1.97
C GLU A 28 -4.32 10.50 -0.49
N GLY A 29 -3.17 10.02 -0.05
CA GLY A 29 -2.79 10.15 1.35
C GLY A 29 -3.56 9.21 2.24
N GLU A 30 -3.99 8.07 1.69
CA GLU A 30 -4.74 7.08 2.44
C GLU A 30 -3.81 6.03 3.03
N ASP A 31 -4.10 5.62 4.26
CA ASP A 31 -3.28 4.61 4.95
C ASP A 31 -3.48 3.24 4.32
N LEU A 32 -2.38 2.54 4.10
CA LEU A 32 -2.42 1.21 3.50
C LEU A 32 -1.54 0.24 4.28
N SER A 33 -1.82 -1.06 4.12
CA SER A 33 -1.05 -2.09 4.80
C SER A 33 -0.26 -2.92 3.81
N LEU A 34 1.04 -2.66 3.72
CA LEU A 34 1.92 -3.38 2.81
C LEU A 34 1.68 -4.88 2.91
N MET A 35 1.37 -5.51 1.78
CA MET A 35 1.13 -6.95 1.74
C MET A 35 2.28 -7.67 1.05
N GLU A 36 2.41 -7.44 -0.26
CA GLU A 36 3.47 -8.07 -1.05
C GLU A 36 4.39 -7.03 -1.64
N GLU A 37 5.70 -7.22 -1.44
CA GLU A 37 6.70 -6.29 -1.95
C GLU A 37 6.80 -6.39 -3.48
N ASP A 38 7.41 -5.38 -4.09
CA ASP A 38 7.57 -5.36 -5.54
C ASP A 38 9.02 -5.59 -5.93
N LYS A 39 9.27 -6.70 -6.63
CA LYS A 39 10.62 -7.04 -7.07
C LYS A 39 10.76 -6.88 -8.57
N GLY A 40 11.25 -5.73 -9.00
CA GLY A 40 11.43 -5.47 -10.41
C GLY A 40 10.13 -5.57 -11.19
N ASP A 41 9.01 -5.47 -10.48
CA ASP A 41 7.70 -5.55 -11.11
C ASP A 41 6.94 -4.24 -10.97
N GLY A 42 7.27 -3.48 -9.92
CA GLY A 42 6.61 -2.21 -9.67
C GLY A 42 5.21 -2.38 -9.11
N TRP A 43 4.89 -3.60 -8.69
CA TRP A 43 3.58 -3.89 -8.12
C TRP A 43 3.68 -4.22 -6.63
N THR A 44 3.02 -3.42 -5.81
CA THR A 44 3.04 -3.62 -4.37
C THR A 44 1.62 -3.80 -3.82
N ARG A 45 1.31 -5.02 -3.40
CA ARG A 45 -0.01 -5.32 -2.85
C ARG A 45 -0.18 -4.69 -1.47
N VAL A 46 -1.42 -4.28 -1.17
CA VAL A 46 -1.72 -3.66 0.12
C VAL A 46 -3.17 -3.91 0.52
N ARG A 47 -3.48 -3.63 1.78
CA ARG A 47 -4.83 -3.83 2.29
C ARG A 47 -5.40 -2.52 2.83
N ARG A 48 -6.72 -2.41 2.84
CA ARG A 48 -7.40 -1.21 3.33
C ARG A 48 -8.08 -1.48 4.67
N LYS A 49 -7.90 -0.56 5.61
CA LYS A 49 -8.49 -0.70 6.93
C LYS A 49 -9.86 -1.37 6.85
N GLU A 50 -10.65 -0.97 5.86
CA GLU A 50 -11.98 -1.54 5.69
C GLU A 50 -11.91 -3.05 5.51
N GLY A 51 -11.32 -3.48 4.39
CA GLY A 51 -11.20 -4.90 4.13
C GLY A 51 -10.96 -5.20 2.66
N GLY A 52 -10.17 -4.35 2.01
CA GLY A 52 -9.88 -4.54 0.60
C GLY A 52 -8.40 -4.71 0.33
N GLU A 53 -8.05 -5.65 -0.56
CA GLU A 53 -6.67 -5.91 -0.90
C GLU A 53 -6.50 -6.09 -2.41
N GLY A 54 -5.37 -5.61 -2.93
CA GLY A 54 -5.12 -5.74 -4.35
C GLY A 54 -3.73 -5.26 -4.73
N TYR A 55 -3.38 -5.40 -6.01
CA TYR A 55 -2.07 -4.99 -6.50
C TYR A 55 -2.09 -3.53 -6.95
N VAL A 56 -1.28 -2.70 -6.29
CA VAL A 56 -1.21 -1.29 -6.63
C VAL A 56 0.20 -0.91 -7.10
N PRO A 57 0.28 0.13 -7.94
CA PRO A 57 1.56 0.62 -8.48
C PRO A 57 2.42 1.29 -7.41
N THR A 58 3.63 0.78 -7.23
CA THR A 58 4.55 1.33 -6.24
C THR A 58 4.70 2.84 -6.40
N SER A 59 4.67 3.30 -7.65
CA SER A 59 4.80 4.72 -7.95
C SER A 59 3.76 5.53 -7.19
N TYR A 60 2.67 4.87 -6.81
CA TYR A 60 1.59 5.54 -6.08
C TYR A 60 1.66 5.20 -4.59
N LEU A 61 2.85 4.84 -4.12
CA LEU A 61 3.05 4.49 -2.72
C LEU A 61 4.28 5.20 -2.15
N ARG A 62 4.06 5.95 -1.07
CA ARG A 62 5.15 6.68 -0.43
C ARG A 62 5.39 6.16 0.99
N VAL A 63 6.42 5.35 1.15
CA VAL A 63 6.75 4.79 2.45
C VAL A 63 6.68 5.85 3.54
N THR A 64 5.76 5.66 4.48
CA THR A 64 5.59 6.59 5.58
C THR A 64 6.34 6.14 6.82
N SER A 65 7.20 7.00 7.34
CA SER A 65 7.99 6.68 8.52
C SER A 65 8.07 7.89 9.46
N GLY A 66 7.97 7.63 10.76
CA GLY A 66 8.03 8.70 11.74
C GLY A 66 9.23 8.58 12.65
N PRO A 67 9.02 7.96 13.82
CA PRO A 67 10.08 7.77 14.82
C PRO A 67 11.13 6.74 14.35
N SER A 68 10.92 6.20 13.16
CA SER A 68 11.85 5.21 12.61
C SER A 68 13.29 5.57 12.94
N SER A 69 13.84 4.90 13.94
CA SER A 69 15.22 5.15 14.36
C SER A 69 15.95 3.85 14.64
N GLY A 70 17.28 3.90 14.61
CA GLY A 70 18.07 2.71 14.85
C GLY A 70 17.91 2.18 16.25
N GLY A 1 -9.52 -9.61 17.88
CA GLY A 1 -8.47 -9.18 16.99
C GLY A 1 -7.27 -8.61 17.73
N SER A 2 -6.49 -7.78 17.05
CA SER A 2 -5.31 -7.18 17.65
C SER A 2 -4.88 -5.93 16.88
N SER A 3 -3.83 -5.27 17.36
CA SER A 3 -3.33 -4.06 16.73
C SER A 3 -1.84 -4.16 16.48
N GLY A 4 -1.40 -3.75 15.29
CA GLY A 4 0.00 -3.81 14.95
C GLY A 4 0.26 -4.62 13.69
N SER A 5 0.30 -3.94 12.55
CA SER A 5 0.53 -4.60 11.27
C SER A 5 2.00 -4.49 10.86
N SER A 6 2.77 -5.54 11.15
CA SER A 6 4.18 -5.57 10.81
C SER A 6 4.40 -6.03 9.38
N GLY A 7 5.30 -5.36 8.66
CA GLY A 7 5.59 -5.73 7.29
C GLY A 7 6.03 -4.54 6.46
N GLY A 8 5.22 -3.48 6.46
CA GLY A 8 5.55 -2.30 5.68
C GLY A 8 4.46 -1.24 5.76
N HIS A 9 4.88 0.03 5.82
CA HIS A 9 3.94 1.14 5.90
C HIS A 9 4.03 2.02 4.65
N CYS A 10 2.90 2.19 3.98
CA CYS A 10 2.84 3.01 2.77
C CYS A 10 1.52 3.75 2.67
N VAL A 11 1.55 4.93 2.05
CA VAL A 11 0.34 5.75 1.90
C VAL A 11 0.16 6.17 0.45
N ALA A 12 -1.06 6.02 -0.06
CA ALA A 12 -1.37 6.40 -1.43
C ALA A 12 -0.92 7.83 -1.73
N ILE A 13 -0.14 8.00 -2.79
CA ILE A 13 0.35 9.32 -3.17
C ILE A 13 -0.67 10.04 -4.04
N TYR A 14 -1.29 9.31 -4.96
CA TYR A 14 -2.29 9.89 -5.85
C TYR A 14 -3.49 8.96 -6.02
N HIS A 15 -4.65 9.54 -6.30
CA HIS A 15 -5.86 8.77 -6.48
C HIS A 15 -5.68 7.71 -7.56
N PHE A 16 -5.65 6.44 -7.14
CA PHE A 16 -5.48 5.33 -8.08
C PHE A 16 -6.73 4.46 -8.12
N GLU A 17 -7.43 4.49 -9.25
CA GLU A 17 -8.65 3.70 -9.42
C GLU A 17 -8.31 2.26 -9.81
N GLY A 18 -8.86 1.31 -9.07
CA GLY A 18 -8.60 -0.09 -9.36
C GLY A 18 -9.64 -0.69 -10.29
N SER A 19 -9.84 -0.05 -11.44
CA SER A 19 -10.81 -0.52 -12.41
C SER A 19 -10.30 -1.76 -13.15
N SER A 20 -9.04 -1.69 -13.60
CA SER A 20 -8.43 -2.80 -14.31
C SER A 20 -8.69 -4.12 -13.60
N GLU A 21 -8.33 -5.22 -14.25
CA GLU A 21 -8.52 -6.55 -13.68
C GLU A 21 -7.46 -6.86 -12.63
N GLY A 22 -7.90 -7.11 -11.41
CA GLY A 22 -6.96 -7.41 -10.33
C GLY A 22 -6.26 -6.18 -9.82
N THR A 23 -7.02 -5.25 -9.24
CA THR A 23 -6.46 -4.01 -8.71
C THR A 23 -7.35 -3.42 -7.63
N ILE A 24 -6.76 -2.62 -6.74
CA ILE A 24 -7.51 -1.99 -5.67
C ILE A 24 -7.43 -0.47 -5.76
N SER A 25 -8.46 0.21 -5.27
CA SER A 25 -8.50 1.66 -5.30
C SER A 25 -8.03 2.24 -3.98
N MET A 26 -7.51 3.47 -4.03
CA MET A 26 -7.02 4.15 -2.83
C MET A 26 -7.11 5.66 -2.98
N ALA A 27 -7.34 6.35 -1.87
CA ALA A 27 -7.44 7.80 -1.88
C ALA A 27 -6.06 8.45 -1.77
N GLU A 28 -6.01 9.76 -2.00
CA GLU A 28 -4.74 10.50 -1.93
C GLU A 28 -4.33 10.72 -0.48
N GLY A 29 -3.36 9.95 -0.02
CA GLY A 29 -2.88 10.09 1.34
C GLY A 29 -3.60 9.15 2.30
N GLU A 30 -4.00 7.99 1.80
CA GLU A 30 -4.71 7.01 2.62
C GLU A 30 -3.75 5.96 3.16
N ASP A 31 -3.92 5.59 4.42
CA ASP A 31 -3.07 4.59 5.05
C ASP A 31 -3.34 3.21 4.49
N LEU A 32 -2.28 2.44 4.28
CA LEU A 32 -2.39 1.10 3.73
C LEU A 32 -1.49 0.12 4.49
N SER A 33 -1.83 -1.16 4.40
CA SER A 33 -1.05 -2.20 5.09
C SER A 33 -0.23 -3.01 4.09
N LEU A 34 1.07 -2.74 4.05
CA LEU A 34 1.98 -3.44 3.14
C LEU A 34 1.96 -4.94 3.41
N MET A 35 1.75 -5.73 2.36
CA MET A 35 1.71 -7.17 2.48
C MET A 35 2.79 -7.82 1.62
N GLU A 36 2.69 -7.61 0.30
CA GLU A 36 3.65 -8.18 -0.64
C GLU A 36 4.51 -7.08 -1.25
N GLU A 37 5.82 -7.16 -1.03
CA GLU A 37 6.76 -6.18 -1.55
C GLU A 37 6.88 -6.31 -3.06
N ASP A 38 7.36 -5.25 -3.71
CA ASP A 38 7.53 -5.25 -5.15
C ASP A 38 9.01 -5.37 -5.53
N LYS A 39 9.35 -6.44 -6.26
CA LYS A 39 10.71 -6.67 -6.68
C LYS A 39 10.87 -6.47 -8.18
N GLY A 40 11.24 -5.25 -8.56
CA GLY A 40 11.43 -4.94 -9.97
C GLY A 40 10.16 -5.16 -10.78
N ASP A 41 9.05 -5.39 -10.09
CA ASP A 41 7.78 -5.63 -10.75
C ASP A 41 6.93 -4.37 -10.77
N GLY A 42 7.07 -3.55 -9.73
CA GLY A 42 6.31 -2.32 -9.65
C GLY A 42 4.89 -2.54 -9.15
N TRP A 43 4.65 -3.71 -8.57
CA TRP A 43 3.32 -4.05 -8.06
C TRP A 43 3.39 -4.39 -6.58
N THR A 44 2.61 -3.66 -5.78
CA THR A 44 2.57 -3.89 -4.33
C THR A 44 1.15 -4.18 -3.87
N ARG A 45 1.01 -5.20 -3.03
CA ARG A 45 -0.30 -5.58 -2.49
C ARG A 45 -0.46 -5.12 -1.05
N VAL A 46 -1.42 -4.24 -0.82
CA VAL A 46 -1.68 -3.72 0.52
C VAL A 46 -3.07 -4.12 1.00
N ARG A 47 -3.32 -3.92 2.29
CA ARG A 47 -4.62 -4.25 2.88
C ARG A 47 -5.26 -3.01 3.51
N ARG A 48 -6.53 -2.79 3.20
CA ARG A 48 -7.26 -1.65 3.75
C ARG A 48 -7.87 -1.98 5.10
N LYS A 49 -8.11 -0.95 5.90
CA LYS A 49 -8.69 -1.13 7.23
C LYS A 49 -10.20 -1.32 7.14
N GLU A 50 -10.72 -1.34 5.91
CA GLU A 50 -12.14 -1.52 5.68
C GLU A 50 -12.47 -2.97 5.33
N GLY A 51 -11.63 -3.57 4.51
CA GLY A 51 -11.83 -4.95 4.10
C GLY A 51 -11.61 -5.16 2.62
N GLY A 52 -10.51 -4.62 2.10
CA GLY A 52 -10.20 -4.77 0.69
C GLY A 52 -8.72 -4.70 0.42
N GLU A 53 -8.24 -5.55 -0.49
CA GLU A 53 -6.83 -5.60 -0.84
C GLU A 53 -6.65 -5.86 -2.33
N GLY A 54 -5.55 -5.35 -2.89
CA GLY A 54 -5.28 -5.55 -4.30
C GLY A 54 -3.88 -5.15 -4.68
N TYR A 55 -3.55 -5.29 -5.96
CA TYR A 55 -2.22 -4.94 -6.46
C TYR A 55 -2.19 -3.52 -7.00
N VAL A 56 -1.40 -2.66 -6.35
CA VAL A 56 -1.29 -1.27 -6.77
C VAL A 56 0.13 -0.96 -7.26
N PRO A 57 0.24 0.01 -8.17
CA PRO A 57 1.53 0.43 -8.73
C PRO A 57 2.40 1.16 -7.71
N THR A 58 3.57 0.61 -7.43
CA THR A 58 4.49 1.22 -6.48
C THR A 58 4.55 2.74 -6.65
N SER A 59 4.58 3.18 -7.90
CA SER A 59 4.64 4.60 -8.22
C SER A 59 3.67 5.39 -7.33
N TYR A 60 2.49 4.82 -7.11
CA TYR A 60 1.46 5.46 -6.29
C TYR A 60 1.59 5.05 -4.84
N LEU A 61 2.81 4.75 -4.41
CA LEU A 61 3.07 4.33 -3.04
C LEU A 61 4.31 5.04 -2.47
N ARG A 62 4.10 5.86 -1.45
CA ARG A 62 5.19 6.59 -0.82
C ARG A 62 5.47 6.04 0.57
N VAL A 63 6.55 5.28 0.71
CA VAL A 63 6.92 4.70 1.99
C VAL A 63 6.97 5.77 3.08
N THR A 64 6.09 5.62 4.06
CA THR A 64 6.03 6.57 5.17
C THR A 64 7.42 6.99 5.62
N SER A 65 7.55 8.23 6.08
CA SER A 65 8.83 8.74 6.54
C SER A 65 9.04 8.46 8.03
N GLY A 66 10.28 8.14 8.39
CA GLY A 66 10.58 7.85 9.78
C GLY A 66 10.88 6.38 10.01
N PRO A 67 12.13 5.98 9.75
CA PRO A 67 12.56 4.58 9.92
C PRO A 67 12.63 4.17 11.39
N SER A 68 12.56 2.87 11.64
CA SER A 68 12.60 2.35 12.99
C SER A 68 13.96 1.73 13.29
N SER A 69 14.55 2.11 14.43
CA SER A 69 15.85 1.60 14.82
C SER A 69 16.89 1.88 13.75
N GLY A 70 16.85 3.08 13.18
CA GLY A 70 17.80 3.46 12.15
C GLY A 70 19.24 3.14 12.54
N GLY A 1 2.64 -9.64 14.63
CA GLY A 1 3.69 -10.63 14.69
C GLY A 1 4.70 -10.34 15.78
N SER A 2 5.54 -11.32 16.10
CA SER A 2 6.55 -11.16 17.14
C SER A 2 7.95 -11.19 16.54
N SER A 3 8.23 -12.24 15.77
CA SER A 3 9.54 -12.41 15.15
C SER A 3 9.64 -11.55 13.88
N GLY A 4 8.78 -11.84 12.91
CA GLY A 4 8.79 -11.10 11.67
C GLY A 4 7.51 -10.31 11.46
N SER A 5 7.58 -8.99 11.67
CA SER A 5 6.42 -8.13 11.50
C SER A 5 6.48 -7.40 10.16
N SER A 6 5.32 -7.24 9.53
CA SER A 6 5.24 -6.56 8.24
C SER A 6 5.53 -5.07 8.40
N GLY A 7 6.80 -4.72 8.35
CA GLY A 7 7.20 -3.33 8.49
C GLY A 7 7.36 -2.64 7.14
N GLY A 8 6.24 -2.34 6.50
CA GLY A 8 6.28 -1.68 5.20
C GLY A 8 5.15 -0.70 5.01
N HIS A 9 4.60 -0.20 6.12
CA HIS A 9 3.50 0.75 6.07
C HIS A 9 3.70 1.74 4.92
N CYS A 10 2.65 1.92 4.12
CA CYS A 10 2.69 2.84 2.99
C CYS A 10 1.38 3.58 2.84
N VAL A 11 1.42 4.72 2.14
CA VAL A 11 0.23 5.52 1.92
C VAL A 11 0.12 5.97 0.47
N ALA A 12 -1.09 5.92 -0.08
CA ALA A 12 -1.32 6.32 -1.46
C ALA A 12 -0.86 7.75 -1.70
N ILE A 13 -0.04 7.94 -2.73
CA ILE A 13 0.48 9.26 -3.06
C ILE A 13 -0.51 10.03 -3.94
N TYR A 14 -1.08 9.35 -4.92
CA TYR A 14 -2.03 9.96 -5.83
C TYR A 14 -3.27 9.08 -5.99
N HIS A 15 -4.43 9.73 -6.18
CA HIS A 15 -5.69 9.01 -6.36
C HIS A 15 -5.55 7.93 -7.43
N PHE A 16 -5.43 6.68 -7.01
CA PHE A 16 -5.30 5.56 -7.94
C PHE A 16 -6.53 4.66 -7.89
N GLU A 17 -7.16 4.46 -9.04
CA GLU A 17 -8.35 3.62 -9.12
C GLU A 17 -7.98 2.20 -9.56
N GLY A 18 -8.58 1.22 -8.90
CA GLY A 18 -8.30 -0.18 -9.22
C GLY A 18 -9.54 -0.92 -9.70
N SER A 19 -9.88 -0.72 -10.98
CA SER A 19 -11.05 -1.37 -11.56
C SER A 19 -10.71 -2.78 -12.03
N SER A 20 -9.67 -2.89 -12.84
CA SER A 20 -9.24 -4.19 -13.36
C SER A 20 -9.37 -5.28 -12.29
N GLU A 21 -9.67 -6.49 -12.73
CA GLU A 21 -9.81 -7.61 -11.81
C GLU A 21 -8.55 -7.81 -10.98
N GLY A 22 -8.57 -7.30 -9.75
CA GLY A 22 -7.42 -7.42 -8.88
C GLY A 22 -6.98 -6.10 -8.31
N THR A 23 -6.74 -5.12 -9.18
CA THR A 23 -6.31 -3.80 -8.76
C THR A 23 -7.24 -3.23 -7.69
N ILE A 24 -6.69 -2.38 -6.83
CA ILE A 24 -7.46 -1.76 -5.76
C ILE A 24 -7.43 -0.24 -5.85
N SER A 25 -8.45 0.40 -5.29
CA SER A 25 -8.54 1.86 -5.32
C SER A 25 -8.12 2.45 -3.98
N MET A 26 -7.41 3.57 -4.04
CA MET A 26 -6.95 4.25 -2.83
C MET A 26 -7.13 5.75 -2.94
N ALA A 27 -7.20 6.42 -1.80
CA ALA A 27 -7.38 7.87 -1.77
C ALA A 27 -6.05 8.58 -1.53
N GLU A 28 -5.90 9.76 -2.13
CA GLU A 28 -4.67 10.54 -1.99
C GLU A 28 -4.33 10.76 -0.52
N GLY A 29 -3.31 10.05 -0.04
CA GLY A 29 -2.91 10.19 1.35
C GLY A 29 -3.67 9.26 2.27
N GLU A 30 -3.99 8.07 1.77
CA GLU A 30 -4.73 7.08 2.56
C GLU A 30 -3.80 6.00 3.09
N ASP A 31 -4.03 5.58 4.34
CA ASP A 31 -3.21 4.55 4.96
C ASP A 31 -3.52 3.19 4.35
N LEU A 32 -2.47 2.38 4.18
CA LEU A 32 -2.61 1.05 3.61
C LEU A 32 -1.67 0.06 4.30
N SER A 33 -2.06 -1.22 4.28
CA SER A 33 -1.25 -2.25 4.90
C SER A 33 -0.42 -3.00 3.85
N LEU A 34 0.90 -2.84 3.92
CA LEU A 34 1.81 -3.48 2.98
C LEU A 34 1.86 -4.99 3.23
N MET A 35 1.21 -5.74 2.34
CA MET A 35 1.19 -7.20 2.46
C MET A 35 2.29 -7.83 1.61
N GLU A 36 2.33 -7.47 0.33
CA GLU A 36 3.34 -8.01 -0.58
C GLU A 36 4.26 -6.89 -1.09
N GLU A 37 5.54 -7.21 -1.23
CA GLU A 37 6.53 -6.24 -1.70
C GLU A 37 6.78 -6.42 -3.20
N ASP A 38 7.18 -5.34 -3.85
CA ASP A 38 7.47 -5.37 -5.29
C ASP A 38 8.96 -5.57 -5.54
N LYS A 39 9.30 -6.63 -6.25
CA LYS A 39 10.68 -6.94 -6.57
C LYS A 39 10.98 -6.69 -8.05
N GLY A 40 11.55 -5.52 -8.34
CA GLY A 40 11.88 -5.18 -9.71
C GLY A 40 10.70 -5.38 -10.65
N ASP A 41 9.49 -5.13 -10.13
CA ASP A 41 8.28 -5.28 -10.94
C ASP A 41 7.47 -3.99 -10.94
N GLY A 42 7.51 -3.27 -9.82
CA GLY A 42 6.77 -2.03 -9.72
C GLY A 42 5.34 -2.23 -9.25
N TRP A 43 5.01 -3.46 -8.87
CA TRP A 43 3.67 -3.78 -8.40
C TRP A 43 3.68 -4.13 -6.92
N THR A 44 2.94 -3.35 -6.14
CA THR A 44 2.86 -3.58 -4.69
C THR A 44 1.42 -3.76 -4.24
N ARG A 45 1.16 -4.81 -3.49
CA ARG A 45 -0.18 -5.10 -3.00
C ARG A 45 -0.36 -4.56 -1.58
N VAL A 46 -1.54 -4.00 -1.31
CA VAL A 46 -1.84 -3.45 0.02
C VAL A 46 -3.28 -3.75 0.42
N ARG A 47 -3.54 -3.70 1.72
CA ARG A 47 -4.88 -3.96 2.24
C ARG A 47 -5.49 -2.70 2.83
N ARG A 48 -6.82 -2.59 2.73
CA ARG A 48 -7.52 -1.42 3.25
C ARG A 48 -8.21 -1.75 4.56
N LYS A 49 -8.22 -0.80 5.48
CA LYS A 49 -8.85 -0.99 6.79
C LYS A 49 -10.18 -1.73 6.65
N GLU A 50 -10.95 -1.36 5.63
CA GLU A 50 -12.25 -1.99 5.39
C GLU A 50 -12.07 -3.46 5.04
N GLY A 51 -11.43 -3.72 3.90
CA GLY A 51 -11.22 -5.10 3.47
C GLY A 51 -10.98 -5.20 1.98
N GLY A 52 -10.27 -4.22 1.42
CA GLY A 52 -9.99 -4.23 -0.01
C GLY A 52 -8.52 -4.46 -0.31
N GLU A 53 -8.24 -5.39 -1.22
CA GLU A 53 -6.87 -5.70 -1.59
C GLU A 53 -6.70 -5.70 -3.11
N GLY A 54 -5.54 -5.28 -3.57
CA GLY A 54 -5.28 -5.24 -5.01
C GLY A 54 -3.86 -4.81 -5.32
N TYR A 55 -3.40 -5.15 -6.52
CA TYR A 55 -2.05 -4.81 -6.95
C TYR A 55 -1.98 -3.35 -7.43
N VAL A 56 -1.35 -2.50 -6.64
CA VAL A 56 -1.21 -1.09 -7.00
C VAL A 56 0.21 -0.75 -7.41
N PRO A 57 0.36 0.27 -8.25
CA PRO A 57 1.67 0.72 -8.75
C PRO A 57 2.50 1.37 -7.64
N THR A 58 3.62 0.74 -7.31
CA THR A 58 4.52 1.26 -6.28
C THR A 58 4.72 2.75 -6.43
N SER A 59 4.84 3.20 -7.69
CA SER A 59 5.05 4.62 -7.98
C SER A 59 4.06 5.49 -7.20
N TYR A 60 2.83 5.00 -7.09
CA TYR A 60 1.79 5.72 -6.38
C TYR A 60 1.75 5.32 -4.90
N LEU A 61 2.90 4.93 -4.38
CA LEU A 61 3.00 4.53 -2.98
C LEU A 61 4.23 5.14 -2.32
N ARG A 62 4.02 5.81 -1.20
CA ARG A 62 5.11 6.45 -0.47
C ARG A 62 5.31 5.81 0.90
N VAL A 63 6.42 5.12 1.08
CA VAL A 63 6.72 4.46 2.34
C VAL A 63 6.76 5.46 3.50
N THR A 64 6.08 5.13 4.59
CA THR A 64 6.04 6.00 5.75
C THR A 64 7.30 5.86 6.59
N SER A 65 7.73 6.96 7.21
CA SER A 65 8.93 6.95 8.03
C SER A 65 8.69 6.16 9.32
N GLY A 66 9.67 5.34 9.68
CA GLY A 66 9.56 4.53 10.89
C GLY A 66 10.83 3.78 11.20
N PRO A 67 11.84 4.50 11.72
CA PRO A 67 13.14 3.90 12.07
C PRO A 67 13.04 2.99 13.29
N SER A 68 11.85 2.88 13.84
CA SER A 68 11.61 2.04 15.02
C SER A 68 11.39 0.59 14.60
N SER A 69 12.46 -0.19 14.57
CA SER A 69 12.37 -1.59 14.18
C SER A 69 11.83 -1.74 12.77
N GLY A 70 12.34 -0.91 11.87
CA GLY A 70 11.89 -0.97 10.48
C GLY A 70 12.94 -1.57 9.56
N GLY A 1 9.04 -19.72 10.34
CA GLY A 1 8.68 -18.57 11.13
C GLY A 1 8.28 -17.38 10.26
N SER A 2 7.31 -16.60 10.74
CA SER A 2 6.85 -15.43 10.00
C SER A 2 8.01 -14.69 9.37
N SER A 3 8.00 -14.60 8.03
CA SER A 3 9.06 -13.92 7.31
C SER A 3 9.08 -12.43 7.63
N GLY A 4 7.92 -11.79 7.53
CA GLY A 4 7.82 -10.38 7.82
C GLY A 4 7.17 -10.10 9.16
N SER A 5 7.98 -9.77 10.16
CA SER A 5 7.47 -9.49 11.49
C SER A 5 6.75 -8.14 11.53
N SER A 6 7.45 -7.09 11.08
CA SER A 6 6.88 -5.75 11.07
C SER A 6 6.63 -5.29 9.64
N GLY A 7 5.40 -5.49 9.16
CA GLY A 7 5.06 -5.09 7.81
C GLY A 7 5.49 -3.68 7.50
N GLY A 8 5.30 -3.26 6.26
CA GLY A 8 5.68 -1.92 5.85
C GLY A 8 4.51 -0.95 5.88
N HIS A 9 4.79 0.31 6.22
CA HIS A 9 3.75 1.33 6.28
C HIS A 9 3.85 2.28 5.09
N CYS A 10 2.87 2.19 4.20
CA CYS A 10 2.84 3.04 3.00
C CYS A 10 1.54 3.84 2.93
N VAL A 11 1.58 4.95 2.21
CA VAL A 11 0.41 5.80 2.07
C VAL A 11 0.22 6.23 0.62
N ALA A 12 -1.00 6.05 0.11
CA ALA A 12 -1.31 6.41 -1.27
C ALA A 12 -0.81 7.81 -1.59
N ILE A 13 -0.12 7.94 -2.72
CA ILE A 13 0.42 9.22 -3.14
C ILE A 13 -0.58 9.97 -4.02
N TYR A 14 -1.19 9.25 -4.95
CA TYR A 14 -2.16 9.85 -5.87
C TYR A 14 -3.40 8.97 -5.99
N HIS A 15 -4.56 9.60 -6.06
CA HIS A 15 -5.82 8.88 -6.17
C HIS A 15 -5.74 7.82 -7.27
N PHE A 16 -5.85 6.56 -6.86
CA PHE A 16 -5.78 5.45 -7.80
C PHE A 16 -7.07 4.62 -7.76
N GLU A 17 -7.69 4.46 -8.93
CA GLU A 17 -8.93 3.69 -9.03
C GLU A 17 -8.70 2.38 -9.78
N GLY A 18 -8.59 1.29 -9.04
CA GLY A 18 -8.38 -0.01 -9.64
C GLY A 18 -9.45 -0.38 -10.63
N SER A 19 -9.05 -0.69 -11.86
CA SER A 19 -10.00 -1.06 -12.91
C SER A 19 -9.73 -2.47 -13.42
N SER A 20 -8.47 -2.74 -13.77
CA SER A 20 -8.09 -4.05 -14.27
C SER A 20 -8.60 -5.16 -13.36
N GLU A 21 -8.48 -6.40 -13.81
CA GLU A 21 -8.92 -7.55 -13.03
C GLU A 21 -7.92 -7.89 -11.94
N GLY A 22 -8.27 -7.57 -10.70
CA GLY A 22 -7.37 -7.85 -9.58
C GLY A 22 -6.65 -6.61 -9.09
N THR A 23 -7.37 -5.49 -9.03
CA THR A 23 -6.78 -4.24 -8.58
C THR A 23 -7.62 -3.61 -7.47
N ILE A 24 -7.03 -2.65 -6.76
CA ILE A 24 -7.71 -1.97 -5.67
C ILE A 24 -7.53 -0.46 -5.76
N SER A 25 -8.52 0.28 -5.27
CA SER A 25 -8.46 1.74 -5.29
C SER A 25 -8.05 2.29 -3.93
N MET A 26 -7.31 3.40 -3.94
CA MET A 26 -6.86 4.03 -2.71
C MET A 26 -7.06 5.55 -2.77
N ALA A 27 -7.09 6.17 -1.60
CA ALA A 27 -7.27 7.62 -1.52
C ALA A 27 -5.93 8.33 -1.35
N GLU A 28 -5.88 9.59 -1.78
CA GLU A 28 -4.65 10.37 -1.68
C GLU A 28 -4.28 10.63 -0.22
N GLY A 29 -3.18 10.02 0.22
CA GLY A 29 -2.74 10.19 1.59
C GLY A 29 -3.47 9.27 2.55
N GLU A 30 -3.76 8.06 2.11
CA GLU A 30 -4.47 7.09 2.94
C GLU A 30 -3.52 6.01 3.44
N ASP A 31 -3.64 5.68 4.72
CA ASP A 31 -2.80 4.65 5.33
C ASP A 31 -3.19 3.26 4.85
N LEU A 32 -2.21 2.46 4.48
CA LEU A 32 -2.46 1.11 4.01
C LEU A 32 -1.51 0.11 4.66
N SER A 33 -1.84 -1.18 4.56
CA SER A 33 -1.02 -2.23 5.15
C SER A 33 -0.25 -2.98 4.07
N LEU A 34 1.05 -2.71 3.99
CA LEU A 34 1.90 -3.36 3.00
C LEU A 34 1.94 -4.87 3.23
N MET A 35 1.26 -5.61 2.36
CA MET A 35 1.22 -7.06 2.46
C MET A 35 2.33 -7.69 1.62
N GLU A 36 2.34 -7.38 0.34
CA GLU A 36 3.35 -7.92 -0.57
C GLU A 36 4.23 -6.81 -1.13
N GLU A 37 5.50 -7.12 -1.35
CA GLU A 37 6.45 -6.15 -1.88
C GLU A 37 6.69 -6.39 -3.37
N ASP A 38 7.03 -5.32 -4.09
CA ASP A 38 7.29 -5.40 -5.52
C ASP A 38 8.78 -5.59 -5.79
N LYS A 39 9.12 -6.66 -6.51
CA LYS A 39 10.51 -6.94 -6.84
C LYS A 39 10.78 -6.70 -8.33
N GLY A 40 11.28 -5.51 -8.64
CA GLY A 40 11.58 -5.18 -10.02
C GLY A 40 10.35 -5.26 -10.92
N ASP A 41 9.18 -5.32 -10.30
CA ASP A 41 7.92 -5.40 -11.04
C ASP A 41 7.18 -4.07 -11.00
N GLY A 42 7.23 -3.42 -9.84
CA GLY A 42 6.54 -2.14 -9.69
C GLY A 42 5.13 -2.30 -9.16
N TRP A 43 4.73 -3.55 -8.92
CA TRP A 43 3.38 -3.83 -8.41
C TRP A 43 3.44 -4.20 -6.93
N THR A 44 2.78 -3.39 -6.10
CA THR A 44 2.74 -3.65 -4.67
C THR A 44 1.32 -3.82 -4.17
N ARG A 45 1.08 -4.87 -3.40
CA ARG A 45 -0.25 -5.14 -2.86
C ARG A 45 -0.37 -4.64 -1.43
N VAL A 46 -1.49 -3.97 -1.13
CA VAL A 46 -1.72 -3.42 0.19
C VAL A 46 -3.13 -3.75 0.68
N ARG A 47 -3.32 -3.74 2.00
CA ARG A 47 -4.62 -4.03 2.58
C ARG A 47 -5.25 -2.78 3.19
N ARG A 48 -6.56 -2.64 3.03
CA ARG A 48 -7.27 -1.48 3.56
C ARG A 48 -8.08 -1.86 4.80
N LYS A 49 -8.50 -0.85 5.55
CA LYS A 49 -9.28 -1.08 6.77
C LYS A 49 -10.66 -1.64 6.42
N GLU A 50 -11.14 -1.33 5.22
CA GLU A 50 -12.45 -1.80 4.77
C GLU A 50 -12.32 -3.12 4.02
N GLY A 51 -11.34 -3.93 4.41
CA GLY A 51 -11.13 -5.21 3.77
C GLY A 51 -10.87 -5.07 2.28
N GLY A 52 -10.24 -3.96 1.89
CA GLY A 52 -9.94 -3.73 0.49
C GLY A 52 -8.51 -4.08 0.14
N GLU A 53 -8.33 -5.18 -0.58
CA GLU A 53 -7.00 -5.62 -0.99
C GLU A 53 -6.89 -5.67 -2.51
N GLY A 54 -5.66 -5.50 -3.01
CA GLY A 54 -5.44 -5.53 -4.44
C GLY A 54 -4.06 -5.03 -4.82
N TYR A 55 -3.63 -5.36 -6.04
CA TYR A 55 -2.32 -4.95 -6.53
C TYR A 55 -2.35 -3.48 -6.98
N VAL A 56 -1.54 -2.66 -6.31
CA VAL A 56 -1.47 -1.24 -6.65
C VAL A 56 -0.09 -0.87 -7.18
N PRO A 57 -0.03 0.18 -8.01
CA PRO A 57 1.22 0.66 -8.61
C PRO A 57 2.14 1.30 -7.57
N THR A 58 3.32 0.72 -7.41
CA THR A 58 4.30 1.23 -6.45
C THR A 58 4.56 2.72 -6.68
N SER A 59 4.53 3.13 -7.95
CA SER A 59 4.77 4.53 -8.30
C SER A 59 3.81 5.45 -7.56
N TYR A 60 2.70 4.89 -7.10
CA TYR A 60 1.70 5.67 -6.37
C TYR A 60 1.74 5.34 -4.88
N LEU A 61 2.91 4.94 -4.40
CA LEU A 61 3.09 4.60 -3.00
C LEU A 61 4.36 5.25 -2.44
N ARG A 62 4.24 5.87 -1.27
CA ARG A 62 5.38 6.52 -0.63
C ARG A 62 5.64 5.93 0.75
N VAL A 63 6.77 5.24 0.88
CA VAL A 63 7.13 4.61 2.15
C VAL A 63 7.23 5.66 3.27
N THR A 64 6.36 5.53 4.26
CA THR A 64 6.34 6.46 5.39
C THR A 64 7.70 6.51 6.07
N SER A 65 7.91 7.54 6.88
CA SER A 65 9.16 7.71 7.61
C SER A 65 9.19 6.86 8.87
N GLY A 66 10.26 6.07 9.02
CA GLY A 66 10.38 5.21 10.18
C GLY A 66 10.64 6.00 11.46
N PRO A 67 10.11 5.49 12.58
CA PRO A 67 10.27 6.14 13.89
C PRO A 67 11.70 6.05 14.40
N SER A 68 12.53 5.29 13.70
CA SER A 68 13.93 5.12 14.10
C SER A 68 14.83 6.12 13.36
N SER A 69 15.59 6.89 14.12
CA SER A 69 16.48 7.89 13.54
C SER A 69 17.94 7.49 13.74
N GLY A 70 18.26 7.01 14.94
CA GLY A 70 19.63 6.60 15.23
C GLY A 70 19.89 5.16 14.84
N GLY A 1 -12.68 -4.86 16.91
CA GLY A 1 -12.05 -6.00 17.56
C GLY A 1 -10.59 -5.75 17.87
N SER A 2 -9.71 -6.55 17.27
CA SER A 2 -8.28 -6.41 17.49
C SER A 2 -7.52 -6.45 16.17
N SER A 3 -6.92 -5.32 15.81
CA SER A 3 -6.16 -5.22 14.56
C SER A 3 -4.66 -5.22 14.84
N GLY A 4 -4.00 -6.32 14.48
CA GLY A 4 -2.58 -6.43 14.70
C GLY A 4 -1.86 -7.11 13.54
N SER A 5 -0.81 -6.47 13.05
CA SER A 5 -0.05 -7.01 11.93
C SER A 5 1.28 -6.27 11.77
N SER A 6 2.37 -7.02 11.73
CA SER A 6 3.70 -6.44 11.58
C SER A 6 4.18 -6.54 10.13
N GLY A 7 4.31 -5.40 9.47
CA GLY A 7 4.76 -5.39 8.09
C GLY A 7 5.22 -4.02 7.64
N GLY A 8 4.98 -3.69 6.38
CA GLY A 8 5.38 -2.40 5.86
C GLY A 8 4.28 -1.37 5.95
N HIS A 9 4.67 -0.10 6.09
CA HIS A 9 3.70 0.99 6.19
C HIS A 9 3.86 1.97 5.03
N CYS A 10 2.81 2.09 4.22
CA CYS A 10 2.83 2.99 3.07
C CYS A 10 1.50 3.71 2.93
N VAL A 11 1.54 4.89 2.31
CA VAL A 11 0.33 5.69 2.10
C VAL A 11 0.19 6.12 0.64
N ALA A 12 -1.00 5.95 0.09
CA ALA A 12 -1.26 6.32 -1.30
C ALA A 12 -0.77 7.73 -1.58
N ILE A 13 -0.01 7.88 -2.66
CA ILE A 13 0.53 9.18 -3.05
C ILE A 13 -0.47 9.96 -3.89
N TYR A 14 -1.09 9.27 -4.86
CA TYR A 14 -2.06 9.89 -5.74
C TYR A 14 -3.31 9.02 -5.88
N HIS A 15 -4.42 9.64 -6.26
CA HIS A 15 -5.68 8.92 -6.42
C HIS A 15 -5.54 7.83 -7.48
N PHE A 16 -5.61 6.58 -7.04
CA PHE A 16 -5.50 5.44 -7.95
C PHE A 16 -6.76 4.58 -7.90
N GLU A 17 -7.30 4.29 -9.07
CA GLU A 17 -8.51 3.47 -9.17
C GLU A 17 -8.21 2.13 -9.83
N GLY A 18 -8.53 1.04 -9.13
CA GLY A 18 -8.29 -0.28 -9.66
C GLY A 18 -9.37 -0.72 -10.63
N SER A 19 -9.24 -0.33 -11.89
CA SER A 19 -10.21 -0.68 -12.91
C SER A 19 -9.83 -2.00 -13.58
N SER A 20 -9.44 -2.98 -12.78
CA SER A 20 -9.05 -4.29 -13.29
C SER A 20 -9.16 -5.35 -12.21
N GLU A 21 -9.42 -6.59 -12.62
CA GLU A 21 -9.54 -7.70 -11.69
C GLU A 21 -8.21 -7.98 -11.00
N GLY A 22 -8.02 -7.41 -9.81
CA GLY A 22 -6.78 -7.61 -9.08
C GLY A 22 -6.31 -6.34 -8.40
N THR A 23 -6.42 -5.21 -9.10
CA THR A 23 -5.99 -3.92 -8.56
C THR A 23 -6.98 -3.41 -7.52
N ILE A 24 -6.51 -2.50 -6.67
CA ILE A 24 -7.36 -1.93 -5.63
C ILE A 24 -7.39 -0.41 -5.73
N SER A 25 -8.51 0.19 -5.32
CA SER A 25 -8.66 1.64 -5.36
C SER A 25 -8.32 2.26 -4.00
N MET A 26 -7.48 3.29 -4.04
CA MET A 26 -7.07 3.97 -2.82
C MET A 26 -7.31 5.48 -2.92
N ALA A 27 -7.08 6.18 -1.83
CA ALA A 27 -7.27 7.64 -1.81
C ALA A 27 -5.96 8.35 -1.53
N GLU A 28 -5.80 9.54 -2.11
CA GLU A 28 -4.59 10.33 -1.93
C GLU A 28 -4.31 10.56 -0.45
N GLY A 29 -3.25 9.95 0.05
CA GLY A 29 -2.89 10.10 1.46
C GLY A 29 -3.67 9.16 2.36
N GLU A 30 -3.98 7.97 1.85
CA GLU A 30 -4.73 6.98 2.62
C GLU A 30 -3.80 5.91 3.17
N ASP A 31 -4.07 5.48 4.40
CA ASP A 31 -3.26 4.45 5.05
C ASP A 31 -3.50 3.08 4.40
N LEU A 32 -2.42 2.33 4.19
CA LEU A 32 -2.52 1.02 3.58
C LEU A 32 -1.64 0.02 4.32
N SER A 33 -1.95 -1.27 4.15
CA SER A 33 -1.19 -2.33 4.81
C SER A 33 -0.34 -3.10 3.80
N LEU A 34 0.95 -2.83 3.79
CA LEU A 34 1.88 -3.49 2.87
C LEU A 34 1.84 -5.01 3.07
N MET A 35 1.58 -5.73 2.00
CA MET A 35 1.53 -7.19 2.04
C MET A 35 2.54 -7.80 1.08
N GLU A 36 2.31 -7.61 -0.21
CA GLU A 36 3.21 -8.15 -1.23
C GLU A 36 4.16 -7.07 -1.75
N GLU A 37 5.45 -7.25 -1.48
CA GLU A 37 6.46 -6.29 -1.92
C GLU A 37 6.64 -6.35 -3.43
N ASP A 38 7.19 -5.28 -3.99
CA ASP A 38 7.42 -5.20 -5.43
C ASP A 38 8.92 -5.33 -5.75
N LYS A 39 9.27 -6.36 -6.51
CA LYS A 39 10.65 -6.61 -6.89
C LYS A 39 10.87 -6.31 -8.37
N GLY A 40 11.36 -5.11 -8.66
CA GLY A 40 11.61 -4.73 -10.05
C GLY A 40 10.40 -4.92 -10.93
N ASP A 41 9.21 -4.89 -10.32
CA ASP A 41 7.97 -5.07 -11.06
C ASP A 41 7.11 -3.81 -10.99
N GLY A 42 7.10 -3.17 -9.83
CA GLY A 42 6.31 -1.97 -9.65
C GLY A 42 4.90 -2.26 -9.16
N TRP A 43 4.68 -3.48 -8.67
CA TRP A 43 3.37 -3.88 -8.17
C TRP A 43 3.44 -4.26 -6.70
N THR A 44 2.62 -3.60 -5.89
CA THR A 44 2.58 -3.87 -4.46
C THR A 44 1.16 -4.11 -3.97
N ARG A 45 0.94 -5.25 -3.33
CA ARG A 45 -0.38 -5.60 -2.82
C ARG A 45 -0.57 -5.07 -1.40
N VAL A 46 -1.51 -4.13 -1.25
CA VAL A 46 -1.79 -3.54 0.05
C VAL A 46 -3.26 -3.71 0.43
N ARG A 47 -3.54 -3.63 1.73
CA ARG A 47 -4.91 -3.78 2.22
C ARG A 47 -5.48 -2.43 2.67
N ARG A 48 -6.80 -2.36 2.79
CA ARG A 48 -7.46 -1.14 3.21
C ARG A 48 -8.12 -1.32 4.58
N LYS A 49 -8.09 -0.26 5.39
CA LYS A 49 -8.69 -0.31 6.71
C LYS A 49 -10.00 -1.07 6.70
N GLU A 50 -10.85 -0.76 5.71
CA GLU A 50 -12.14 -1.42 5.58
C GLU A 50 -11.96 -2.92 5.34
N GLY A 51 -11.36 -3.27 4.20
CA GLY A 51 -11.16 -4.67 3.88
C GLY A 51 -11.00 -4.90 2.39
N GLY A 52 -10.14 -4.11 1.75
CA GLY A 52 -9.92 -4.24 0.33
C GLY A 52 -8.45 -4.36 -0.02
N GLU A 53 -8.12 -5.35 -0.84
CA GLU A 53 -6.73 -5.57 -1.25
C GLU A 53 -6.62 -5.68 -2.77
N GLY A 54 -5.45 -5.34 -3.30
CA GLY A 54 -5.24 -5.40 -4.73
C GLY A 54 -3.83 -5.01 -5.13
N TYR A 55 -3.50 -5.23 -6.40
CA TYR A 55 -2.16 -4.90 -6.90
C TYR A 55 -2.10 -3.46 -7.38
N VAL A 56 -1.44 -2.61 -6.59
CA VAL A 56 -1.31 -1.20 -6.93
C VAL A 56 0.13 -0.87 -7.32
N PRO A 57 0.28 0.15 -8.19
CA PRO A 57 1.60 0.59 -8.66
C PRO A 57 2.40 1.27 -7.56
N THR A 58 3.52 0.65 -7.19
CA THR A 58 4.39 1.19 -6.16
C THR A 58 4.57 2.70 -6.32
N SER A 59 4.67 3.15 -7.57
CA SER A 59 4.86 4.56 -7.86
C SER A 59 3.89 5.42 -7.05
N TYR A 60 2.66 4.93 -6.90
CA TYR A 60 1.64 5.65 -6.14
C TYR A 60 1.68 5.26 -4.67
N LEU A 61 2.86 4.88 -4.19
CA LEU A 61 3.03 4.48 -2.80
C LEU A 61 4.28 5.12 -2.20
N ARG A 62 4.10 5.85 -1.11
CA ARG A 62 5.20 6.52 -0.44
C ARG A 62 5.44 5.91 0.95
N VAL A 63 6.55 5.19 1.09
CA VAL A 63 6.90 4.57 2.36
C VAL A 63 6.95 5.59 3.48
N THR A 64 6.02 5.47 4.44
CA THR A 64 5.97 6.38 5.57
C THR A 64 7.36 6.65 6.13
N SER A 65 7.54 7.84 6.70
CA SER A 65 8.83 8.22 7.28
C SER A 65 9.03 7.55 8.63
N GLY A 66 10.29 7.27 8.95
CA GLY A 66 10.61 6.63 10.22
C GLY A 66 12.11 6.54 10.46
N PRO A 67 12.71 7.68 10.84
CA PRO A 67 14.14 7.76 11.12
C PRO A 67 14.53 7.02 12.39
N SER A 68 15.57 6.20 12.29
CA SER A 68 16.04 5.42 13.44
C SER A 68 16.65 6.33 14.49
N SER A 69 17.46 7.29 14.05
CA SER A 69 18.12 8.23 14.95
C SER A 69 17.21 9.42 15.25
N GLY A 70 16.84 9.57 16.52
CA GLY A 70 15.97 10.67 16.91
C GLY A 70 16.54 11.47 18.06
N GLY A 1 18.45 -2.80 20.42
CA GLY A 1 17.24 -2.28 19.79
C GLY A 1 16.96 -2.95 18.46
N SER A 2 15.74 -3.46 18.31
CA SER A 2 15.34 -4.14 17.07
C SER A 2 15.89 -3.40 15.85
N SER A 3 16.10 -4.14 14.77
CA SER A 3 16.62 -3.57 13.54
C SER A 3 15.73 -3.92 12.35
N GLY A 4 15.14 -2.90 11.73
CA GLY A 4 14.27 -3.13 10.59
C GLY A 4 12.81 -3.00 10.95
N SER A 5 12.11 -2.11 10.26
CA SER A 5 10.69 -1.89 10.52
C SER A 5 9.92 -3.21 10.48
N SER A 6 9.06 -3.41 11.48
CA SER A 6 8.27 -4.63 11.57
C SER A 6 7.09 -4.59 10.60
N GLY A 7 7.28 -5.18 9.42
CA GLY A 7 6.22 -5.20 8.43
C GLY A 7 6.45 -4.19 7.33
N GLY A 8 5.55 -3.20 7.24
CA GLY A 8 5.67 -2.18 6.22
C GLY A 8 4.55 -1.16 6.29
N HIS A 9 4.87 0.10 6.02
CA HIS A 9 3.88 1.17 6.04
C HIS A 9 4.02 2.06 4.81
N CYS A 10 2.90 2.24 4.11
CA CYS A 10 2.88 3.07 2.90
C CYS A 10 1.55 3.78 2.75
N VAL A 11 1.57 4.96 2.14
CA VAL A 11 0.36 5.74 1.92
C VAL A 11 0.19 6.12 0.46
N ALA A 12 -1.05 6.14 -0.01
CA ALA A 12 -1.34 6.48 -1.39
C ALA A 12 -0.89 7.91 -1.71
N ILE A 13 -0.14 8.07 -2.79
CA ILE A 13 0.34 9.39 -3.20
C ILE A 13 -0.68 10.10 -4.07
N TYR A 14 -1.26 9.38 -5.02
CA TYR A 14 -2.24 9.94 -5.92
C TYR A 14 -3.45 9.00 -6.07
N HIS A 15 -4.62 9.58 -6.35
CA HIS A 15 -5.83 8.80 -6.52
C HIS A 15 -5.65 7.73 -7.58
N PHE A 16 -5.65 6.47 -7.16
CA PHE A 16 -5.47 5.35 -8.08
C PHE A 16 -6.74 4.51 -8.15
N GLU A 17 -7.27 4.32 -9.36
CA GLU A 17 -8.48 3.54 -9.56
C GLU A 17 -8.14 2.09 -9.89
N GLY A 18 -8.50 1.19 -8.99
CA GLY A 18 -8.22 -0.22 -9.20
C GLY A 18 -9.40 -0.96 -9.81
N SER A 19 -9.69 -0.67 -11.08
CA SER A 19 -10.79 -1.31 -11.77
C SER A 19 -10.30 -2.10 -12.98
N SER A 20 -9.16 -2.77 -12.81
CA SER A 20 -8.58 -3.56 -13.89
C SER A 20 -8.81 -5.05 -13.66
N GLU A 21 -9.91 -5.37 -13.00
CA GLU A 21 -10.25 -6.76 -12.70
C GLU A 21 -9.08 -7.47 -12.01
N GLY A 22 -8.48 -6.80 -11.04
CA GLY A 22 -7.37 -7.38 -10.32
C GLY A 22 -6.51 -6.32 -9.64
N THR A 23 -7.15 -5.29 -9.11
CA THR A 23 -6.42 -4.21 -8.44
C THR A 23 -7.29 -3.57 -7.36
N ILE A 24 -6.71 -2.63 -6.61
CA ILE A 24 -7.42 -1.95 -5.56
C ILE A 24 -7.31 -0.44 -5.70
N SER A 25 -8.28 0.28 -5.13
CA SER A 25 -8.29 1.74 -5.21
C SER A 25 -7.89 2.36 -3.87
N MET A 26 -7.27 3.54 -3.93
CA MET A 26 -6.83 4.23 -2.73
C MET A 26 -7.07 5.74 -2.86
N ALA A 27 -7.14 6.42 -1.72
CA ALA A 27 -7.36 7.86 -1.70
C ALA A 27 -6.06 8.60 -1.43
N GLU A 28 -5.92 9.77 -2.05
CA GLU A 28 -4.72 10.59 -1.89
C GLU A 28 -4.42 10.81 -0.40
N GLY A 29 -3.33 10.22 0.07
CA GLY A 29 -2.95 10.37 1.46
C GLY A 29 -3.69 9.40 2.37
N GLU A 30 -4.00 8.23 1.84
CA GLU A 30 -4.72 7.21 2.62
C GLU A 30 -3.76 6.14 3.13
N ASP A 31 -3.91 5.78 4.39
CA ASP A 31 -3.06 4.77 5.01
C ASP A 31 -3.37 3.38 4.46
N LEU A 32 -2.33 2.58 4.24
CA LEU A 32 -2.50 1.24 3.72
C LEU A 32 -1.59 0.25 4.44
N SER A 33 -1.87 -1.04 4.28
CA SER A 33 -1.07 -2.08 4.92
C SER A 33 -0.28 -2.88 3.89
N LEU A 34 1.03 -2.67 3.86
CA LEU A 34 1.90 -3.36 2.92
C LEU A 34 1.84 -4.88 3.14
N MET A 35 1.48 -5.61 2.09
CA MET A 35 1.38 -7.06 2.17
C MET A 35 2.40 -7.71 1.23
N GLU A 36 2.24 -7.48 -0.06
CA GLU A 36 3.13 -8.05 -1.06
C GLU A 36 4.09 -6.99 -1.60
N GLU A 37 5.38 -7.18 -1.34
CA GLU A 37 6.40 -6.23 -1.81
C GLU A 37 6.64 -6.38 -3.31
N ASP A 38 7.07 -5.29 -3.94
CA ASP A 38 7.33 -5.30 -5.37
C ASP A 38 8.82 -5.55 -5.65
N LYS A 39 9.10 -6.60 -6.40
CA LYS A 39 10.48 -6.95 -6.75
C LYS A 39 10.76 -6.67 -8.21
N GLY A 40 11.38 -5.52 -8.49
CA GLY A 40 11.70 -5.16 -9.85
C GLY A 40 10.50 -5.22 -10.76
N ASP A 41 9.31 -5.24 -10.18
CA ASP A 41 8.07 -5.31 -10.94
C ASP A 41 7.29 -4.00 -10.83
N GLY A 42 7.30 -3.41 -9.63
CA GLY A 42 6.59 -2.17 -9.42
C GLY A 42 5.16 -2.38 -8.94
N TRP A 43 4.83 -3.62 -8.60
CA TRP A 43 3.50 -3.96 -8.12
C TRP A 43 3.53 -4.35 -6.65
N THR A 44 2.81 -3.58 -5.83
CA THR A 44 2.74 -3.84 -4.40
C THR A 44 1.31 -4.07 -3.94
N ARG A 45 1.11 -5.13 -3.17
CA ARG A 45 -0.22 -5.46 -2.66
C ARG A 45 -0.41 -4.93 -1.24
N VAL A 46 -1.37 -4.03 -1.07
CA VAL A 46 -1.67 -3.45 0.22
C VAL A 46 -3.05 -3.85 0.72
N ARG A 47 -3.28 -3.70 2.02
CA ARG A 47 -4.57 -4.05 2.62
C ARG A 47 -5.22 -2.82 3.25
N ARG A 48 -6.48 -2.59 2.90
CA ARG A 48 -7.22 -1.45 3.44
C ARG A 48 -8.10 -1.87 4.61
N LYS A 49 -8.40 -0.93 5.49
CA LYS A 49 -9.23 -1.20 6.65
C LYS A 49 -10.55 -1.84 6.23
N GLU A 50 -11.04 -1.47 5.06
CA GLU A 50 -12.29 -2.01 4.54
C GLU A 50 -12.07 -3.35 3.85
N GLY A 51 -11.18 -4.16 4.41
CA GLY A 51 -10.89 -5.46 3.84
C GLY A 51 -10.63 -5.39 2.35
N GLY A 52 -10.10 -4.25 1.89
CA GLY A 52 -9.82 -4.09 0.48
C GLY A 52 -8.37 -4.37 0.14
N GLU A 53 -8.14 -5.48 -0.57
CA GLU A 53 -6.79 -5.87 -0.96
C GLU A 53 -6.65 -5.92 -2.48
N GLY A 54 -5.48 -5.55 -2.98
CA GLY A 54 -5.24 -5.55 -4.41
C GLY A 54 -3.82 -5.15 -4.76
N TYR A 55 -3.48 -5.28 -6.04
CA TYR A 55 -2.14 -4.94 -6.50
C TYR A 55 -2.10 -3.50 -7.03
N VAL A 56 -1.40 -2.64 -6.29
CA VAL A 56 -1.27 -1.24 -6.68
C VAL A 56 0.15 -0.92 -7.13
N PRO A 57 0.27 0.07 -8.03
CA PRO A 57 1.57 0.50 -8.56
C PRO A 57 2.42 1.21 -7.52
N THR A 58 3.61 0.69 -7.28
CA THR A 58 4.52 1.28 -6.30
C THR A 58 4.63 2.78 -6.49
N SER A 59 4.63 3.22 -7.74
CA SER A 59 4.74 4.64 -8.06
C SER A 59 3.77 5.46 -7.22
N TYR A 60 2.57 4.93 -7.03
CA TYR A 60 1.54 5.61 -6.25
C TYR A 60 1.62 5.21 -4.78
N LEU A 61 2.82 4.85 -4.33
CA LEU A 61 3.03 4.44 -2.95
C LEU A 61 4.28 5.10 -2.37
N ARG A 62 4.08 5.94 -1.35
CA ARG A 62 5.19 6.63 -0.71
C ARG A 62 5.45 6.07 0.69
N VAL A 63 6.55 5.34 0.83
CA VAL A 63 6.92 4.74 2.11
C VAL A 63 6.89 5.78 3.22
N THR A 64 6.43 5.37 4.39
CA THR A 64 6.35 6.26 5.54
C THR A 64 7.52 6.04 6.49
N SER A 65 8.44 6.99 6.52
CA SER A 65 9.61 6.91 7.39
C SER A 65 9.37 7.64 8.70
N GLY A 66 10.15 7.28 9.72
CA GLY A 66 10.01 7.90 11.02
C GLY A 66 10.09 6.90 12.16
N PRO A 67 11.31 6.56 12.57
CA PRO A 67 11.55 5.60 13.66
C PRO A 67 11.15 6.16 15.02
N SER A 68 10.61 7.38 15.01
CA SER A 68 10.19 8.02 16.25
C SER A 68 8.79 7.57 16.65
N SER A 69 7.92 7.41 15.67
CA SER A 69 6.55 6.98 15.91
C SER A 69 5.88 7.88 16.96
N GLY A 70 6.35 9.12 17.05
CA GLY A 70 5.79 10.05 18.01
C GLY A 70 6.79 10.46 19.07
N GLY A 1 7.05 -12.82 14.43
CA GLY A 1 6.92 -12.45 15.83
C GLY A 1 7.62 -11.15 16.15
N SER A 2 6.83 -10.07 16.28
CA SER A 2 7.39 -8.76 16.57
C SER A 2 6.29 -7.81 17.06
N SER A 3 6.71 -6.69 17.64
CA SER A 3 5.76 -5.70 18.14
C SER A 3 4.87 -5.18 17.02
N GLY A 4 3.69 -5.77 16.89
CA GLY A 4 2.76 -5.36 15.87
C GLY A 4 2.84 -6.22 14.62
N SER A 5 1.72 -6.39 13.94
CA SER A 5 1.67 -7.20 12.73
C SER A 5 2.89 -6.96 11.86
N SER A 6 3.39 -8.02 11.23
CA SER A 6 4.56 -7.92 10.38
C SER A 6 4.18 -7.37 9.01
N GLY A 7 4.80 -6.25 8.63
CA GLY A 7 4.52 -5.64 7.35
C GLY A 7 5.02 -4.21 7.26
N GLY A 8 5.22 -3.72 6.04
CA GLY A 8 5.70 -2.38 5.85
C GLY A 8 4.59 -1.35 5.93
N HIS A 9 4.97 -0.07 5.98
CA HIS A 9 3.99 1.01 6.05
C HIS A 9 4.11 1.93 4.84
N CYS A 10 2.98 2.15 4.17
CA CYS A 10 2.95 3.01 3.00
C CYS A 10 1.60 3.72 2.87
N VAL A 11 1.60 4.84 2.16
CA VAL A 11 0.37 5.62 1.97
C VAL A 11 0.22 6.05 0.51
N ALA A 12 -0.99 5.94 -0.01
CA ALA A 12 -1.27 6.33 -1.39
C ALA A 12 -0.81 7.75 -1.66
N ILE A 13 -0.04 7.92 -2.73
CA ILE A 13 0.48 9.23 -3.10
C ILE A 13 -0.54 10.00 -3.94
N TYR A 14 -1.19 9.31 -4.87
CA TYR A 14 -2.18 9.92 -5.74
C TYR A 14 -3.39 9.00 -5.91
N HIS A 15 -4.56 9.61 -6.10
CA HIS A 15 -5.79 8.86 -6.27
C HIS A 15 -5.65 7.84 -7.40
N PHE A 16 -5.70 6.56 -7.05
CA PHE A 16 -5.57 5.49 -8.04
C PHE A 16 -6.84 4.64 -8.08
N GLU A 17 -7.40 4.49 -9.29
CA GLU A 17 -8.61 3.71 -9.47
C GLU A 17 -8.29 2.34 -10.05
N GLY A 18 -8.60 1.30 -9.29
CA GLY A 18 -8.34 -0.06 -9.74
C GLY A 18 -9.23 -0.47 -10.89
N SER A 19 -8.72 -0.33 -12.10
CA SER A 19 -9.49 -0.69 -13.30
C SER A 19 -9.47 -2.20 -13.52
N SER A 20 -8.27 -2.76 -13.66
CA SER A 20 -8.11 -4.19 -13.88
C SER A 20 -8.97 -4.99 -12.91
N GLU A 21 -9.00 -6.30 -13.09
CA GLU A 21 -9.78 -7.18 -12.24
C GLU A 21 -9.10 -7.36 -10.88
N GLY A 22 -7.80 -7.62 -10.91
CA GLY A 22 -7.05 -7.81 -9.68
C GLY A 22 -6.33 -6.54 -9.24
N THR A 23 -7.11 -5.53 -8.85
CA THR A 23 -6.54 -4.26 -8.40
C THR A 23 -7.43 -3.60 -7.35
N ILE A 24 -6.83 -2.72 -6.56
CA ILE A 24 -7.57 -2.02 -5.52
C ILE A 24 -7.42 -0.50 -5.66
N SER A 25 -8.46 0.22 -5.28
CA SER A 25 -8.45 1.68 -5.37
C SER A 25 -8.07 2.30 -4.03
N MET A 26 -7.29 3.38 -4.08
CA MET A 26 -6.86 4.06 -2.87
C MET A 26 -7.07 5.57 -3.00
N ALA A 27 -7.01 6.27 -1.87
CA ALA A 27 -7.20 7.72 -1.86
C ALA A 27 -5.87 8.44 -1.64
N GLU A 28 -5.83 9.71 -2.00
CA GLU A 28 -4.62 10.52 -1.85
C GLU A 28 -4.28 10.71 -0.37
N GLY A 29 -3.22 10.06 0.08
CA GLY A 29 -2.81 10.18 1.46
C GLY A 29 -3.56 9.23 2.37
N GLU A 30 -3.87 8.05 1.85
CA GLU A 30 -4.60 7.05 2.64
C GLU A 30 -3.66 5.97 3.16
N ASP A 31 -3.87 5.56 4.41
CA ASP A 31 -3.04 4.53 5.03
C ASP A 31 -3.31 3.17 4.40
N LEU A 32 -2.24 2.40 4.20
CA LEU A 32 -2.36 1.08 3.61
C LEU A 32 -1.48 0.07 4.35
N SER A 33 -1.82 -1.21 4.22
CA SER A 33 -1.06 -2.27 4.88
C SER A 33 -0.25 -3.06 3.86
N LEU A 34 1.05 -2.77 3.80
CA LEU A 34 1.94 -3.45 2.87
C LEU A 34 1.88 -4.97 3.07
N MET A 35 1.49 -5.68 2.01
CA MET A 35 1.39 -7.14 2.08
C MET A 35 2.39 -7.78 1.13
N GLU A 36 2.24 -7.53 -0.17
CA GLU A 36 3.12 -8.09 -1.18
C GLU A 36 4.08 -7.03 -1.71
N GLU A 37 5.38 -7.24 -1.45
CA GLU A 37 6.39 -6.29 -1.91
C GLU A 37 6.55 -6.35 -3.42
N ASP A 38 7.23 -5.35 -3.98
CA ASP A 38 7.46 -5.28 -5.42
C ASP A 38 8.92 -5.51 -5.74
N LYS A 39 9.19 -6.55 -6.54
CA LYS A 39 10.56 -6.87 -6.94
C LYS A 39 10.79 -6.55 -8.41
N GLY A 40 11.28 -5.34 -8.68
CA GLY A 40 11.55 -4.95 -10.05
C GLY A 40 10.31 -5.05 -10.93
N ASP A 41 9.16 -5.23 -10.31
CA ASP A 41 7.91 -5.35 -11.05
C ASP A 41 7.09 -4.06 -10.95
N GLY A 42 7.22 -3.37 -9.81
CA GLY A 42 6.49 -2.13 -9.62
C GLY A 42 5.06 -2.36 -9.17
N TRP A 43 4.79 -3.56 -8.66
CA TRP A 43 3.44 -3.90 -8.20
C TRP A 43 3.48 -4.34 -6.74
N THR A 44 2.72 -3.64 -5.90
CA THR A 44 2.66 -3.95 -4.48
C THR A 44 1.22 -4.15 -4.02
N ARG A 45 0.99 -5.22 -3.27
CA ARG A 45 -0.35 -5.53 -2.77
C ARG A 45 -0.54 -5.02 -1.35
N VAL A 46 -1.55 -4.18 -1.15
CA VAL A 46 -1.83 -3.62 0.17
C VAL A 46 -3.27 -3.86 0.58
N ARG A 47 -3.55 -3.73 1.86
CA ARG A 47 -4.89 -3.94 2.40
C ARG A 47 -5.49 -2.65 2.90
N ARG A 48 -6.82 -2.59 2.98
CA ARG A 48 -7.51 -1.40 3.45
C ARG A 48 -8.19 -1.67 4.80
N LYS A 49 -8.04 -0.72 5.71
CA LYS A 49 -8.64 -0.84 7.04
C LYS A 49 -10.02 -1.49 6.97
N GLU A 50 -10.81 -1.05 5.98
CA GLU A 50 -12.16 -1.58 5.80
C GLU A 50 -12.12 -3.08 5.54
N GLY A 51 -11.47 -3.48 4.45
CA GLY A 51 -11.37 -4.89 4.11
C GLY A 51 -11.21 -5.12 2.62
N GLY A 52 -10.33 -4.34 1.99
CA GLY A 52 -10.10 -4.48 0.57
C GLY A 52 -8.63 -4.53 0.22
N GLU A 53 -8.24 -5.52 -0.58
CA GLU A 53 -6.85 -5.67 -0.99
C GLU A 53 -6.72 -5.72 -2.50
N GLY A 54 -5.54 -5.39 -3.02
CA GLY A 54 -5.31 -5.40 -4.44
C GLY A 54 -3.90 -4.99 -4.81
N TYR A 55 -3.54 -5.19 -6.08
CA TYR A 55 -2.21 -4.84 -6.55
C TYR A 55 -2.16 -3.40 -7.05
N VAL A 56 -1.50 -2.54 -6.28
CA VAL A 56 -1.37 -1.13 -6.65
C VAL A 56 0.04 -0.80 -7.11
N PRO A 57 0.15 0.21 -8.01
CA PRO A 57 1.44 0.64 -8.54
C PRO A 57 2.30 1.33 -7.51
N THR A 58 3.45 0.74 -7.21
CA THR A 58 4.37 1.30 -6.23
C THR A 58 4.54 2.81 -6.42
N SER A 59 4.54 3.23 -7.69
CA SER A 59 4.70 4.64 -8.01
C SER A 59 3.76 5.51 -7.17
N TYR A 60 2.56 5.00 -6.93
CA TYR A 60 1.57 5.72 -6.14
C TYR A 60 1.63 5.30 -4.68
N LEU A 61 2.82 4.92 -4.22
CA LEU A 61 3.01 4.50 -2.84
C LEU A 61 4.24 5.15 -2.23
N ARG A 62 4.02 5.94 -1.18
CA ARG A 62 5.11 6.64 -0.51
C ARG A 62 5.33 6.06 0.89
N VAL A 63 6.56 5.60 1.14
CA VAL A 63 6.90 5.02 2.43
C VAL A 63 6.76 6.05 3.55
N THR A 64 5.82 5.80 4.45
CA THR A 64 5.58 6.71 5.58
C THR A 64 6.89 7.23 6.15
N SER A 65 7.85 6.32 6.36
CA SER A 65 9.15 6.69 6.91
C SER A 65 10.23 6.61 5.83
N GLY A 66 10.61 7.77 5.30
CA GLY A 66 11.63 7.81 4.27
C GLY A 66 13.04 7.78 4.85
N PRO A 67 14.01 8.24 4.06
CA PRO A 67 15.41 8.28 4.48
C PRO A 67 15.67 9.31 5.56
N SER A 68 15.79 8.85 6.80
CA SER A 68 16.03 9.74 7.93
C SER A 68 17.13 9.18 8.84
N SER A 69 17.98 10.06 9.35
CA SER A 69 19.07 9.66 10.23
C SER A 69 18.74 9.95 11.68
N GLY A 70 18.03 11.05 11.91
CA GLY A 70 17.65 11.43 13.26
C GLY A 70 18.31 12.71 13.71
N GLY A 1 6.82 -1.49 23.50
CA GLY A 1 8.00 -0.75 23.08
C GLY A 1 8.42 -1.08 21.66
N SER A 2 7.51 -0.86 20.71
CA SER A 2 7.79 -1.13 19.31
C SER A 2 8.16 -2.60 19.11
N SER A 3 7.44 -3.49 19.78
CA SER A 3 7.70 -4.93 19.68
C SER A 3 6.68 -5.60 18.76
N GLY A 4 7.03 -6.78 18.28
CA GLY A 4 6.14 -7.50 17.39
C GLY A 4 6.83 -7.98 16.12
N SER A 5 6.19 -7.76 14.98
CA SER A 5 6.76 -8.18 13.70
C SER A 5 7.01 -6.97 12.81
N SER A 6 8.16 -6.97 12.15
CA SER A 6 8.53 -5.87 11.26
C SER A 6 7.73 -5.93 9.96
N GLY A 7 6.73 -5.07 9.84
CA GLY A 7 5.92 -5.04 8.64
C GLY A 7 6.24 -3.87 7.74
N GLY A 8 5.30 -3.52 6.87
CA GLY A 8 5.52 -2.41 5.95
C GLY A 8 4.37 -1.41 5.96
N HIS A 9 4.71 -0.14 6.02
CA HIS A 9 3.69 0.91 6.05
C HIS A 9 3.83 1.83 4.83
N CYS A 10 2.72 2.06 4.14
CA CYS A 10 2.71 2.91 2.95
C CYS A 10 1.38 3.65 2.82
N VAL A 11 1.42 4.81 2.19
CA VAL A 11 0.22 5.62 1.99
C VAL A 11 0.10 6.07 0.54
N ALA A 12 -1.09 5.90 -0.03
CA ALA A 12 -1.34 6.30 -1.41
C ALA A 12 -0.89 7.73 -1.67
N ILE A 13 -0.11 7.92 -2.71
CA ILE A 13 0.39 9.25 -3.06
C ILE A 13 -0.60 10.00 -3.93
N TYR A 14 -1.16 9.31 -4.92
CA TYR A 14 -2.13 9.92 -5.83
C TYR A 14 -3.37 9.04 -5.95
N HIS A 15 -4.50 9.67 -6.29
CA HIS A 15 -5.75 8.95 -6.45
C HIS A 15 -5.65 7.90 -7.55
N PHE A 16 -5.68 6.63 -7.15
CA PHE A 16 -5.58 5.52 -8.09
C PHE A 16 -6.80 4.62 -8.00
N GLU A 17 -7.28 4.16 -9.15
CA GLU A 17 -8.44 3.28 -9.20
C GLU A 17 -8.14 2.01 -9.98
N GLY A 18 -8.32 0.87 -9.34
CA GLY A 18 -8.06 -0.41 -9.99
C GLY A 18 -9.18 -0.81 -10.93
N SER A 19 -9.25 -0.16 -12.09
CA SER A 19 -10.28 -0.44 -13.07
C SER A 19 -10.25 -1.92 -13.46
N SER A 20 -9.06 -2.46 -13.64
CA SER A 20 -8.89 -3.86 -14.01
C SER A 20 -9.18 -4.78 -12.82
N GLU A 21 -9.25 -6.08 -13.09
CA GLU A 21 -9.51 -7.06 -12.05
C GLU A 21 -8.28 -7.26 -11.16
N GLY A 22 -8.51 -7.35 -9.86
CA GLY A 22 -7.40 -7.54 -8.92
C GLY A 22 -6.92 -6.24 -8.33
N THR A 23 -6.79 -5.22 -9.17
CA THR A 23 -6.32 -3.91 -8.72
C THR A 23 -7.29 -3.30 -7.72
N ILE A 24 -6.76 -2.46 -6.84
CA ILE A 24 -7.58 -1.81 -5.82
C ILE A 24 -7.47 -0.29 -5.92
N SER A 25 -8.58 0.40 -5.68
CA SER A 25 -8.61 1.85 -5.74
C SER A 25 -8.33 2.47 -4.37
N MET A 26 -7.42 3.44 -4.34
CA MET A 26 -7.06 4.11 -3.10
C MET A 26 -7.29 5.62 -3.20
N ALA A 27 -7.23 6.30 -2.06
CA ALA A 27 -7.43 7.74 -2.02
C ALA A 27 -6.12 8.47 -1.73
N GLU A 28 -5.96 9.65 -2.31
CA GLU A 28 -4.75 10.45 -2.12
C GLU A 28 -4.46 10.63 -0.62
N GLY A 29 -3.43 9.94 -0.15
CA GLY A 29 -3.07 10.05 1.26
C GLY A 29 -3.85 9.09 2.13
N GLU A 30 -4.15 7.91 1.59
CA GLU A 30 -4.91 6.90 2.33
C GLU A 30 -3.98 5.86 2.93
N ASP A 31 -4.23 5.50 4.18
CA ASP A 31 -3.40 4.50 4.87
C ASP A 31 -3.65 3.11 4.29
N LEU A 32 -2.58 2.35 4.12
CA LEU A 32 -2.67 1.00 3.58
C LEU A 32 -1.76 0.04 4.35
N SER A 33 -2.05 -1.25 4.26
CA SER A 33 -1.27 -2.27 4.95
C SER A 33 -0.43 -3.08 3.94
N LEU A 34 0.88 -2.85 3.95
CA LEU A 34 1.78 -3.55 3.06
C LEU A 34 1.70 -5.06 3.28
N MET A 35 1.47 -5.79 2.21
CA MET A 35 1.39 -7.25 2.29
C MET A 35 2.46 -7.91 1.42
N GLU A 36 2.41 -7.63 0.13
CA GLU A 36 3.39 -8.19 -0.82
C GLU A 36 4.29 -7.11 -1.37
N GLU A 37 5.59 -7.24 -1.11
CA GLU A 37 6.57 -6.27 -1.59
C GLU A 37 6.74 -6.36 -3.10
N ASP A 38 7.26 -5.30 -3.71
CA ASP A 38 7.47 -5.27 -5.14
C ASP A 38 8.96 -5.42 -5.48
N LYS A 39 9.31 -6.49 -6.19
CA LYS A 39 10.68 -6.74 -6.57
C LYS A 39 10.89 -6.52 -8.07
N GLY A 40 11.37 -5.34 -8.42
CA GLY A 40 11.61 -5.03 -9.83
C GLY A 40 10.38 -5.26 -10.68
N ASP A 41 9.21 -5.01 -10.10
CA ASP A 41 7.95 -5.20 -10.83
C ASP A 41 7.12 -3.92 -10.81
N GLY A 42 7.18 -3.18 -9.70
CA GLY A 42 6.44 -1.96 -9.59
C GLY A 42 5.01 -2.18 -9.11
N TRP A 43 4.72 -3.40 -8.69
CA TRP A 43 3.38 -3.75 -8.22
C TRP A 43 3.42 -4.22 -6.76
N THR A 44 2.71 -3.51 -5.90
CA THR A 44 2.67 -3.84 -4.49
C THR A 44 1.23 -4.07 -4.02
N ARG A 45 1.03 -5.14 -3.24
CA ARG A 45 -0.30 -5.46 -2.74
C ARG A 45 -0.46 -4.98 -1.30
N VAL A 46 -1.51 -4.20 -1.05
CA VAL A 46 -1.77 -3.67 0.27
C VAL A 46 -3.21 -3.96 0.70
N ARG A 47 -3.44 -3.97 2.01
CA ARG A 47 -4.77 -4.24 2.55
C ARG A 47 -5.39 -2.95 3.11
N ARG A 48 -6.70 -2.83 2.97
CA ARG A 48 -7.41 -1.66 3.46
C ARG A 48 -7.72 -1.80 4.95
N LYS A 49 -7.49 -0.72 5.69
CA LYS A 49 -7.75 -0.72 7.13
C LYS A 49 -9.04 -1.44 7.46
N GLU A 50 -10.04 -1.30 6.59
CA GLU A 50 -11.33 -1.95 6.78
C GLU A 50 -11.43 -3.21 5.94
N GLY A 51 -11.10 -3.10 4.66
CA GLY A 51 -11.17 -4.24 3.77
C GLY A 51 -10.99 -3.85 2.32
N GLY A 52 -10.04 -4.49 1.64
CA GLY A 52 -9.79 -4.19 0.24
C GLY A 52 -8.34 -4.35 -0.13
N GLU A 53 -8.01 -5.45 -0.80
CA GLU A 53 -6.64 -5.72 -1.21
C GLU A 53 -6.54 -5.83 -2.73
N GLY A 54 -5.44 -5.33 -3.28
CA GLY A 54 -5.25 -5.39 -4.73
C GLY A 54 -3.84 -5.02 -5.13
N TYR A 55 -3.56 -5.08 -6.42
CA TYR A 55 -2.23 -4.76 -6.95
C TYR A 55 -2.17 -3.30 -7.40
N VAL A 56 -1.52 -2.46 -6.60
CA VAL A 56 -1.39 -1.04 -6.92
C VAL A 56 0.02 -0.71 -7.37
N PRO A 57 0.16 0.33 -8.21
CA PRO A 57 1.45 0.77 -8.73
C PRO A 57 2.32 1.39 -7.65
N THR A 58 3.54 0.89 -7.50
CA THR A 58 4.48 1.39 -6.51
C THR A 58 4.60 2.91 -6.60
N SER A 59 4.65 3.42 -7.82
CA SER A 59 4.78 4.86 -8.05
C SER A 59 3.75 5.63 -7.22
N TYR A 60 2.63 4.97 -6.93
CA TYR A 60 1.57 5.60 -6.14
C TYR A 60 1.65 5.17 -4.68
N LEU A 61 2.85 4.83 -4.23
CA LEU A 61 3.07 4.41 -2.85
C LEU A 61 4.28 5.11 -2.25
N ARG A 62 4.06 5.84 -1.16
CA ARG A 62 5.14 6.55 -0.48
C ARG A 62 5.40 5.96 0.89
N VAL A 63 6.43 5.12 0.98
CA VAL A 63 6.79 4.48 2.25
C VAL A 63 6.83 5.51 3.38
N THR A 64 6.22 5.15 4.51
CA THR A 64 6.19 6.04 5.67
C THR A 64 7.54 6.05 6.39
N SER A 65 8.28 7.15 6.22
CA SER A 65 9.58 7.29 6.84
C SER A 65 9.45 7.68 8.31
N GLY A 66 9.96 6.83 9.19
CA GLY A 66 9.89 7.10 10.62
C GLY A 66 10.96 6.38 11.40
N PRO A 67 11.01 6.63 12.72
CA PRO A 67 12.00 6.03 13.61
C PRO A 67 11.75 4.53 13.81
N SER A 68 10.71 4.02 13.16
CA SER A 68 10.37 2.61 13.27
C SER A 68 11.54 1.73 12.87
N SER A 69 11.95 0.84 13.79
CA SER A 69 13.07 -0.06 13.53
C SER A 69 12.86 -0.82 12.23
N GLY A 70 13.44 -0.30 11.15
CA GLY A 70 13.30 -0.95 9.85
C GLY A 70 12.86 0.02 8.77
N GLY A 1 -9.70 -5.45 18.75
CA GLY A 1 -9.15 -5.83 17.46
C GLY A 1 -7.64 -5.82 17.46
N SER A 2 -7.05 -5.38 16.34
CA SER A 2 -5.60 -5.32 16.21
C SER A 2 -5.17 -4.06 15.47
N SER A 3 -4.01 -3.53 15.84
CA SER A 3 -3.49 -2.32 15.22
C SER A 3 -2.40 -2.67 14.20
N GLY A 4 -2.14 -1.73 13.30
CA GLY A 4 -1.12 -1.95 12.28
C GLY A 4 0.29 -1.91 12.84
N SER A 5 1.01 -3.02 12.71
CA SER A 5 2.37 -3.11 13.22
C SER A 5 3.32 -2.27 12.36
N SER A 6 4.36 -1.73 13.00
CA SER A 6 5.34 -0.91 12.30
C SER A 6 6.21 -1.77 11.39
N GLY A 7 5.86 -1.79 10.10
CA GLY A 7 6.63 -2.57 9.14
C GLY A 7 6.82 -1.85 7.82
N GLY A 8 6.04 -2.22 6.82
CA GLY A 8 6.15 -1.60 5.51
C GLY A 8 5.07 -0.56 5.28
N HIS A 9 4.51 -0.03 6.37
CA HIS A 9 3.47 0.98 6.27
C HIS A 9 3.68 1.88 5.06
N CYS A 10 2.64 2.02 4.25
CA CYS A 10 2.71 2.85 3.05
C CYS A 10 1.38 3.56 2.79
N VAL A 11 1.46 4.80 2.33
CA VAL A 11 0.26 5.59 2.05
C VAL A 11 0.22 6.01 0.58
N ALA A 12 -0.99 6.06 0.03
CA ALA A 12 -1.17 6.45 -1.36
C ALA A 12 -0.69 7.87 -1.60
N ILE A 13 0.05 8.08 -2.69
CA ILE A 13 0.58 9.39 -3.03
C ILE A 13 -0.37 10.12 -3.97
N TYR A 14 -0.96 9.39 -4.91
CA TYR A 14 -1.88 9.98 -5.87
C TYR A 14 -3.11 9.09 -6.05
N HIS A 15 -4.27 9.73 -6.26
CA HIS A 15 -5.51 8.99 -6.45
C HIS A 15 -5.39 7.99 -7.59
N PHE A 16 -5.37 6.71 -7.25
CA PHE A 16 -5.26 5.65 -8.25
C PHE A 16 -6.57 4.88 -8.38
N GLU A 17 -6.95 4.58 -9.62
CA GLU A 17 -8.17 3.85 -9.88
C GLU A 17 -7.88 2.41 -10.28
N GLY A 18 -8.19 1.47 -9.38
CA GLY A 18 -7.95 0.07 -9.66
C GLY A 18 -9.23 -0.68 -9.99
N SER A 19 -10.09 -0.06 -10.78
CA SER A 19 -11.36 -0.68 -11.16
C SER A 19 -11.20 -2.19 -11.31
N SER A 20 -10.19 -2.60 -12.07
CA SER A 20 -9.93 -4.02 -12.30
C SER A 20 -10.10 -4.81 -11.02
N GLU A 21 -10.92 -5.87 -11.09
CA GLU A 21 -11.17 -6.72 -9.93
C GLU A 21 -9.87 -7.05 -9.20
N GLY A 22 -8.98 -7.75 -9.91
CA GLY A 22 -7.70 -8.13 -9.31
C GLY A 22 -6.98 -6.94 -8.69
N THR A 23 -7.17 -5.77 -9.27
CA THR A 23 -6.53 -4.55 -8.78
C THR A 23 -7.37 -3.89 -7.70
N ILE A 24 -6.81 -2.85 -7.09
CA ILE A 24 -7.51 -2.13 -6.04
C ILE A 24 -7.33 -0.62 -6.18
N SER A 25 -8.30 0.15 -5.69
CA SER A 25 -8.25 1.60 -5.78
C SER A 25 -7.94 2.21 -4.42
N MET A 26 -7.16 3.29 -4.44
CA MET A 26 -6.77 3.97 -3.20
C MET A 26 -7.03 5.47 -3.31
N ALA A 27 -6.96 6.16 -2.17
CA ALA A 27 -7.19 7.60 -2.14
C ALA A 27 -5.91 8.33 -1.78
N GLU A 28 -5.73 9.53 -2.35
CA GLU A 28 -4.55 10.33 -2.09
C GLU A 28 -4.33 10.50 -0.58
N GLY A 29 -3.25 9.92 -0.07
CA GLY A 29 -2.94 10.02 1.34
C GLY A 29 -3.74 9.03 2.17
N GLU A 30 -4.08 7.89 1.57
CA GLU A 30 -4.85 6.87 2.27
C GLU A 30 -3.93 5.83 2.91
N ASP A 31 -4.30 5.37 4.09
CA ASP A 31 -3.51 4.38 4.81
C ASP A 31 -3.68 2.99 4.19
N LEU A 32 -2.58 2.30 3.96
CA LEU A 32 -2.61 0.96 3.37
C LEU A 32 -1.71 0.01 4.13
N SER A 33 -1.98 -1.29 4.03
CA SER A 33 -1.20 -2.30 4.71
C SER A 33 -0.35 -3.09 3.71
N LEU A 34 0.95 -2.85 3.74
CA LEU A 34 1.88 -3.54 2.84
C LEU A 34 1.83 -5.05 3.06
N MET A 35 1.38 -5.77 2.03
CA MET A 35 1.28 -7.22 2.10
C MET A 35 2.29 -7.88 1.17
N GLU A 36 2.19 -7.56 -0.12
CA GLU A 36 3.10 -8.13 -1.11
C GLU A 36 4.08 -7.08 -1.61
N GLU A 37 5.36 -7.29 -1.33
CA GLU A 37 6.40 -6.36 -1.74
C GLU A 37 6.61 -6.43 -3.25
N ASP A 38 7.15 -5.34 -3.80
CA ASP A 38 7.40 -5.27 -5.24
C ASP A 38 8.88 -5.49 -5.55
N LYS A 39 9.16 -6.57 -6.29
CA LYS A 39 10.54 -6.90 -6.65
C LYS A 39 10.81 -6.57 -8.11
N GLY A 40 11.42 -5.41 -8.35
CA GLY A 40 11.72 -5.00 -9.71
C GLY A 40 10.51 -5.10 -10.63
N ASP A 41 9.32 -5.12 -10.04
CA ASP A 41 8.09 -5.20 -10.82
C ASP A 41 7.30 -3.91 -10.74
N GLY A 42 7.48 -3.17 -9.64
CA GLY A 42 6.77 -1.92 -9.46
C GLY A 42 5.36 -2.11 -8.95
N TRP A 43 5.03 -3.34 -8.55
CA TRP A 43 3.71 -3.65 -8.05
C TRP A 43 3.76 -4.03 -6.57
N THR A 44 2.97 -3.33 -5.76
CA THR A 44 2.93 -3.60 -4.33
C THR A 44 1.50 -3.84 -3.85
N ARG A 45 1.21 -5.07 -3.43
CA ARG A 45 -0.12 -5.42 -2.96
C ARG A 45 -0.33 -4.95 -1.52
N VAL A 46 -1.37 -4.14 -1.33
CA VAL A 46 -1.68 -3.61 0.00
C VAL A 46 -3.12 -3.91 0.38
N ARG A 47 -3.44 -3.69 1.65
CA ARG A 47 -4.80 -3.94 2.14
C ARG A 47 -5.45 -2.63 2.60
N ARG A 48 -6.78 -2.61 2.59
CA ARG A 48 -7.53 -1.42 2.99
C ARG A 48 -8.28 -1.68 4.29
N LYS A 49 -8.50 -0.61 5.06
CA LYS A 49 -9.21 -0.72 6.33
C LYS A 49 -10.47 -1.57 6.18
N GLU A 50 -11.17 -1.39 5.06
CA GLU A 50 -12.39 -2.13 4.80
C GLU A 50 -12.09 -3.59 4.50
N GLY A 51 -10.88 -3.85 3.99
CA GLY A 51 -10.48 -5.20 3.66
C GLY A 51 -10.31 -5.42 2.18
N GLY A 52 -9.86 -4.38 1.47
CA GLY A 52 -9.66 -4.48 0.04
C GLY A 52 -8.20 -4.63 -0.33
N GLU A 53 -7.90 -5.63 -1.14
CA GLU A 53 -6.54 -5.89 -1.58
C GLU A 53 -6.42 -5.82 -3.10
N GLY A 54 -5.23 -5.47 -3.57
CA GLY A 54 -5.01 -5.37 -5.01
C GLY A 54 -3.60 -4.92 -5.34
N TYR A 55 -3.19 -5.16 -6.58
CA TYR A 55 -1.85 -4.78 -7.03
C TYR A 55 -1.81 -3.31 -7.44
N VAL A 56 -1.13 -2.50 -6.63
CA VAL A 56 -1.02 -1.07 -6.92
C VAL A 56 0.40 -0.71 -7.32
N PRO A 57 0.53 0.36 -8.12
CA PRO A 57 1.84 0.85 -8.59
C PRO A 57 2.67 1.47 -7.47
N THR A 58 3.88 0.96 -7.29
CA THR A 58 4.77 1.46 -6.25
C THR A 58 4.92 2.97 -6.34
N SER A 59 4.93 3.49 -7.56
CA SER A 59 5.06 4.93 -7.79
C SER A 59 4.01 5.70 -7.02
N TYR A 60 2.87 5.05 -6.77
CA TYR A 60 1.78 5.68 -6.04
C TYR A 60 1.79 5.26 -4.57
N LEU A 61 2.95 4.86 -4.08
CA LEU A 61 3.10 4.43 -2.70
C LEU A 61 4.31 5.10 -2.05
N ARG A 62 4.07 5.85 -0.97
CA ARG A 62 5.14 6.53 -0.27
C ARG A 62 5.33 5.94 1.12
N VAL A 63 6.44 5.24 1.32
CA VAL A 63 6.74 4.62 2.61
C VAL A 63 6.74 5.65 3.73
N THR A 64 5.89 5.44 4.73
CA THR A 64 5.80 6.36 5.86
C THR A 64 7.15 6.53 6.54
N SER A 65 7.41 7.74 7.03
CA SER A 65 8.68 8.04 7.69
C SER A 65 8.43 8.67 9.07
N GLY A 66 7.70 9.78 9.07
CA GLY A 66 7.41 10.47 10.32
C GLY A 66 6.71 11.81 10.10
N PRO A 67 7.45 12.76 9.51
CA PRO A 67 6.93 14.10 9.23
C PRO A 67 5.88 14.10 8.12
N SER A 68 4.80 14.84 8.34
CA SER A 68 3.71 14.91 7.36
C SER A 68 3.38 16.36 7.04
N SER A 69 4.16 16.96 6.13
CA SER A 69 3.95 18.34 5.74
C SER A 69 2.88 18.44 4.64
N GLY A 70 1.91 19.32 4.84
CA GLY A 70 0.85 19.49 3.87
C GLY A 70 -0.53 19.49 4.50
#